data_2BTI
# 
_entry.id   2BTI 
# 
_audit_conform.dict_name       mmcif_pdbx.dic 
_audit_conform.dict_version    5.397 
_audit_conform.dict_location   http://mmcif.pdb.org/dictionaries/ascii/mmcif_pdbx.dic 
# 
loop_
_database_2.database_id 
_database_2.database_code 
_database_2.pdbx_database_accession 
_database_2.pdbx_DOI 
PDB   2BTI         pdb_00002bti 10.2210/pdb2bti/pdb 
PDBE  EBI-24303    ?            ?                   
WWPDB D_1290024303 ?            ?                   
# 
loop_
_pdbx_audit_revision_history.ordinal 
_pdbx_audit_revision_history.data_content_type 
_pdbx_audit_revision_history.major_revision 
_pdbx_audit_revision_history.minor_revision 
_pdbx_audit_revision_history.revision_date 
1 'Structure model' 1 0 2006-01-04 
2 'Structure model' 1 1 2011-05-08 
3 'Structure model' 1 2 2011-07-13 
4 'Structure model' 1 3 2018-01-24 
5 'Structure model' 1 4 2024-10-23 
# 
_pdbx_audit_revision_details.ordinal             1 
_pdbx_audit_revision_details.revision_ordinal    1 
_pdbx_audit_revision_details.data_content_type   'Structure model' 
_pdbx_audit_revision_details.provider            repository 
_pdbx_audit_revision_details.type                'Initial release' 
_pdbx_audit_revision_details.description         ? 
_pdbx_audit_revision_details.details             ? 
# 
loop_
_pdbx_audit_revision_group.ordinal 
_pdbx_audit_revision_group.revision_ordinal 
_pdbx_audit_revision_group.data_content_type 
_pdbx_audit_revision_group.group 
1 2 'Structure model' 'Version format compliance' 
2 3 'Structure model' 'Version format compliance' 
3 4 'Structure model' 'Source and taxonomy'       
4 5 'Structure model' 'Data collection'           
5 5 'Structure model' 'Database references'       
6 5 'Structure model' 'Derived calculations'      
7 5 'Structure model' Other                       
8 5 'Structure model' 'Structure summary'         
# 
loop_
_pdbx_audit_revision_category.ordinal 
_pdbx_audit_revision_category.revision_ordinal 
_pdbx_audit_revision_category.data_content_type 
_pdbx_audit_revision_category.category 
1 4 'Structure model' entity_src_gen            
2 5 'Structure model' chem_comp_atom            
3 5 'Structure model' chem_comp_bond            
4 5 'Structure model' database_2                
5 5 'Structure model' pdbx_database_status      
6 5 'Structure model' pdbx_entry_details        
7 5 'Structure model' pdbx_modification_feature 
8 5 'Structure model' struct_conn               
# 
loop_
_pdbx_audit_revision_item.ordinal 
_pdbx_audit_revision_item.revision_ordinal 
_pdbx_audit_revision_item.data_content_type 
_pdbx_audit_revision_item.item 
1 4 'Structure model' '_entity_src_gen.pdbx_host_org_ncbi_taxonomy_id' 
2 4 'Structure model' '_entity_src_gen.pdbx_host_org_scientific_name'  
3 4 'Structure model' '_entity_src_gen.pdbx_host_org_strain'           
4 4 'Structure model' '_entity_src_gen.pdbx_host_org_variant'          
5 5 'Structure model' '_database_2.pdbx_DOI'                           
6 5 'Structure model' '_database_2.pdbx_database_accession'            
7 5 'Structure model' '_pdbx_database_status.status_code_sf'           
8 5 'Structure model' '_pdbx_entry_details.has_protein_modification'   
9 5 'Structure model' '_struct_conn.pdbx_leaving_atom_flag'            
# 
_pdbx_database_status.status_code                     REL 
_pdbx_database_status.entry_id                        2BTI 
_pdbx_database_status.deposit_site                    PDBE 
_pdbx_database_status.process_site                    PDBE 
_pdbx_database_status.SG_entry                        . 
_pdbx_database_status.recvd_initial_deposition_date   2005-05-31 
_pdbx_database_status.pdb_format_compatible           Y 
_pdbx_database_status.status_code_sf                  REL 
_pdbx_database_status.status_code_mr                  ? 
_pdbx_database_status.status_code_cs                  ? 
_pdbx_database_status.methods_development_category    ? 
_pdbx_database_status.status_code_nmr_data            ? 
# 
loop_
_audit_author.name 
_audit_author.pdbx_ordinal 
'Heeb, S.'     1 
'Kuehne, S.A.' 2 
'Bycroft, M.'  3 
'Crivii, S.'   4 
'Allen, M.D.'  5 
'Haas, D.'     6 
'Camara, M.'   7 
'Williams, P.' 8 
# 
_citation.id                        primary 
_citation.title                     
'Functional Analysis of the Post-Transcriptional Regulator Rsma Reveals a Novel RNA-Binding Site.' 
_citation.journal_abbrev            J.Mol.Biol. 
_citation.journal_volume            355 
_citation.page_first                1026 
_citation.page_last                 ? 
_citation.year                      2006 
_citation.journal_id_ASTM           JMOBAK 
_citation.country                   UK 
_citation.journal_id_ISSN           0022-2836 
_citation.journal_id_CSD            0070 
_citation.book_publisher            ? 
_citation.pdbx_database_id_PubMed   16359708 
_citation.pdbx_database_id_DOI      10.1016/J.JMB.2005.11.045 
# 
loop_
_citation_author.citation_id 
_citation_author.name 
_citation_author.ordinal 
_citation_author.identifier_ORCID 
primary 'Heeb, S.'     1 ? 
primary 'Kuehne, S.A.' 2 ? 
primary 'Bycroft, M.'  3 ? 
primary 'Crivii, S.'   4 ? 
primary 'Allen, M.D.'  5 ? 
primary 'Haas, D.'     6 ? 
primary 'Camara, M.'   7 ? 
primary 'Williams, P.' 8 ? 
# 
loop_
_entity.id 
_entity.type 
_entity.src_method 
_entity.pdbx_description 
_entity.formula_weight 
_entity.pdbx_number_of_molecules 
_entity.pdbx_ec 
_entity.pdbx_mutation 
_entity.pdbx_fragment 
_entity.details 
1 polymer     man 'CARBON STORAGE REGULATOR HOMOLOG' 7085.812 2  ? ? ? ? 
2 non-polymer syn 'SULFATE ION'                      96.063   1  ? ? ? ? 
3 non-polymer syn 'ACETATE ION'                      59.044   1  ? ? ? ? 
4 water       nat water                              18.015   44 ? ? ? ? 
# 
_entity_poly.entity_id                      1 
_entity_poly.type                           'polypeptide(L)' 
_entity_poly.nstd_linkage                   no 
_entity_poly.nstd_monomer                   yes 
_entity_poly.pdbx_seq_one_letter_code       'GS(MSE)LILTRRVGETL(MSE)IGDEVTVTVLGVKGNQVRIGVNAPKEVSVHREEIYQRIQAEKSQPTSY' 
_entity_poly.pdbx_seq_one_letter_code_can   GSMLILTRRVGETLMIGDEVTVTVLGVKGNQVRIGVNAPKEVSVHREEIYQRIQAEKSQPTSY 
_entity_poly.pdbx_strand_id                 A,B 
_entity_poly.pdbx_target_identifier         ? 
# 
loop_
_pdbx_entity_nonpoly.entity_id 
_pdbx_entity_nonpoly.name 
_pdbx_entity_nonpoly.comp_id 
2 'SULFATE ION' SO4 
3 'ACETATE ION' ACT 
4 water         HOH 
# 
loop_
_entity_poly_seq.entity_id 
_entity_poly_seq.num 
_entity_poly_seq.mon_id 
_entity_poly_seq.hetero 
1 1  GLY n 
1 2  SER n 
1 3  MSE n 
1 4  LEU n 
1 5  ILE n 
1 6  LEU n 
1 7  THR n 
1 8  ARG n 
1 9  ARG n 
1 10 VAL n 
1 11 GLY n 
1 12 GLU n 
1 13 THR n 
1 14 LEU n 
1 15 MSE n 
1 16 ILE n 
1 17 GLY n 
1 18 ASP n 
1 19 GLU n 
1 20 VAL n 
1 21 THR n 
1 22 VAL n 
1 23 THR n 
1 24 VAL n 
1 25 LEU n 
1 26 GLY n 
1 27 VAL n 
1 28 LYS n 
1 29 GLY n 
1 30 ASN n 
1 31 GLN n 
1 32 VAL n 
1 33 ARG n 
1 34 ILE n 
1 35 GLY n 
1 36 VAL n 
1 37 ASN n 
1 38 ALA n 
1 39 PRO n 
1 40 LYS n 
1 41 GLU n 
1 42 VAL n 
1 43 SER n 
1 44 VAL n 
1 45 HIS n 
1 46 ARG n 
1 47 GLU n 
1 48 GLU n 
1 49 ILE n 
1 50 TYR n 
1 51 GLN n 
1 52 ARG n 
1 53 ILE n 
1 54 GLN n 
1 55 ALA n 
1 56 GLU n 
1 57 LYS n 
1 58 SER n 
1 59 GLN n 
1 60 PRO n 
1 61 THR n 
1 62 SER n 
1 63 TYR n 
# 
_entity_src_gen.entity_id                          1 
_entity_src_gen.pdbx_src_id                        1 
_entity_src_gen.pdbx_alt_source_flag               sample 
_entity_src_gen.pdbx_seq_type                      ? 
_entity_src_gen.pdbx_beg_seq_num                   ? 
_entity_src_gen.pdbx_end_seq_num                   ? 
_entity_src_gen.gene_src_common_name               ? 
_entity_src_gen.gene_src_genus                     ? 
_entity_src_gen.pdbx_gene_src_gene                 ? 
_entity_src_gen.gene_src_species                   ? 
_entity_src_gen.gene_src_strain                    ? 
_entity_src_gen.gene_src_tissue                    ? 
_entity_src_gen.gene_src_tissue_fraction           ? 
_entity_src_gen.gene_src_details                   ? 
_entity_src_gen.pdbx_gene_src_fragment             ? 
_entity_src_gen.pdbx_gene_src_scientific_name      'YERSINIA ENTEROCOLITICA' 
_entity_src_gen.pdbx_gene_src_ncbi_taxonomy_id     630 
_entity_src_gen.pdbx_gene_src_variant              ? 
_entity_src_gen.pdbx_gene_src_cell_line            ? 
_entity_src_gen.pdbx_gene_src_atcc                 ? 
_entity_src_gen.pdbx_gene_src_organ                ? 
_entity_src_gen.pdbx_gene_src_organelle            ? 
_entity_src_gen.pdbx_gene_src_cell                 ? 
_entity_src_gen.pdbx_gene_src_cellular_location    ? 
_entity_src_gen.host_org_common_name               ? 
_entity_src_gen.pdbx_host_org_scientific_name      'ESCHERICHIA COLI BL21(DE3)' 
_entity_src_gen.pdbx_host_org_ncbi_taxonomy_id     469008 
_entity_src_gen.host_org_genus                     ? 
_entity_src_gen.pdbx_host_org_gene                 ? 
_entity_src_gen.pdbx_host_org_organ                ? 
_entity_src_gen.host_org_species                   ? 
_entity_src_gen.pdbx_host_org_tissue               ? 
_entity_src_gen.pdbx_host_org_tissue_fraction      ? 
_entity_src_gen.pdbx_host_org_strain               ? 
_entity_src_gen.pdbx_host_org_variant              C41 
_entity_src_gen.pdbx_host_org_cell_line            ? 
_entity_src_gen.pdbx_host_org_atcc                 ? 
_entity_src_gen.pdbx_host_org_culture_collection   ? 
_entity_src_gen.pdbx_host_org_cell                 ? 
_entity_src_gen.pdbx_host_org_organelle            ? 
_entity_src_gen.pdbx_host_org_cellular_location    ? 
_entity_src_gen.pdbx_host_org_vector_type          ? 
_entity_src_gen.pdbx_host_org_vector               'MODIFIED PRSETA' 
_entity_src_gen.host_org_details                   ? 
_entity_src_gen.expression_system_id               ? 
_entity_src_gen.plasmid_name                       ? 
_entity_src_gen.plasmid_details                    ? 
_entity_src_gen.pdbx_description                   ? 
# 
loop_
_chem_comp.id 
_chem_comp.type 
_chem_comp.mon_nstd_flag 
_chem_comp.name 
_chem_comp.pdbx_synonyms 
_chem_comp.formula 
_chem_comp.formula_weight 
ACT non-polymer         . 'ACETATE ION'    ? 'C2 H3 O2 -1'    59.044  
ALA 'L-peptide linking' y ALANINE          ? 'C3 H7 N O2'     89.093  
ARG 'L-peptide linking' y ARGININE         ? 'C6 H15 N4 O2 1' 175.209 
ASN 'L-peptide linking' y ASPARAGINE       ? 'C4 H8 N2 O3'    132.118 
ASP 'L-peptide linking' y 'ASPARTIC ACID'  ? 'C4 H7 N O4'     133.103 
GLN 'L-peptide linking' y GLUTAMINE        ? 'C5 H10 N2 O3'   146.144 
GLU 'L-peptide linking' y 'GLUTAMIC ACID'  ? 'C5 H9 N O4'     147.129 
GLY 'peptide linking'   y GLYCINE          ? 'C2 H5 N O2'     75.067  
HIS 'L-peptide linking' y HISTIDINE        ? 'C6 H10 N3 O2 1' 156.162 
HOH non-polymer         . WATER            ? 'H2 O'           18.015  
ILE 'L-peptide linking' y ISOLEUCINE       ? 'C6 H13 N O2'    131.173 
LEU 'L-peptide linking' y LEUCINE          ? 'C6 H13 N O2'    131.173 
LYS 'L-peptide linking' y LYSINE           ? 'C6 H15 N2 O2 1' 147.195 
MSE 'L-peptide linking' n SELENOMETHIONINE ? 'C5 H11 N O2 Se' 196.106 
PRO 'L-peptide linking' y PROLINE          ? 'C5 H9 N O2'     115.130 
SER 'L-peptide linking' y SERINE           ? 'C3 H7 N O3'     105.093 
SO4 non-polymer         . 'SULFATE ION'    ? 'O4 S -2'        96.063  
THR 'L-peptide linking' y THREONINE        ? 'C4 H9 N O3'     119.119 
TYR 'L-peptide linking' y TYROSINE         ? 'C9 H11 N O3'    181.189 
VAL 'L-peptide linking' y VALINE           ? 'C5 H11 N O2'    117.146 
# 
loop_
_pdbx_poly_seq_scheme.asym_id 
_pdbx_poly_seq_scheme.entity_id 
_pdbx_poly_seq_scheme.seq_id 
_pdbx_poly_seq_scheme.mon_id 
_pdbx_poly_seq_scheme.ndb_seq_num 
_pdbx_poly_seq_scheme.pdb_seq_num 
_pdbx_poly_seq_scheme.auth_seq_num 
_pdbx_poly_seq_scheme.pdb_mon_id 
_pdbx_poly_seq_scheme.auth_mon_id 
_pdbx_poly_seq_scheme.pdb_strand_id 
_pdbx_poly_seq_scheme.pdb_ins_code 
_pdbx_poly_seq_scheme.hetero 
A 1 1  GLY 1  -2 ?  ?   ?   A . n 
A 1 2  SER 2  -1 -1 SER SER A . n 
A 1 3  MSE 3  1  1  MSE MSE A . n 
A 1 4  LEU 4  2  2  LEU LEU A . n 
A 1 5  ILE 5  3  3  ILE ILE A . n 
A 1 6  LEU 6  4  4  LEU LEU A . n 
A 1 7  THR 7  5  5  THR THR A . n 
A 1 8  ARG 8  6  6  ARG ARG A . n 
A 1 9  ARG 9  7  7  ARG ARG A . n 
A 1 10 VAL 10 8  8  VAL VAL A . n 
A 1 11 GLY 11 9  9  GLY GLY A . n 
A 1 12 GLU 12 10 10 GLU GLU A . n 
A 1 13 THR 13 11 11 THR THR A . n 
A 1 14 LEU 14 12 12 LEU LEU A . n 
A 1 15 MSE 15 13 13 MSE MSE A . n 
A 1 16 ILE 16 14 14 ILE ILE A . n 
A 1 17 GLY 17 15 15 GLY GLY A . n 
A 1 18 ASP 18 16 16 ASP ASP A . n 
A 1 19 GLU 19 17 17 GLU GLU A . n 
A 1 20 VAL 20 18 18 VAL VAL A . n 
A 1 21 THR 21 19 19 THR THR A . n 
A 1 22 VAL 22 20 20 VAL VAL A . n 
A 1 23 THR 23 21 21 THR THR A . n 
A 1 24 VAL 24 22 22 VAL VAL A . n 
A 1 25 LEU 25 23 23 LEU LEU A . n 
A 1 26 GLY 26 24 24 GLY GLY A . n 
A 1 27 VAL 27 25 25 VAL VAL A . n 
A 1 28 LYS 28 26 26 LYS LYS A . n 
A 1 29 GLY 29 27 27 GLY GLY A . n 
A 1 30 ASN 30 28 28 ASN ASN A . n 
A 1 31 GLN 31 29 29 GLN GLN A . n 
A 1 32 VAL 32 30 30 VAL VAL A . n 
A 1 33 ARG 33 31 31 ARG ARG A . n 
A 1 34 ILE 34 32 32 ILE ILE A . n 
A 1 35 GLY 35 33 33 GLY GLY A . n 
A 1 36 VAL 36 34 34 VAL VAL A . n 
A 1 37 ASN 37 35 35 ASN ASN A . n 
A 1 38 ALA 38 36 36 ALA ALA A . n 
A 1 39 PRO 39 37 37 PRO PRO A . n 
A 1 40 LYS 40 38 38 LYS LYS A . n 
A 1 41 GLU 41 39 39 GLU GLU A . n 
A 1 42 VAL 42 40 40 VAL VAL A . n 
A 1 43 SER 43 41 41 SER SER A . n 
A 1 44 VAL 44 42 42 VAL VAL A . n 
A 1 45 HIS 45 43 43 HIS HIS A . n 
A 1 46 ARG 46 44 44 ARG ARG A . n 
A 1 47 GLU 47 45 45 GLU GLU A . n 
A 1 48 GLU 48 46 46 GLU GLU A . n 
A 1 49 ILE 49 47 47 ILE ILE A . n 
A 1 50 TYR 50 48 48 TYR TYR A . n 
A 1 51 GLN 51 49 49 GLN GLN A . n 
A 1 52 ARG 52 50 50 ARG ARG A . n 
A 1 53 ILE 53 51 51 ILE ILE A . n 
A 1 54 GLN 54 52 52 GLN GLN A . n 
A 1 55 ALA 55 53 53 ALA ALA A . n 
A 1 56 GLU 56 54 54 GLU GLU A . n 
A 1 57 LYS 57 55 55 LYS LYS A . n 
A 1 58 SER 58 56 56 SER SER A . n 
A 1 59 GLN 59 57 57 GLN GLN A . n 
A 1 60 PRO 60 58 58 PRO PRO A . n 
A 1 61 THR 61 59 ?  ?   ?   A . n 
A 1 62 SER 62 60 ?  ?   ?   A . n 
A 1 63 TYR 63 61 ?  ?   ?   A . n 
B 1 1  GLY 1  -2 -2 GLY GLY B . n 
B 1 2  SER 2  -1 -1 SER SER B . n 
B 1 3  MSE 3  1  1  MSE MSE B . n 
B 1 4  LEU 4  2  2  LEU LEU B . n 
B 1 5  ILE 5  3  3  ILE ILE B . n 
B 1 6  LEU 6  4  4  LEU LEU B . n 
B 1 7  THR 7  5  5  THR THR B . n 
B 1 8  ARG 8  6  6  ARG ARG B . n 
B 1 9  ARG 9  7  7  ARG ARG B . n 
B 1 10 VAL 10 8  8  VAL VAL B . n 
B 1 11 GLY 11 9  9  GLY GLY B . n 
B 1 12 GLU 12 10 10 GLU GLU B . n 
B 1 13 THR 13 11 11 THR THR B . n 
B 1 14 LEU 14 12 12 LEU LEU B . n 
B 1 15 MSE 15 13 13 MSE MSE B . n 
B 1 16 ILE 16 14 14 ILE ILE B . n 
B 1 17 GLY 17 15 15 GLY GLY B . n 
B 1 18 ASP 18 16 16 ASP ASP B . n 
B 1 19 GLU 19 17 17 GLU GLU B . n 
B 1 20 VAL 20 18 18 VAL VAL B . n 
B 1 21 THR 21 19 19 THR THR B . n 
B 1 22 VAL 22 20 20 VAL VAL B . n 
B 1 23 THR 23 21 21 THR THR B . n 
B 1 24 VAL 24 22 22 VAL VAL B . n 
B 1 25 LEU 25 23 23 LEU LEU B . n 
B 1 26 GLY 26 24 24 GLY GLY B . n 
B 1 27 VAL 27 25 25 VAL VAL B . n 
B 1 28 LYS 28 26 26 LYS LYS B . n 
B 1 29 GLY 29 27 27 GLY GLY B . n 
B 1 30 ASN 30 28 28 ASN ASN B . n 
B 1 31 GLN 31 29 29 GLN GLN B . n 
B 1 32 VAL 32 30 30 VAL VAL B . n 
B 1 33 ARG 33 31 31 ARG ARG B . n 
B 1 34 ILE 34 32 32 ILE ILE B . n 
B 1 35 GLY 35 33 33 GLY GLY B . n 
B 1 36 VAL 36 34 34 VAL VAL B . n 
B 1 37 ASN 37 35 35 ASN ASN B . n 
B 1 38 ALA 38 36 36 ALA ALA B . n 
B 1 39 PRO 39 37 37 PRO PRO B . n 
B 1 40 LYS 40 38 38 LYS LYS B . n 
B 1 41 GLU 41 39 39 GLU GLU B . n 
B 1 42 VAL 42 40 40 VAL VAL B . n 
B 1 43 SER 43 41 41 SER SER B . n 
B 1 44 VAL 44 42 42 VAL VAL B . n 
B 1 45 HIS 45 43 43 HIS HIS B . n 
B 1 46 ARG 46 44 44 ARG ARG B . n 
B 1 47 GLU 47 45 45 GLU GLU B . n 
B 1 48 GLU 48 46 46 GLU GLU B . n 
B 1 49 ILE 49 47 47 ILE ILE B . n 
B 1 50 TYR 50 48 48 TYR TYR B . n 
B 1 51 GLN 51 49 49 GLN GLN B . n 
B 1 52 ARG 52 50 50 ARG ARG B . n 
B 1 53 ILE 53 51 51 ILE ILE B . n 
B 1 54 GLN 54 52 52 GLN GLN B . n 
B 1 55 ALA 55 53 53 ALA ALA B . n 
B 1 56 GLU 56 54 54 GLU GLU B . n 
B 1 57 LYS 57 55 55 LYS LYS B . n 
B 1 58 SER 58 56 56 SER SER B . n 
B 1 59 GLN 59 57 ?  ?   ?   B . n 
B 1 60 PRO 60 58 ?  ?   ?   B . n 
B 1 61 THR 61 59 ?  ?   ?   B . n 
B 1 62 SER 62 60 ?  ?   ?   B . n 
B 1 63 TYR 63 61 ?  ?   ?   B . n 
# 
loop_
_pdbx_nonpoly_scheme.asym_id 
_pdbx_nonpoly_scheme.entity_id 
_pdbx_nonpoly_scheme.mon_id 
_pdbx_nonpoly_scheme.ndb_seq_num 
_pdbx_nonpoly_scheme.pdb_seq_num 
_pdbx_nonpoly_scheme.auth_seq_num 
_pdbx_nonpoly_scheme.pdb_mon_id 
_pdbx_nonpoly_scheme.auth_mon_id 
_pdbx_nonpoly_scheme.pdb_strand_id 
_pdbx_nonpoly_scheme.pdb_ins_code 
C 2 SO4 1  1058 1058 SO4 SO4 A . 
D 3 ACT 1  1059 1059 ACT ACT A . 
E 4 HOH 1  2001 2001 HOH HOH A . 
E 4 HOH 2  2002 2002 HOH HOH A . 
E 4 HOH 3  2003 2003 HOH HOH A . 
E 4 HOH 4  2004 2004 HOH HOH A . 
E 4 HOH 5  2005 2005 HOH HOH A . 
E 4 HOH 6  2006 2006 HOH HOH A . 
E 4 HOH 7  2007 2007 HOH HOH A . 
E 4 HOH 8  2008 2008 HOH HOH A . 
E 4 HOH 9  2009 2009 HOH HOH A . 
E 4 HOH 10 2010 2010 HOH HOH A . 
E 4 HOH 11 2011 2011 HOH HOH A . 
E 4 HOH 12 2012 2012 HOH HOH A . 
E 4 HOH 13 2013 2013 HOH HOH A . 
E 4 HOH 14 2014 2014 HOH HOH A . 
E 4 HOH 15 2015 2015 HOH HOH A . 
E 4 HOH 16 2016 2016 HOH HOH A . 
E 4 HOH 17 2017 2017 HOH HOH A . 
E 4 HOH 18 2018 2018 HOH HOH A . 
E 4 HOH 19 2019 2019 HOH HOH A . 
F 4 HOH 1  2001 2001 HOH HOH B . 
F 4 HOH 2  2002 2002 HOH HOH B . 
F 4 HOH 3  2003 2003 HOH HOH B . 
F 4 HOH 4  2004 2004 HOH HOH B . 
F 4 HOH 5  2005 2005 HOH HOH B . 
F 4 HOH 6  2006 2006 HOH HOH B . 
F 4 HOH 7  2007 2007 HOH HOH B . 
F 4 HOH 8  2008 2008 HOH HOH B . 
F 4 HOH 9  2009 2009 HOH HOH B . 
F 4 HOH 10 2010 2010 HOH HOH B . 
F 4 HOH 11 2011 2011 HOH HOH B . 
F 4 HOH 12 2012 2012 HOH HOH B . 
F 4 HOH 13 2013 2013 HOH HOH B . 
F 4 HOH 14 2014 2014 HOH HOH B . 
F 4 HOH 15 2015 2015 HOH HOH B . 
F 4 HOH 16 2016 2016 HOH HOH B . 
F 4 HOH 17 2017 2017 HOH HOH B . 
F 4 HOH 18 2018 2018 HOH HOH B . 
F 4 HOH 19 2019 2019 HOH HOH B . 
F 4 HOH 20 2020 2020 HOH HOH B . 
F 4 HOH 21 2021 2021 HOH HOH B . 
F 4 HOH 22 2022 2022 HOH HOH B . 
F 4 HOH 23 2023 2023 HOH HOH B . 
F 4 HOH 24 2024 2024 HOH HOH B . 
F 4 HOH 25 2025 2025 HOH HOH B . 
# 
loop_
_pdbx_unobs_or_zero_occ_atoms.id 
_pdbx_unobs_or_zero_occ_atoms.PDB_model_num 
_pdbx_unobs_or_zero_occ_atoms.polymer_flag 
_pdbx_unobs_or_zero_occ_atoms.occupancy_flag 
_pdbx_unobs_or_zero_occ_atoms.auth_asym_id 
_pdbx_unobs_or_zero_occ_atoms.auth_comp_id 
_pdbx_unobs_or_zero_occ_atoms.auth_seq_id 
_pdbx_unobs_or_zero_occ_atoms.PDB_ins_code 
_pdbx_unobs_or_zero_occ_atoms.auth_atom_id 
_pdbx_unobs_or_zero_occ_atoms.label_alt_id 
_pdbx_unobs_or_zero_occ_atoms.label_asym_id 
_pdbx_unobs_or_zero_occ_atoms.label_comp_id 
_pdbx_unobs_or_zero_occ_atoms.label_seq_id 
_pdbx_unobs_or_zero_occ_atoms.label_atom_id 
1  1 Y 1 A PRO 58 ? CA ? A PRO 60 CA 
2  1 Y 1 A PRO 58 ? C  ? A PRO 60 C  
3  1 Y 1 A PRO 58 ? O  ? A PRO 60 O  
4  1 Y 1 A PRO 58 ? CB ? A PRO 60 CB 
5  1 Y 1 A PRO 58 ? CG ? A PRO 60 CG 
6  1 Y 1 A PRO 58 ? CD ? A PRO 60 CD 
7  1 Y 1 B SER 56 ? CA ? B SER 58 CA 
8  1 Y 1 B SER 56 ? C  ? B SER 58 C  
9  1 Y 1 B SER 56 ? O  ? B SER 58 O  
10 1 Y 1 B SER 56 ? CB ? B SER 58 CB 
11 1 Y 1 B SER 56 ? OG ? B SER 58 OG 
# 
loop_
_software.name 
_software.classification 
_software.version 
_software.citation_id 
_software.pdbx_ordinal 
CNS    refinement       1.1 ? 1 
MOSFLM 'data reduction' .   ? 2 
SCALA  'data scaling'   .   ? 3 
SOLVE  phasing          .   ? 4 
# 
_cell.entry_id           2BTI 
_cell.length_a           37.573 
_cell.length_b           37.573 
_cell.length_c           186.245 
_cell.angle_alpha        90.00 
_cell.angle_beta         90.00 
_cell.angle_gamma        90.00 
_cell.Z_PDB              16 
_cell.pdbx_unique_axis   ? 
# 
_symmetry.entry_id                         2BTI 
_symmetry.space_group_name_H-M             'P 43 2 2' 
_symmetry.pdbx_full_space_group_name_H-M   ? 
_symmetry.cell_setting                     ? 
_symmetry.Int_Tables_number                95 
# 
_exptl.entry_id          2BTI 
_exptl.method            'X-RAY DIFFRACTION' 
_exptl.crystals_number   ? 
# 
_exptl_crystal.id                    1 
_exptl_crystal.density_meas          ? 
_exptl_crystal.density_Matthews      2.35 
_exptl_crystal.density_percent_sol   48 
_exptl_crystal.description           ? 
# 
_exptl_crystal_grow.crystal_id      1 
_exptl_crystal_grow.method          ? 
_exptl_crystal_grow.temp            ? 
_exptl_crystal_grow.temp_details    ? 
_exptl_crystal_grow.pH              4.60 
_exptl_crystal_grow.pdbx_pH_range   ? 
_exptl_crystal_grow.pdbx_details    
'0.16M AMMONIUM SULPHATE, 0.08M SODIUM ACETATE PH 4.6, 20% PEG 4000, 20% GLYCEROL, 10 MG/ML PROTEIN' 
# 
_diffrn.id                     1 
_diffrn.ambient_temp           100.0 
_diffrn.ambient_temp_details   ? 
_diffrn.crystal_id             1 
# 
_diffrn_radiation.diffrn_id                        1 
_diffrn_radiation.wavelength_id                    1 
_diffrn_radiation.pdbx_monochromatic_or_laue_m_l   M 
_diffrn_radiation.monochromator                    ? 
_diffrn_radiation.pdbx_diffrn_protocol             MAD 
_diffrn_radiation.pdbx_scattering_type             x-ray 
# 
_diffrn_radiation_wavelength.id           1 
_diffrn_radiation_wavelength.wavelength   0.979 
_diffrn_radiation_wavelength.wt           1.0 
# 
_diffrn_source.diffrn_id                   1 
_diffrn_source.source                      SYNCHROTRON 
_diffrn_source.type                        'ESRF BEAMLINE ID29' 
_diffrn_source.pdbx_synchrotron_site       ESRF 
_diffrn_source.pdbx_synchrotron_beamline   ID29 
_diffrn_source.pdbx_wavelength             0.979 
_diffrn_source.pdbx_wavelength_list        ? 
# 
_reflns.pdbx_diffrn_id               1 
_reflns.pdbx_ordinal                 1 
_reflns.entry_id                     2BTI 
_reflns.observed_criterion_sigma_I   1.500 
_reflns.observed_criterion_sigma_F   ? 
_reflns.d_resolution_low             26.500 
_reflns.d_resolution_high            2.000 
_reflns.number_obs                   9675 
_reflns.number_all                   ? 
_reflns.percent_possible_obs         98.4 
_reflns.pdbx_Rmerge_I_obs            0.09000 
_reflns.pdbx_Rsym_value              ? 
_reflns.pdbx_netI_over_sigmaI        14.8000 
_reflns.B_iso_Wilson_estimate        ? 
_reflns.pdbx_redundancy              6.000 
# 
_reflns_shell.pdbx_diffrn_id         1 
_reflns_shell.pdbx_ordinal           1 
_reflns_shell.d_res_high             2.00 
_reflns_shell.d_res_low              2.10 
_reflns_shell.percent_possible_all   95.1 
_reflns_shell.Rmerge_I_obs           0.30000 
_reflns_shell.pdbx_Rsym_value        ? 
_reflns_shell.meanI_over_sigI_obs    4.500 
_reflns_shell.pdbx_redundancy        5.40 
# 
_refine.pdbx_refine_id                           'X-RAY DIFFRACTION' 
_refine.entry_id                                 2BTI 
_refine.pdbx_diffrn_id                           1 
_refine.pdbx_TLS_residual_ADP_flag               ? 
_refine.ls_number_reflns_obs                     9632 
_refine.ls_number_reflns_all                     ? 
_refine.pdbx_ls_sigma_I                          ? 
_refine.pdbx_ls_sigma_F                          4.6 
_refine.pdbx_data_cutoff_high_absF               10000 
_refine.pdbx_data_cutoff_low_absF                ? 
_refine.pdbx_data_cutoff_high_rms_absF           ? 
_refine.ls_d_res_low                             100 
_refine.ls_d_res_high                            2.00 
_refine.ls_percent_reflns_obs                    98.1 
_refine.ls_R_factor_obs                          0.224 
_refine.ls_R_factor_all                          ? 
_refine.ls_R_factor_R_work                       0.224 
_refine.ls_R_factor_R_free                       0.254 
_refine.ls_R_factor_R_free_error                 ? 
_refine.ls_R_factor_R_free_error_details         ? 
_refine.ls_percent_reflns_R_free                 5.1 
_refine.ls_number_reflns_R_free                  497 
_refine.ls_number_parameters                     ? 
_refine.ls_number_restraints                     ? 
_refine.occupancy_min                            ? 
_refine.occupancy_max                            ? 
_refine.correlation_coeff_Fo_to_Fc               ? 
_refine.correlation_coeff_Fo_to_Fc_free          ? 
_refine.B_iso_mean                               ? 
_refine.aniso_B[1][1]                            -5.674 
_refine.aniso_B[2][2]                            -5.674 
_refine.aniso_B[3][3]                            11.348 
_refine.aniso_B[1][2]                            0.000 
_refine.aniso_B[1][3]                            0.000 
_refine.aniso_B[2][3]                            0.000 
_refine.solvent_model_details                    ? 
_refine.solvent_model_param_ksol                 0.383018 
_refine.solvent_model_param_bsol                 48.383 
_refine.pdbx_solvent_vdw_probe_radii             ? 
_refine.pdbx_solvent_ion_probe_radii             ? 
_refine.pdbx_solvent_shrinkage_radii             ? 
_refine.pdbx_ls_cross_valid_method               THROUGHOUT 
_refine.details                                  ? 
_refine.pdbx_starting_model                      ? 
_refine.pdbx_method_to_determine_struct          MAD 
_refine.pdbx_isotropic_thermal_model             ? 
_refine.pdbx_stereochemistry_target_values       ? 
_refine.pdbx_stereochem_target_val_spec_case     ? 
_refine.pdbx_R_Free_selection_details            RANDOM 
_refine.pdbx_overall_ESU_R                       ? 
_refine.pdbx_overall_ESU_R_Free                  ? 
_refine.overall_SU_ML                            ? 
_refine.pdbx_overall_phase_error                 ? 
_refine.overall_SU_B                             ? 
_refine.overall_SU_R_Cruickshank_DPI             ? 
_refine.pdbx_overall_SU_R_free_Cruickshank_DPI   ? 
_refine.pdbx_overall_SU_R_Blow_DPI               ? 
_refine.pdbx_overall_SU_R_free_Blow_DPI          ? 
# 
_refine_hist.pdbx_refine_id                   'X-RAY DIFFRACTION' 
_refine_hist.cycle_id                         LAST 
_refine_hist.pdbx_number_atoms_protein        895 
_refine_hist.pdbx_number_atoms_nucleic_acid   0 
_refine_hist.pdbx_number_atoms_ligand         9 
_refine_hist.number_atoms_solvent             44 
_refine_hist.number_atoms_total               948 
_refine_hist.d_res_high                       2.00 
_refine_hist.d_res_low                        100 
# 
loop_
_refine_ls_restr.type 
_refine_ls_restr.dev_ideal 
_refine_ls_restr.dev_ideal_target 
_refine_ls_restr.weight 
_refine_ls_restr.number 
_refine_ls_restr.pdbx_refine_id 
_refine_ls_restr.pdbx_restraint_function 
c_bond_d                0.014 ? ? ? 'X-RAY DIFFRACTION' ? 
c_bond_d_na             ?     ? ? ? 'X-RAY DIFFRACTION' ? 
c_bond_d_prot           ?     ? ? ? 'X-RAY DIFFRACTION' ? 
c_angle_d               ?     ? ? ? 'X-RAY DIFFRACTION' ? 
c_angle_d_na            ?     ? ? ? 'X-RAY DIFFRACTION' ? 
c_angle_d_prot          ?     ? ? ? 'X-RAY DIFFRACTION' ? 
c_angle_deg             1.457 ? ? ? 'X-RAY DIFFRACTION' ? 
c_angle_deg_na          ?     ? ? ? 'X-RAY DIFFRACTION' ? 
c_angle_deg_prot        ?     ? ? ? 'X-RAY DIFFRACTION' ? 
c_dihedral_angle_d      ?     ? ? ? 'X-RAY DIFFRACTION' ? 
c_dihedral_angle_d_na   ?     ? ? ? 'X-RAY DIFFRACTION' ? 
c_dihedral_angle_d_prot ?     ? ? ? 'X-RAY DIFFRACTION' ? 
c_improper_angle_d      ?     ? ? ? 'X-RAY DIFFRACTION' ? 
c_improper_angle_d_na   ?     ? ? ? 'X-RAY DIFFRACTION' ? 
c_improper_angle_d_prot ?     ? ? ? 'X-RAY DIFFRACTION' ? 
c_mcbond_it             ?     ? ? ? 'X-RAY DIFFRACTION' ? 
c_mcangle_it            ?     ? ? ? 'X-RAY DIFFRACTION' ? 
c_scbond_it             ?     ? ? ? 'X-RAY DIFFRACTION' ? 
c_scangle_it            ?     ? ? ? 'X-RAY DIFFRACTION' ? 
# 
_refine_ls_shell.pdbx_refine_id                   'X-RAY DIFFRACTION' 
_refine_ls_shell.pdbx_total_number_of_bins_used   ? 
_refine_ls_shell.d_res_high                       2.00 
_refine_ls_shell.d_res_low                        2.10 
_refine_ls_shell.number_reflns_R_work             ? 
_refine_ls_shell.R_factor_R_work                  ? 
_refine_ls_shell.percent_reflns_obs               ? 
_refine_ls_shell.R_factor_R_free                  ? 
_refine_ls_shell.R_factor_R_free_error            ? 
_refine_ls_shell.percent_reflns_R_free            ? 
_refine_ls_shell.number_reflns_R_free             ? 
_refine_ls_shell.number_reflns_all                ? 
_refine_ls_shell.R_factor_all                     ? 
# 
loop_
_pdbx_xplor_file.pdbx_refine_id 
_pdbx_xplor_file.serial_no 
_pdbx_xplor_file.param_file 
_pdbx_xplor_file.topol_file 
'X-RAY DIFFRACTION' 1 PROTEIN_REP.PARAM ? 
'X-RAY DIFFRACTION' 2 ION.PARAM         ? 
'X-RAY DIFFRACTION' 3 WATER_REP.PARAM   ? 
# 
_struct.entry_id                  2BTI 
_struct.title                     
;Structure-function studies of the RmsA CsrA post-transcriptional global regulator protein family reveals a class of RNA-binding structure
;
_struct.pdbx_model_details        ? 
_struct.pdbx_CASP_flag            ? 
_struct.pdbx_model_type_details   ? 
# 
_struct_keywords.entry_id        2BTI 
_struct_keywords.pdbx_keywords   'RNA BINDING PROTEIN' 
_struct_keywords.text            'RMSA, CSRA, RNA BINDING PROTEIN' 
# 
loop_
_struct_asym.id 
_struct_asym.pdbx_blank_PDB_chainid_flag 
_struct_asym.pdbx_modified 
_struct_asym.entity_id 
_struct_asym.details 
A N N 1 ? 
B N N 1 ? 
C N N 2 ? 
D N N 3 ? 
E N N 4 ? 
F N N 4 ? 
# 
_struct_ref.id                         1 
_struct_ref.db_name                    PDB 
_struct_ref.db_code                    2BTI 
_struct_ref.entity_id                  1 
_struct_ref.pdbx_seq_one_letter_code   ? 
_struct_ref.pdbx_align_begin           ? 
_struct_ref.pdbx_db_accession          2BTI 
_struct_ref.pdbx_db_isoform            ? 
# 
loop_
_struct_ref_seq.align_id 
_struct_ref_seq.ref_id 
_struct_ref_seq.pdbx_PDB_id_code 
_struct_ref_seq.pdbx_strand_id 
_struct_ref_seq.seq_align_beg 
_struct_ref_seq.pdbx_seq_align_beg_ins_code 
_struct_ref_seq.seq_align_end 
_struct_ref_seq.pdbx_seq_align_end_ins_code 
_struct_ref_seq.pdbx_db_accession 
_struct_ref_seq.db_align_beg 
_struct_ref_seq.pdbx_db_align_beg_ins_code 
_struct_ref_seq.db_align_end 
_struct_ref_seq.pdbx_db_align_end_ins_code 
_struct_ref_seq.pdbx_auth_seq_align_beg 
_struct_ref_seq.pdbx_auth_seq_align_end 
1 1 2BTI A 1 ? 2  ? 2BTI -2 ? -1 ? -2 -1 
2 1 2BTI A 3 ? 63 ? 2BTI 1  ? 61 ? 1  61 
3 1 2BTI B 1 ? 2  ? 2BTI -2 ? -1 ? -2 -1 
4 1 2BTI B 3 ? 63 ? 2BTI 1  ? 61 ? 1  61 
# 
_pdbx_struct_assembly.id                   1 
_pdbx_struct_assembly.details              author_and_software_defined_assembly 
_pdbx_struct_assembly.method_details       PQS 
_pdbx_struct_assembly.oligomeric_details   dimeric 
_pdbx_struct_assembly.oligomeric_count     2 
# 
_pdbx_struct_assembly_gen.assembly_id       1 
_pdbx_struct_assembly_gen.oper_expression   1 
_pdbx_struct_assembly_gen.asym_id_list      A,B,C,D,E,F 
# 
_pdbx_struct_oper_list.id                   1 
_pdbx_struct_oper_list.type                 'identity operation' 
_pdbx_struct_oper_list.name                 1_555 
_pdbx_struct_oper_list.symmetry_operation   x,y,z 
_pdbx_struct_oper_list.matrix[1][1]         1.0000000000 
_pdbx_struct_oper_list.matrix[1][2]         0.0000000000 
_pdbx_struct_oper_list.matrix[1][3]         0.0000000000 
_pdbx_struct_oper_list.vector[1]            0.0000000000 
_pdbx_struct_oper_list.matrix[2][1]         0.0000000000 
_pdbx_struct_oper_list.matrix[2][2]         1.0000000000 
_pdbx_struct_oper_list.matrix[2][3]         0.0000000000 
_pdbx_struct_oper_list.vector[2]            0.0000000000 
_pdbx_struct_oper_list.matrix[3][1]         0.0000000000 
_pdbx_struct_oper_list.matrix[3][2]         0.0000000000 
_pdbx_struct_oper_list.matrix[3][3]         1.0000000000 
_pdbx_struct_oper_list.vector[3]            0.0000000000 
# 
_struct_biol.id   1 
# 
loop_
_struct_conf.conf_type_id 
_struct_conf.id 
_struct_conf.pdbx_PDB_helix_id 
_struct_conf.beg_label_comp_id 
_struct_conf.beg_label_asym_id 
_struct_conf.beg_label_seq_id 
_struct_conf.pdbx_beg_PDB_ins_code 
_struct_conf.end_label_comp_id 
_struct_conf.end_label_asym_id 
_struct_conf.end_label_seq_id 
_struct_conf.pdbx_end_PDB_ins_code 
_struct_conf.beg_auth_comp_id 
_struct_conf.beg_auth_asym_id 
_struct_conf.beg_auth_seq_id 
_struct_conf.end_auth_comp_id 
_struct_conf.end_auth_asym_id 
_struct_conf.end_auth_seq_id 
_struct_conf.pdbx_PDB_helix_class 
_struct_conf.details 
_struct_conf.pdbx_PDB_helix_length 
HELX_P HELX_P1 1 GLU A 47 ? SER A 58 ? GLU A 45 SER A 56 1 ? 12 
HELX_P HELX_P2 2 GLU B 47 ? GLU B 56 ? GLU B 45 GLU B 54 1 ? 10 
# 
_struct_conf_type.id          HELX_P 
_struct_conf_type.criteria    ? 
_struct_conf_type.reference   ? 
# 
loop_
_struct_conn.id 
_struct_conn.conn_type_id 
_struct_conn.pdbx_leaving_atom_flag 
_struct_conn.pdbx_PDB_id 
_struct_conn.ptnr1_label_asym_id 
_struct_conn.ptnr1_label_comp_id 
_struct_conn.ptnr1_label_seq_id 
_struct_conn.ptnr1_label_atom_id 
_struct_conn.pdbx_ptnr1_label_alt_id 
_struct_conn.pdbx_ptnr1_PDB_ins_code 
_struct_conn.pdbx_ptnr1_standard_comp_id 
_struct_conn.ptnr1_symmetry 
_struct_conn.ptnr2_label_asym_id 
_struct_conn.ptnr2_label_comp_id 
_struct_conn.ptnr2_label_seq_id 
_struct_conn.ptnr2_label_atom_id 
_struct_conn.pdbx_ptnr2_label_alt_id 
_struct_conn.pdbx_ptnr2_PDB_ins_code 
_struct_conn.ptnr1_auth_asym_id 
_struct_conn.ptnr1_auth_comp_id 
_struct_conn.ptnr1_auth_seq_id 
_struct_conn.ptnr2_auth_asym_id 
_struct_conn.ptnr2_auth_comp_id 
_struct_conn.ptnr2_auth_seq_id 
_struct_conn.ptnr2_symmetry 
_struct_conn.pdbx_ptnr3_label_atom_id 
_struct_conn.pdbx_ptnr3_label_seq_id 
_struct_conn.pdbx_ptnr3_label_comp_id 
_struct_conn.pdbx_ptnr3_label_asym_id 
_struct_conn.pdbx_ptnr3_label_alt_id 
_struct_conn.pdbx_ptnr3_PDB_ins_code 
_struct_conn.details 
_struct_conn.pdbx_dist_value 
_struct_conn.pdbx_value_order 
_struct_conn.pdbx_role 
covale1 covale both ? A SER 2  C ? ? ? 1_555 A MSE 3  N ? ? A SER -1 A MSE 1  1_555 ? ? ? ? ? ? ? 1.331 ? ? 
covale2 covale both ? A MSE 3  C ? ? ? 1_555 A LEU 4  N ? ? A MSE 1  A LEU 2  1_555 ? ? ? ? ? ? ? 1.328 ? ? 
covale3 covale both ? A LEU 14 C ? ? ? 1_555 A MSE 15 N ? ? A LEU 12 A MSE 13 1_555 ? ? ? ? ? ? ? 1.328 ? ? 
covale4 covale both ? A MSE 15 C ? ? ? 1_555 A ILE 16 N ? ? A MSE 13 A ILE 14 1_555 ? ? ? ? ? ? ? 1.326 ? ? 
covale5 covale both ? B SER 2  C ? ? ? 1_555 B MSE 3  N ? ? B SER -1 B MSE 1  1_555 ? ? ? ? ? ? ? 1.326 ? ? 
covale6 covale both ? B MSE 3  C ? ? ? 1_555 B LEU 4  N ? ? B MSE 1  B LEU 2  1_555 ? ? ? ? ? ? ? 1.329 ? ? 
covale7 covale both ? B LEU 14 C ? ? ? 1_555 B MSE 15 N ? ? B LEU 12 B MSE 13 1_555 ? ? ? ? ? ? ? 1.325 ? ? 
covale8 covale both ? B MSE 15 C ? ? ? 1_555 B ILE 16 N ? ? B MSE 13 B ILE 14 1_555 ? ? ? ? ? ? ? 1.330 ? ? 
# 
_struct_conn_type.id          covale 
_struct_conn_type.criteria    ? 
_struct_conn_type.reference   ? 
# 
loop_
_pdbx_modification_feature.ordinal 
_pdbx_modification_feature.label_comp_id 
_pdbx_modification_feature.label_asym_id 
_pdbx_modification_feature.label_seq_id 
_pdbx_modification_feature.label_alt_id 
_pdbx_modification_feature.modified_residue_label_comp_id 
_pdbx_modification_feature.modified_residue_label_asym_id 
_pdbx_modification_feature.modified_residue_label_seq_id 
_pdbx_modification_feature.modified_residue_label_alt_id 
_pdbx_modification_feature.auth_comp_id 
_pdbx_modification_feature.auth_asym_id 
_pdbx_modification_feature.auth_seq_id 
_pdbx_modification_feature.PDB_ins_code 
_pdbx_modification_feature.symmetry 
_pdbx_modification_feature.modified_residue_auth_comp_id 
_pdbx_modification_feature.modified_residue_auth_asym_id 
_pdbx_modification_feature.modified_residue_auth_seq_id 
_pdbx_modification_feature.modified_residue_PDB_ins_code 
_pdbx_modification_feature.modified_residue_symmetry 
_pdbx_modification_feature.comp_id_linking_atom 
_pdbx_modification_feature.modified_residue_id_linking_atom 
_pdbx_modification_feature.modified_residue_id 
_pdbx_modification_feature.ref_pcm_id 
_pdbx_modification_feature.ref_comp_id 
_pdbx_modification_feature.type 
_pdbx_modification_feature.category 
1 MSE A 3  ? . . . . MSE A 1  ? 1_555 . . . . . . . MET 1 MSE Selenomethionine 'Named protein modification' 
2 MSE A 15 ? . . . . MSE A 13 ? 1_555 . . . . . . . MET 1 MSE Selenomethionine 'Named protein modification' 
3 MSE B 3  ? . . . . MSE B 1  ? 1_555 . . . . . . . MET 1 MSE Selenomethionine 'Named protein modification' 
4 MSE B 15 ? . . . . MSE B 13 ? 1_555 . . . . . . . MET 1 MSE Selenomethionine 'Named protein modification' 
# 
loop_
_struct_sheet.id 
_struct_sheet.type 
_struct_sheet.number_strands 
_struct_sheet.details 
AA ? 5 ? 
BA ? 5 ? 
# 
loop_
_struct_sheet_order.sheet_id 
_struct_sheet_order.range_id_1 
_struct_sheet_order.range_id_2 
_struct_sheet_order.offset 
_struct_sheet_order.sense 
AA 1 2 ? anti-parallel 
AA 2 3 ? anti-parallel 
AA 3 4 ? anti-parallel 
AA 4 5 ? anti-parallel 
BA 1 2 ? anti-parallel 
BA 2 3 ? anti-parallel 
BA 3 4 ? anti-parallel 
BA 4 5 ? anti-parallel 
# 
loop_
_struct_sheet_range.sheet_id 
_struct_sheet_range.id 
_struct_sheet_range.beg_label_comp_id 
_struct_sheet_range.beg_label_asym_id 
_struct_sheet_range.beg_label_seq_id 
_struct_sheet_range.pdbx_beg_PDB_ins_code 
_struct_sheet_range.end_label_comp_id 
_struct_sheet_range.end_label_asym_id 
_struct_sheet_range.end_label_seq_id 
_struct_sheet_range.pdbx_end_PDB_ins_code 
_struct_sheet_range.beg_auth_comp_id 
_struct_sheet_range.beg_auth_asym_id 
_struct_sheet_range.beg_auth_seq_id 
_struct_sheet_range.end_auth_comp_id 
_struct_sheet_range.end_auth_asym_id 
_struct_sheet_range.end_auth_seq_id 
AA 1 MSE A 3  ? ARG A 9  ? MSE A 1  ARG A 7  
AA 2 GLN B 31 ? ASN B 37 ? GLN B 29 ASN B 35 
AA 3 VAL B 20 ? LYS B 28 ? VAL B 18 LYS B 26 
AA 4 THR B 13 ? ILE B 16 ? THR B 11 ILE B 14 
AA 5 VAL A 44 ? ARG A 46 ? VAL A 42 ARG A 44 
BA 1 SER B 2  ? ARG B 9  ? SER B -1 ARG B 7  
BA 2 GLN A 31 ? ALA A 38 ? GLN A 29 ALA A 36 
BA 3 VAL A 20 ? LYS A 28 ? VAL A 18 LYS A 26 
BA 4 THR A 13 ? ILE A 16 ? THR A 11 ILE A 14 
BA 5 VAL B 44 ? ARG B 46 ? VAL B 42 ARG B 44 
# 
loop_
_pdbx_struct_sheet_hbond.sheet_id 
_pdbx_struct_sheet_hbond.range_id_1 
_pdbx_struct_sheet_hbond.range_id_2 
_pdbx_struct_sheet_hbond.range_1_label_atom_id 
_pdbx_struct_sheet_hbond.range_1_label_comp_id 
_pdbx_struct_sheet_hbond.range_1_label_asym_id 
_pdbx_struct_sheet_hbond.range_1_label_seq_id 
_pdbx_struct_sheet_hbond.range_1_PDB_ins_code 
_pdbx_struct_sheet_hbond.range_1_auth_atom_id 
_pdbx_struct_sheet_hbond.range_1_auth_comp_id 
_pdbx_struct_sheet_hbond.range_1_auth_asym_id 
_pdbx_struct_sheet_hbond.range_1_auth_seq_id 
_pdbx_struct_sheet_hbond.range_2_label_atom_id 
_pdbx_struct_sheet_hbond.range_2_label_comp_id 
_pdbx_struct_sheet_hbond.range_2_label_asym_id 
_pdbx_struct_sheet_hbond.range_2_label_seq_id 
_pdbx_struct_sheet_hbond.range_2_PDB_ins_code 
_pdbx_struct_sheet_hbond.range_2_auth_atom_id 
_pdbx_struct_sheet_hbond.range_2_auth_comp_id 
_pdbx_struct_sheet_hbond.range_2_auth_asym_id 
_pdbx_struct_sheet_hbond.range_2_auth_seq_id 
AA 1 2 N ARG A 8  ? N ARG A 6  O VAL B 32 ? O VAL B 30 
AA 2 3 N ASN B 37 ? N ASN B 35 O THR B 21 ? O THR B 19 
AA 3 4 N VAL B 22 ? N VAL B 20 O LEU B 14 ? O LEU B 12 
AA 4 5 N MSE B 15 ? N MSE B 13 O HIS A 45 ? O HIS A 43 
BA 1 2 N ARG B 8  ? N ARG B 6  O VAL A 32 ? O VAL A 30 
BA 2 3 N ASN A 37 ? N ASN A 35 O THR A 21 ? O THR A 19 
BA 3 4 N VAL A 22 ? N VAL A 20 O LEU A 14 ? O LEU A 12 
BA 4 5 N MSE A 15 ? N MSE A 13 O HIS B 45 ? O HIS B 43 
# 
loop_
_struct_site.id 
_struct_site.pdbx_evidence_code 
_struct_site.pdbx_auth_asym_id 
_struct_site.pdbx_auth_comp_id 
_struct_site.pdbx_auth_seq_id 
_struct_site.pdbx_auth_ins_code 
_struct_site.pdbx_num_residues 
_struct_site.details 
AC1 Software ? ? ? ? 6 'BINDING SITE FOR RESIDUE SO4 A1058' 
AC2 Software ? ? ? ? 5 'BINDING SITE FOR RESIDUE ACT A1059' 
# 
loop_
_struct_site_gen.id 
_struct_site_gen.site_id 
_struct_site_gen.pdbx_num_res 
_struct_site_gen.label_comp_id 
_struct_site_gen.label_asym_id 
_struct_site_gen.label_seq_id 
_struct_site_gen.pdbx_auth_ins_code 
_struct_site_gen.auth_comp_id 
_struct_site_gen.auth_asym_id 
_struct_site_gen.auth_seq_id 
_struct_site_gen.label_atom_id 
_struct_site_gen.label_alt_id 
_struct_site_gen.symmetry 
_struct_site_gen.details 
1  AC1 6 HIS A 45 ? HIS A 43   . ? 1_555 ? 
2  AC1 6 ARG A 46 ? ARG A 44   . ? 1_555 ? 
3  AC1 6 ILE A 49 ? ILE A 47   . ? 1_555 ? 
4  AC1 6 HOH E .  ? HOH A 2016 . ? 1_555 ? 
5  AC1 6 HOH E .  ? HOH A 2019 . ? 1_555 ? 
6  AC1 6 ARG B 52 ? ARG B 50   . ? 1_555 ? 
7  AC2 5 THR A 7  ? THR A 5    . ? 1_555 ? 
8  AC2 5 ARG A 52 ? ARG A 50   . ? 1_555 ? 
9  AC2 5 ARG B 33 ? ARG B 31   . ? 1_555 ? 
10 AC2 5 ARG B 46 ? ARG B 44   . ? 1_555 ? 
11 AC2 5 HOH F .  ? HOH B 2020 . ? 1_555 ? 
# 
_pdbx_entry_details.entry_id                   2BTI 
_pdbx_entry_details.compound_details           ? 
_pdbx_entry_details.source_details             ? 
_pdbx_entry_details.nonpolymer_details         ? 
_pdbx_entry_details.sequence_details           
;THE GENOMIC SEQUENCE FOR THIS ORGANISM ARE NOT YET
PUBLISHED OR IN THE NCBI DATABASES, BUT CAN BE
RETRIEVED FROM THE SANGER INSTITUTE.
HTTP://WWW.SANGER.AC.UK/PROJECTS/Y_ENTEROCOLITICA/
;
_pdbx_entry_details.has_ligand_of_interest     ? 
_pdbx_entry_details.has_protein_modification   Y 
# 
loop_
_pdbx_validate_torsion.id 
_pdbx_validate_torsion.PDB_model_num 
_pdbx_validate_torsion.auth_comp_id 
_pdbx_validate_torsion.auth_asym_id 
_pdbx_validate_torsion.auth_seq_id 
_pdbx_validate_torsion.PDB_ins_code 
_pdbx_validate_torsion.label_alt_id 
_pdbx_validate_torsion.phi 
_pdbx_validate_torsion.psi 
1 1 SER A 56 ? ? -88.92  49.64  
2 1 GLN A 57 ? ? -168.08 -31.18 
3 1 LYS B 55 ? ? 54.34   74.44  
# 
loop_
_pdbx_struct_mod_residue.id 
_pdbx_struct_mod_residue.label_asym_id 
_pdbx_struct_mod_residue.label_comp_id 
_pdbx_struct_mod_residue.label_seq_id 
_pdbx_struct_mod_residue.auth_asym_id 
_pdbx_struct_mod_residue.auth_comp_id 
_pdbx_struct_mod_residue.auth_seq_id 
_pdbx_struct_mod_residue.PDB_ins_code 
_pdbx_struct_mod_residue.parent_comp_id 
_pdbx_struct_mod_residue.details 
1 A MSE 3  A MSE 1  ? MET SELENOMETHIONINE 
2 A MSE 15 A MSE 13 ? MET SELENOMETHIONINE 
3 B MSE 3  B MSE 1  ? MET SELENOMETHIONINE 
4 B MSE 15 B MSE 13 ? MET SELENOMETHIONINE 
# 
loop_
_pdbx_unobs_or_zero_occ_residues.id 
_pdbx_unobs_or_zero_occ_residues.PDB_model_num 
_pdbx_unobs_or_zero_occ_residues.polymer_flag 
_pdbx_unobs_or_zero_occ_residues.occupancy_flag 
_pdbx_unobs_or_zero_occ_residues.auth_asym_id 
_pdbx_unobs_or_zero_occ_residues.auth_comp_id 
_pdbx_unobs_or_zero_occ_residues.auth_seq_id 
_pdbx_unobs_or_zero_occ_residues.PDB_ins_code 
_pdbx_unobs_or_zero_occ_residues.label_asym_id 
_pdbx_unobs_or_zero_occ_residues.label_comp_id 
_pdbx_unobs_or_zero_occ_residues.label_seq_id 
1 1 Y 1 A GLY -2 ? A GLY 1  
2 1 Y 1 A THR 59 ? A THR 61 
3 1 Y 1 A SER 60 ? A SER 62 
4 1 Y 1 A TYR 61 ? A TYR 63 
5 1 Y 1 B GLN 57 ? B GLN 59 
6 1 Y 1 B PRO 58 ? B PRO 60 
7 1 Y 1 B THR 59 ? B THR 61 
8 1 Y 1 B SER 60 ? B SER 62 
9 1 Y 1 B TYR 61 ? B TYR 63 
# 
loop_
_chem_comp_atom.comp_id 
_chem_comp_atom.atom_id 
_chem_comp_atom.type_symbol 
_chem_comp_atom.pdbx_aromatic_flag 
_chem_comp_atom.pdbx_stereo_config 
_chem_comp_atom.pdbx_ordinal 
ACT C    C  N N 1   
ACT O    O  N N 2   
ACT OXT  O  N N 3   
ACT CH3  C  N N 4   
ACT H1   H  N N 5   
ACT H2   H  N N 6   
ACT H3   H  N N 7   
ALA N    N  N N 8   
ALA CA   C  N S 9   
ALA C    C  N N 10  
ALA O    O  N N 11  
ALA CB   C  N N 12  
ALA OXT  O  N N 13  
ALA H    H  N N 14  
ALA H2   H  N N 15  
ALA HA   H  N N 16  
ALA HB1  H  N N 17  
ALA HB2  H  N N 18  
ALA HB3  H  N N 19  
ALA HXT  H  N N 20  
ARG N    N  N N 21  
ARG CA   C  N S 22  
ARG C    C  N N 23  
ARG O    O  N N 24  
ARG CB   C  N N 25  
ARG CG   C  N N 26  
ARG CD   C  N N 27  
ARG NE   N  N N 28  
ARG CZ   C  N N 29  
ARG NH1  N  N N 30  
ARG NH2  N  N N 31  
ARG OXT  O  N N 32  
ARG H    H  N N 33  
ARG H2   H  N N 34  
ARG HA   H  N N 35  
ARG HB2  H  N N 36  
ARG HB3  H  N N 37  
ARG HG2  H  N N 38  
ARG HG3  H  N N 39  
ARG HD2  H  N N 40  
ARG HD3  H  N N 41  
ARG HE   H  N N 42  
ARG HH11 H  N N 43  
ARG HH12 H  N N 44  
ARG HH21 H  N N 45  
ARG HH22 H  N N 46  
ARG HXT  H  N N 47  
ASN N    N  N N 48  
ASN CA   C  N S 49  
ASN C    C  N N 50  
ASN O    O  N N 51  
ASN CB   C  N N 52  
ASN CG   C  N N 53  
ASN OD1  O  N N 54  
ASN ND2  N  N N 55  
ASN OXT  O  N N 56  
ASN H    H  N N 57  
ASN H2   H  N N 58  
ASN HA   H  N N 59  
ASN HB2  H  N N 60  
ASN HB3  H  N N 61  
ASN HD21 H  N N 62  
ASN HD22 H  N N 63  
ASN HXT  H  N N 64  
ASP N    N  N N 65  
ASP CA   C  N S 66  
ASP C    C  N N 67  
ASP O    O  N N 68  
ASP CB   C  N N 69  
ASP CG   C  N N 70  
ASP OD1  O  N N 71  
ASP OD2  O  N N 72  
ASP OXT  O  N N 73  
ASP H    H  N N 74  
ASP H2   H  N N 75  
ASP HA   H  N N 76  
ASP HB2  H  N N 77  
ASP HB3  H  N N 78  
ASP HD2  H  N N 79  
ASP HXT  H  N N 80  
GLN N    N  N N 81  
GLN CA   C  N S 82  
GLN C    C  N N 83  
GLN O    O  N N 84  
GLN CB   C  N N 85  
GLN CG   C  N N 86  
GLN CD   C  N N 87  
GLN OE1  O  N N 88  
GLN NE2  N  N N 89  
GLN OXT  O  N N 90  
GLN H    H  N N 91  
GLN H2   H  N N 92  
GLN HA   H  N N 93  
GLN HB2  H  N N 94  
GLN HB3  H  N N 95  
GLN HG2  H  N N 96  
GLN HG3  H  N N 97  
GLN HE21 H  N N 98  
GLN HE22 H  N N 99  
GLN HXT  H  N N 100 
GLU N    N  N N 101 
GLU CA   C  N S 102 
GLU C    C  N N 103 
GLU O    O  N N 104 
GLU CB   C  N N 105 
GLU CG   C  N N 106 
GLU CD   C  N N 107 
GLU OE1  O  N N 108 
GLU OE2  O  N N 109 
GLU OXT  O  N N 110 
GLU H    H  N N 111 
GLU H2   H  N N 112 
GLU HA   H  N N 113 
GLU HB2  H  N N 114 
GLU HB3  H  N N 115 
GLU HG2  H  N N 116 
GLU HG3  H  N N 117 
GLU HE2  H  N N 118 
GLU HXT  H  N N 119 
GLY N    N  N N 120 
GLY CA   C  N N 121 
GLY C    C  N N 122 
GLY O    O  N N 123 
GLY OXT  O  N N 124 
GLY H    H  N N 125 
GLY H2   H  N N 126 
GLY HA2  H  N N 127 
GLY HA3  H  N N 128 
GLY HXT  H  N N 129 
HIS N    N  N N 130 
HIS CA   C  N S 131 
HIS C    C  N N 132 
HIS O    O  N N 133 
HIS CB   C  N N 134 
HIS CG   C  Y N 135 
HIS ND1  N  Y N 136 
HIS CD2  C  Y N 137 
HIS CE1  C  Y N 138 
HIS NE2  N  Y N 139 
HIS OXT  O  N N 140 
HIS H    H  N N 141 
HIS H2   H  N N 142 
HIS HA   H  N N 143 
HIS HB2  H  N N 144 
HIS HB3  H  N N 145 
HIS HD1  H  N N 146 
HIS HD2  H  N N 147 
HIS HE1  H  N N 148 
HIS HE2  H  N N 149 
HIS HXT  H  N N 150 
HOH O    O  N N 151 
HOH H1   H  N N 152 
HOH H2   H  N N 153 
ILE N    N  N N 154 
ILE CA   C  N S 155 
ILE C    C  N N 156 
ILE O    O  N N 157 
ILE CB   C  N S 158 
ILE CG1  C  N N 159 
ILE CG2  C  N N 160 
ILE CD1  C  N N 161 
ILE OXT  O  N N 162 
ILE H    H  N N 163 
ILE H2   H  N N 164 
ILE HA   H  N N 165 
ILE HB   H  N N 166 
ILE HG12 H  N N 167 
ILE HG13 H  N N 168 
ILE HG21 H  N N 169 
ILE HG22 H  N N 170 
ILE HG23 H  N N 171 
ILE HD11 H  N N 172 
ILE HD12 H  N N 173 
ILE HD13 H  N N 174 
ILE HXT  H  N N 175 
LEU N    N  N N 176 
LEU CA   C  N S 177 
LEU C    C  N N 178 
LEU O    O  N N 179 
LEU CB   C  N N 180 
LEU CG   C  N N 181 
LEU CD1  C  N N 182 
LEU CD2  C  N N 183 
LEU OXT  O  N N 184 
LEU H    H  N N 185 
LEU H2   H  N N 186 
LEU HA   H  N N 187 
LEU HB2  H  N N 188 
LEU HB3  H  N N 189 
LEU HG   H  N N 190 
LEU HD11 H  N N 191 
LEU HD12 H  N N 192 
LEU HD13 H  N N 193 
LEU HD21 H  N N 194 
LEU HD22 H  N N 195 
LEU HD23 H  N N 196 
LEU HXT  H  N N 197 
LYS N    N  N N 198 
LYS CA   C  N S 199 
LYS C    C  N N 200 
LYS O    O  N N 201 
LYS CB   C  N N 202 
LYS CG   C  N N 203 
LYS CD   C  N N 204 
LYS CE   C  N N 205 
LYS NZ   N  N N 206 
LYS OXT  O  N N 207 
LYS H    H  N N 208 
LYS H2   H  N N 209 
LYS HA   H  N N 210 
LYS HB2  H  N N 211 
LYS HB3  H  N N 212 
LYS HG2  H  N N 213 
LYS HG3  H  N N 214 
LYS HD2  H  N N 215 
LYS HD3  H  N N 216 
LYS HE2  H  N N 217 
LYS HE3  H  N N 218 
LYS HZ1  H  N N 219 
LYS HZ2  H  N N 220 
LYS HZ3  H  N N 221 
LYS HXT  H  N N 222 
MSE N    N  N N 223 
MSE CA   C  N S 224 
MSE C    C  N N 225 
MSE O    O  N N 226 
MSE OXT  O  N N 227 
MSE CB   C  N N 228 
MSE CG   C  N N 229 
MSE SE   SE N N 230 
MSE CE   C  N N 231 
MSE H    H  N N 232 
MSE H2   H  N N 233 
MSE HA   H  N N 234 
MSE HXT  H  N N 235 
MSE HB2  H  N N 236 
MSE HB3  H  N N 237 
MSE HG2  H  N N 238 
MSE HG3  H  N N 239 
MSE HE1  H  N N 240 
MSE HE2  H  N N 241 
MSE HE3  H  N N 242 
PRO N    N  N N 243 
PRO CA   C  N S 244 
PRO C    C  N N 245 
PRO O    O  N N 246 
PRO CB   C  N N 247 
PRO CG   C  N N 248 
PRO CD   C  N N 249 
PRO OXT  O  N N 250 
PRO H    H  N N 251 
PRO HA   H  N N 252 
PRO HB2  H  N N 253 
PRO HB3  H  N N 254 
PRO HG2  H  N N 255 
PRO HG3  H  N N 256 
PRO HD2  H  N N 257 
PRO HD3  H  N N 258 
PRO HXT  H  N N 259 
SER N    N  N N 260 
SER CA   C  N S 261 
SER C    C  N N 262 
SER O    O  N N 263 
SER CB   C  N N 264 
SER OG   O  N N 265 
SER OXT  O  N N 266 
SER H    H  N N 267 
SER H2   H  N N 268 
SER HA   H  N N 269 
SER HB2  H  N N 270 
SER HB3  H  N N 271 
SER HG   H  N N 272 
SER HXT  H  N N 273 
SO4 S    S  N N 274 
SO4 O1   O  N N 275 
SO4 O2   O  N N 276 
SO4 O3   O  N N 277 
SO4 O4   O  N N 278 
THR N    N  N N 279 
THR CA   C  N S 280 
THR C    C  N N 281 
THR O    O  N N 282 
THR CB   C  N R 283 
THR OG1  O  N N 284 
THR CG2  C  N N 285 
THR OXT  O  N N 286 
THR H    H  N N 287 
THR H2   H  N N 288 
THR HA   H  N N 289 
THR HB   H  N N 290 
THR HG1  H  N N 291 
THR HG21 H  N N 292 
THR HG22 H  N N 293 
THR HG23 H  N N 294 
THR HXT  H  N N 295 
TYR N    N  N N 296 
TYR CA   C  N S 297 
TYR C    C  N N 298 
TYR O    O  N N 299 
TYR CB   C  N N 300 
TYR CG   C  Y N 301 
TYR CD1  C  Y N 302 
TYR CD2  C  Y N 303 
TYR CE1  C  Y N 304 
TYR CE2  C  Y N 305 
TYR CZ   C  Y N 306 
TYR OH   O  N N 307 
TYR OXT  O  N N 308 
TYR H    H  N N 309 
TYR H2   H  N N 310 
TYR HA   H  N N 311 
TYR HB2  H  N N 312 
TYR HB3  H  N N 313 
TYR HD1  H  N N 314 
TYR HD2  H  N N 315 
TYR HE1  H  N N 316 
TYR HE2  H  N N 317 
TYR HH   H  N N 318 
TYR HXT  H  N N 319 
VAL N    N  N N 320 
VAL CA   C  N S 321 
VAL C    C  N N 322 
VAL O    O  N N 323 
VAL CB   C  N N 324 
VAL CG1  C  N N 325 
VAL CG2  C  N N 326 
VAL OXT  O  N N 327 
VAL H    H  N N 328 
VAL H2   H  N N 329 
VAL HA   H  N N 330 
VAL HB   H  N N 331 
VAL HG11 H  N N 332 
VAL HG12 H  N N 333 
VAL HG13 H  N N 334 
VAL HG21 H  N N 335 
VAL HG22 H  N N 336 
VAL HG23 H  N N 337 
VAL HXT  H  N N 338 
# 
loop_
_chem_comp_bond.comp_id 
_chem_comp_bond.atom_id_1 
_chem_comp_bond.atom_id_2 
_chem_comp_bond.value_order 
_chem_comp_bond.pdbx_aromatic_flag 
_chem_comp_bond.pdbx_stereo_config 
_chem_comp_bond.pdbx_ordinal 
ACT C   O    doub N N 1   
ACT C   OXT  sing N N 2   
ACT C   CH3  sing N N 3   
ACT CH3 H1   sing N N 4   
ACT CH3 H2   sing N N 5   
ACT CH3 H3   sing N N 6   
ALA N   CA   sing N N 7   
ALA N   H    sing N N 8   
ALA N   H2   sing N N 9   
ALA CA  C    sing N N 10  
ALA CA  CB   sing N N 11  
ALA CA  HA   sing N N 12  
ALA C   O    doub N N 13  
ALA C   OXT  sing N N 14  
ALA CB  HB1  sing N N 15  
ALA CB  HB2  sing N N 16  
ALA CB  HB3  sing N N 17  
ALA OXT HXT  sing N N 18  
ARG N   CA   sing N N 19  
ARG N   H    sing N N 20  
ARG N   H2   sing N N 21  
ARG CA  C    sing N N 22  
ARG CA  CB   sing N N 23  
ARG CA  HA   sing N N 24  
ARG C   O    doub N N 25  
ARG C   OXT  sing N N 26  
ARG CB  CG   sing N N 27  
ARG CB  HB2  sing N N 28  
ARG CB  HB3  sing N N 29  
ARG CG  CD   sing N N 30  
ARG CG  HG2  sing N N 31  
ARG CG  HG3  sing N N 32  
ARG CD  NE   sing N N 33  
ARG CD  HD2  sing N N 34  
ARG CD  HD3  sing N N 35  
ARG NE  CZ   sing N N 36  
ARG NE  HE   sing N N 37  
ARG CZ  NH1  sing N N 38  
ARG CZ  NH2  doub N N 39  
ARG NH1 HH11 sing N N 40  
ARG NH1 HH12 sing N N 41  
ARG NH2 HH21 sing N N 42  
ARG NH2 HH22 sing N N 43  
ARG OXT HXT  sing N N 44  
ASN N   CA   sing N N 45  
ASN N   H    sing N N 46  
ASN N   H2   sing N N 47  
ASN CA  C    sing N N 48  
ASN CA  CB   sing N N 49  
ASN CA  HA   sing N N 50  
ASN C   O    doub N N 51  
ASN C   OXT  sing N N 52  
ASN CB  CG   sing N N 53  
ASN CB  HB2  sing N N 54  
ASN CB  HB3  sing N N 55  
ASN CG  OD1  doub N N 56  
ASN CG  ND2  sing N N 57  
ASN ND2 HD21 sing N N 58  
ASN ND2 HD22 sing N N 59  
ASN OXT HXT  sing N N 60  
ASP N   CA   sing N N 61  
ASP N   H    sing N N 62  
ASP N   H2   sing N N 63  
ASP CA  C    sing N N 64  
ASP CA  CB   sing N N 65  
ASP CA  HA   sing N N 66  
ASP C   O    doub N N 67  
ASP C   OXT  sing N N 68  
ASP CB  CG   sing N N 69  
ASP CB  HB2  sing N N 70  
ASP CB  HB3  sing N N 71  
ASP CG  OD1  doub N N 72  
ASP CG  OD2  sing N N 73  
ASP OD2 HD2  sing N N 74  
ASP OXT HXT  sing N N 75  
GLN N   CA   sing N N 76  
GLN N   H    sing N N 77  
GLN N   H2   sing N N 78  
GLN CA  C    sing N N 79  
GLN CA  CB   sing N N 80  
GLN CA  HA   sing N N 81  
GLN C   O    doub N N 82  
GLN C   OXT  sing N N 83  
GLN CB  CG   sing N N 84  
GLN CB  HB2  sing N N 85  
GLN CB  HB3  sing N N 86  
GLN CG  CD   sing N N 87  
GLN CG  HG2  sing N N 88  
GLN CG  HG3  sing N N 89  
GLN CD  OE1  doub N N 90  
GLN CD  NE2  sing N N 91  
GLN NE2 HE21 sing N N 92  
GLN NE2 HE22 sing N N 93  
GLN OXT HXT  sing N N 94  
GLU N   CA   sing N N 95  
GLU N   H    sing N N 96  
GLU N   H2   sing N N 97  
GLU CA  C    sing N N 98  
GLU CA  CB   sing N N 99  
GLU CA  HA   sing N N 100 
GLU C   O    doub N N 101 
GLU C   OXT  sing N N 102 
GLU CB  CG   sing N N 103 
GLU CB  HB2  sing N N 104 
GLU CB  HB3  sing N N 105 
GLU CG  CD   sing N N 106 
GLU CG  HG2  sing N N 107 
GLU CG  HG3  sing N N 108 
GLU CD  OE1  doub N N 109 
GLU CD  OE2  sing N N 110 
GLU OE2 HE2  sing N N 111 
GLU OXT HXT  sing N N 112 
GLY N   CA   sing N N 113 
GLY N   H    sing N N 114 
GLY N   H2   sing N N 115 
GLY CA  C    sing N N 116 
GLY CA  HA2  sing N N 117 
GLY CA  HA3  sing N N 118 
GLY C   O    doub N N 119 
GLY C   OXT  sing N N 120 
GLY OXT HXT  sing N N 121 
HIS N   CA   sing N N 122 
HIS N   H    sing N N 123 
HIS N   H2   sing N N 124 
HIS CA  C    sing N N 125 
HIS CA  CB   sing N N 126 
HIS CA  HA   sing N N 127 
HIS C   O    doub N N 128 
HIS C   OXT  sing N N 129 
HIS CB  CG   sing N N 130 
HIS CB  HB2  sing N N 131 
HIS CB  HB3  sing N N 132 
HIS CG  ND1  sing Y N 133 
HIS CG  CD2  doub Y N 134 
HIS ND1 CE1  doub Y N 135 
HIS ND1 HD1  sing N N 136 
HIS CD2 NE2  sing Y N 137 
HIS CD2 HD2  sing N N 138 
HIS CE1 NE2  sing Y N 139 
HIS CE1 HE1  sing N N 140 
HIS NE2 HE2  sing N N 141 
HIS OXT HXT  sing N N 142 
HOH O   H1   sing N N 143 
HOH O   H2   sing N N 144 
ILE N   CA   sing N N 145 
ILE N   H    sing N N 146 
ILE N   H2   sing N N 147 
ILE CA  C    sing N N 148 
ILE CA  CB   sing N N 149 
ILE CA  HA   sing N N 150 
ILE C   O    doub N N 151 
ILE C   OXT  sing N N 152 
ILE CB  CG1  sing N N 153 
ILE CB  CG2  sing N N 154 
ILE CB  HB   sing N N 155 
ILE CG1 CD1  sing N N 156 
ILE CG1 HG12 sing N N 157 
ILE CG1 HG13 sing N N 158 
ILE CG2 HG21 sing N N 159 
ILE CG2 HG22 sing N N 160 
ILE CG2 HG23 sing N N 161 
ILE CD1 HD11 sing N N 162 
ILE CD1 HD12 sing N N 163 
ILE CD1 HD13 sing N N 164 
ILE OXT HXT  sing N N 165 
LEU N   CA   sing N N 166 
LEU N   H    sing N N 167 
LEU N   H2   sing N N 168 
LEU CA  C    sing N N 169 
LEU CA  CB   sing N N 170 
LEU CA  HA   sing N N 171 
LEU C   O    doub N N 172 
LEU C   OXT  sing N N 173 
LEU CB  CG   sing N N 174 
LEU CB  HB2  sing N N 175 
LEU CB  HB3  sing N N 176 
LEU CG  CD1  sing N N 177 
LEU CG  CD2  sing N N 178 
LEU CG  HG   sing N N 179 
LEU CD1 HD11 sing N N 180 
LEU CD1 HD12 sing N N 181 
LEU CD1 HD13 sing N N 182 
LEU CD2 HD21 sing N N 183 
LEU CD2 HD22 sing N N 184 
LEU CD2 HD23 sing N N 185 
LEU OXT HXT  sing N N 186 
LYS N   CA   sing N N 187 
LYS N   H    sing N N 188 
LYS N   H2   sing N N 189 
LYS CA  C    sing N N 190 
LYS CA  CB   sing N N 191 
LYS CA  HA   sing N N 192 
LYS C   O    doub N N 193 
LYS C   OXT  sing N N 194 
LYS CB  CG   sing N N 195 
LYS CB  HB2  sing N N 196 
LYS CB  HB3  sing N N 197 
LYS CG  CD   sing N N 198 
LYS CG  HG2  sing N N 199 
LYS CG  HG3  sing N N 200 
LYS CD  CE   sing N N 201 
LYS CD  HD2  sing N N 202 
LYS CD  HD3  sing N N 203 
LYS CE  NZ   sing N N 204 
LYS CE  HE2  sing N N 205 
LYS CE  HE3  sing N N 206 
LYS NZ  HZ1  sing N N 207 
LYS NZ  HZ2  sing N N 208 
LYS NZ  HZ3  sing N N 209 
LYS OXT HXT  sing N N 210 
MSE N   CA   sing N N 211 
MSE N   H    sing N N 212 
MSE N   H2   sing N N 213 
MSE CA  C    sing N N 214 
MSE CA  CB   sing N N 215 
MSE CA  HA   sing N N 216 
MSE C   O    doub N N 217 
MSE C   OXT  sing N N 218 
MSE OXT HXT  sing N N 219 
MSE CB  CG   sing N N 220 
MSE CB  HB2  sing N N 221 
MSE CB  HB3  sing N N 222 
MSE CG  SE   sing N N 223 
MSE CG  HG2  sing N N 224 
MSE CG  HG3  sing N N 225 
MSE SE  CE   sing N N 226 
MSE CE  HE1  sing N N 227 
MSE CE  HE2  sing N N 228 
MSE CE  HE3  sing N N 229 
PRO N   CA   sing N N 230 
PRO N   CD   sing N N 231 
PRO N   H    sing N N 232 
PRO CA  C    sing N N 233 
PRO CA  CB   sing N N 234 
PRO CA  HA   sing N N 235 
PRO C   O    doub N N 236 
PRO C   OXT  sing N N 237 
PRO CB  CG   sing N N 238 
PRO CB  HB2  sing N N 239 
PRO CB  HB3  sing N N 240 
PRO CG  CD   sing N N 241 
PRO CG  HG2  sing N N 242 
PRO CG  HG3  sing N N 243 
PRO CD  HD2  sing N N 244 
PRO CD  HD3  sing N N 245 
PRO OXT HXT  sing N N 246 
SER N   CA   sing N N 247 
SER N   H    sing N N 248 
SER N   H2   sing N N 249 
SER CA  C    sing N N 250 
SER CA  CB   sing N N 251 
SER CA  HA   sing N N 252 
SER C   O    doub N N 253 
SER C   OXT  sing N N 254 
SER CB  OG   sing N N 255 
SER CB  HB2  sing N N 256 
SER CB  HB3  sing N N 257 
SER OG  HG   sing N N 258 
SER OXT HXT  sing N N 259 
SO4 S   O1   doub N N 260 
SO4 S   O2   doub N N 261 
SO4 S   O3   sing N N 262 
SO4 S   O4   sing N N 263 
THR N   CA   sing N N 264 
THR N   H    sing N N 265 
THR N   H2   sing N N 266 
THR CA  C    sing N N 267 
THR CA  CB   sing N N 268 
THR CA  HA   sing N N 269 
THR C   O    doub N N 270 
THR C   OXT  sing N N 271 
THR CB  OG1  sing N N 272 
THR CB  CG2  sing N N 273 
THR CB  HB   sing N N 274 
THR OG1 HG1  sing N N 275 
THR CG2 HG21 sing N N 276 
THR CG2 HG22 sing N N 277 
THR CG2 HG23 sing N N 278 
THR OXT HXT  sing N N 279 
TYR N   CA   sing N N 280 
TYR N   H    sing N N 281 
TYR N   H2   sing N N 282 
TYR CA  C    sing N N 283 
TYR CA  CB   sing N N 284 
TYR CA  HA   sing N N 285 
TYR C   O    doub N N 286 
TYR C   OXT  sing N N 287 
TYR CB  CG   sing N N 288 
TYR CB  HB2  sing N N 289 
TYR CB  HB3  sing N N 290 
TYR CG  CD1  doub Y N 291 
TYR CG  CD2  sing Y N 292 
TYR CD1 CE1  sing Y N 293 
TYR CD1 HD1  sing N N 294 
TYR CD2 CE2  doub Y N 295 
TYR CD2 HD2  sing N N 296 
TYR CE1 CZ   doub Y N 297 
TYR CE1 HE1  sing N N 298 
TYR CE2 CZ   sing Y N 299 
TYR CE2 HE2  sing N N 300 
TYR CZ  OH   sing N N 301 
TYR OH  HH   sing N N 302 
TYR OXT HXT  sing N N 303 
VAL N   CA   sing N N 304 
VAL N   H    sing N N 305 
VAL N   H2   sing N N 306 
VAL CA  C    sing N N 307 
VAL CA  CB   sing N N 308 
VAL CA  HA   sing N N 309 
VAL C   O    doub N N 310 
VAL C   OXT  sing N N 311 
VAL CB  CG1  sing N N 312 
VAL CB  CG2  sing N N 313 
VAL CB  HB   sing N N 314 
VAL CG1 HG11 sing N N 315 
VAL CG1 HG12 sing N N 316 
VAL CG1 HG13 sing N N 317 
VAL CG2 HG21 sing N N 318 
VAL CG2 HG22 sing N N 319 
VAL CG2 HG23 sing N N 320 
VAL OXT HXT  sing N N 321 
# 
_atom_sites.entry_id                    2BTI 
_atom_sites.fract_transf_matrix[1][1]   -0.00622663 
_atom_sites.fract_transf_matrix[1][2]   0.02570221 
_atom_sites.fract_transf_matrix[1][3]   0.00299730 
_atom_sites.fract_transf_matrix[2][1]   -0.00693217 
_atom_sites.fract_transf_matrix[2][2]   0.00131331 
_atom_sites.fract_transf_matrix[2][3]   -0.02566278 
_atom_sites.fract_transf_matrix[3][1]   -0.00502920 
_atom_sites.fract_transf_matrix[3][2]   -0.00136863 
_atom_sites.fract_transf_matrix[3][3]   0.00128847 
_atom_sites.fract_transf_vector[1]      0.037595 
_atom_sites.fract_transf_vector[2]      -0.160762 
_atom_sites.fract_transf_vector[3]      -0.060849 
# 
loop_
_atom_type.symbol 
C  
N  
O  
S  
SE 
# 
loop_
_atom_site.group_PDB 
_atom_site.id 
_atom_site.type_symbol 
_atom_site.label_atom_id 
_atom_site.label_alt_id 
_atom_site.label_comp_id 
_atom_site.label_asym_id 
_atom_site.label_entity_id 
_atom_site.label_seq_id 
_atom_site.pdbx_PDB_ins_code 
_atom_site.Cartn_x 
_atom_site.Cartn_y 
_atom_site.Cartn_z 
_atom_site.occupancy 
_atom_site.B_iso_or_equiv 
_atom_site.pdbx_formal_charge 
_atom_site.auth_seq_id 
_atom_site.auth_comp_id 
_atom_site.auth_asym_id 
_atom_site.auth_atom_id 
_atom_site.pdbx_PDB_model_num 
ATOM   1   N  N   . SER A 1 2  ? 15.378  1.209   2.564   1.00 40.53 ? -1   SER A N   1 
ATOM   2   C  CA  . SER A 1 2  ? 15.408  0.478   1.263   1.00 41.19 ? -1   SER A CA  1 
ATOM   3   C  C   . SER A 1 2  ? 13.974  0.209   0.795   1.00 39.08 ? -1   SER A C   1 
ATOM   4   O  O   . SER A 1 2  ? 13.087  -0.022  1.611   1.00 39.66 ? -1   SER A O   1 
ATOM   5   C  CB  . SER A 1 2  ? 16.175  -0.837  1.430   1.00 40.65 ? -1   SER A CB  1 
ATOM   6   O  OG  . SER A 1 2  ? 16.502  -1.403  0.172   1.00 43.05 ? -1   SER A OG  1 
HETATM 7   N  N   . MSE A 1 3  ? 13.748  0.252   -0.516  1.00 36.03 ? 1    MSE A N   1 
HETATM 8   C  CA  . MSE A 1 3  ? 12.413  0.029   -1.065  1.00 34.08 ? 1    MSE A CA  1 
HETATM 9   C  C   . MSE A 1 3  ? 12.177  -1.417  -1.476  1.00 34.73 ? 1    MSE A C   1 
HETATM 10  O  O   . MSE A 1 3  ? 12.939  -1.990  -2.257  1.00 34.74 ? 1    MSE A O   1 
HETATM 11  C  CB  . MSE A 1 3  ? 12.169  0.936   -2.278  1.00 34.82 ? 1    MSE A CB  1 
HETATM 12  C  CG  . MSE A 1 3  ? 10.785  0.776   -2.906  1.00 38.79 ? 1    MSE A CG  1 
HETATM 13  SE SE  . MSE A 1 3  ? 10.567  1.789   -4.547  1.00 41.85 ? 1    MSE A SE  1 
HETATM 14  C  CE  . MSE A 1 3  ? 9.994   3.471   -3.798  1.00 39.69 ? 1    MSE A CE  1 
ATOM   15  N  N   . LEU A 1 4  ? 11.111  -2.003  -0.946  1.00 31.57 ? 2    LEU A N   1 
ATOM   16  C  CA  . LEU A 1 4  ? 10.765  -3.374  -1.280  1.00 31.20 ? 2    LEU A CA  1 
ATOM   17  C  C   . LEU A 1 4  ? 9.939   -3.311  -2.563  1.00 30.11 ? 2    LEU A C   1 
ATOM   18  O  O   . LEU A 1 4  ? 8.882   -2.675  -2.612  1.00 27.60 ? 2    LEU A O   1 
ATOM   19  C  CB  . LEU A 1 4  ? 9.960   -4.003  -0.140  1.00 35.69 ? 2    LEU A CB  1 
ATOM   20  C  CG  . LEU A 1 4  ? 9.667   -5.505  -0.192  1.00 42.85 ? 2    LEU A CG  1 
ATOM   21  C  CD1 . LEU A 1 4  ? 9.193   -5.974  1.174   1.00 46.70 ? 2    LEU A CD1 1 
ATOM   22  C  CD2 . LEU A 1 4  ? 8.620   -5.800  -1.249  1.00 45.76 ? 2    LEU A CD2 1 
ATOM   23  N  N   . ILE A 1 5  ? 10.425  -3.964  -3.608  1.00 25.67 ? 3    ILE A N   1 
ATOM   24  C  CA  . ILE A 1 5  ? 9.723   -3.955  -4.883  1.00 28.10 ? 3    ILE A CA  1 
ATOM   25  C  C   . ILE A 1 5  ? 9.179   -5.336  -5.205  1.00 31.38 ? 3    ILE A C   1 
ATOM   26  O  O   . ILE A 1 5  ? 9.922   -6.317  -5.211  1.00 30.65 ? 3    ILE A O   1 
ATOM   27  C  CB  . ILE A 1 5  ? 10.665  -3.470  -6.014  1.00 29.13 ? 3    ILE A CB  1 
ATOM   28  C  CG1 . ILE A 1 5  ? 11.157  -2.057  -5.688  1.00 27.62 ? 3    ILE A CG1 1 
ATOM   29  C  CG2 . ILE A 1 5  ? 9.941   -3.480  -7.358  1.00 28.57 ? 3    ILE A CG2 1 
ATOM   30  C  CD1 . ILE A 1 5  ? 12.159  -1.506  -6.674  1.00 30.66 ? 3    ILE A CD1 1 
ATOM   31  N  N   . LEU A 1 6  ? 7.873   -5.410  -5.454  1.00 29.03 ? 4    LEU A N   1 
ATOM   32  C  CA  . LEU A 1 6  ? 7.226   -6.676  -5.781  1.00 32.18 ? 4    LEU A CA  1 
ATOM   33  C  C   . LEU A 1 6  ? 6.049   -6.500  -6.731  1.00 31.43 ? 4    LEU A C   1 
ATOM   34  O  O   . LEU A 1 6  ? 5.702   -5.386  -7.124  1.00 30.69 ? 4    LEU A O   1 
ATOM   35  C  CB  . LEU A 1 6  ? 6.756   -7.375  -4.501  1.00 35.97 ? 4    LEU A CB  1 
ATOM   36  C  CG  . LEU A 1 6  ? 5.963   -6.550  -3.484  1.00 39.15 ? 4    LEU A CG  1 
ATOM   37  C  CD1 . LEU A 1 6  ? 4.618   -6.142  -4.058  1.00 43.11 ? 4    LEU A CD1 1 
ATOM   38  C  CD2 . LEU A 1 6  ? 5.768   -7.377  -2.225  1.00 47.29 ? 4    LEU A CD2 1 
ATOM   39  N  N   . THR A 1 7  ? 5.438   -7.613  -7.104  1.00 30.64 ? 5    THR A N   1 
ATOM   40  C  CA  . THR A 1 7  ? 4.296   -7.576  -8.000  1.00 30.15 ? 5    THR A CA  1 
ATOM   41  C  C   . THR A 1 7  ? 3.036   -8.042  -7.282  1.00 28.58 ? 5    THR A C   1 
ATOM   42  O  O   . THR A 1 7  ? 3.082   -8.930  -6.433  1.00 29.08 ? 5    THR A O   1 
ATOM   43  C  CB  . THR A 1 7  ? 4.528   -8.474  -9.239  1.00 29.39 ? 5    THR A CB  1 
ATOM   44  O  OG1 . THR A 1 7  ? 5.623   -7.952  -10.003 1.00 36.43 ? 5    THR A OG1 1 
ATOM   45  C  CG2 . THR A 1 7  ? 3.285   -8.505  -10.122 1.00 33.60 ? 5    THR A CG2 1 
ATOM   46  N  N   . ARG A 1 8  ? 1.917   -7.407  -7.610  1.00 30.52 ? 6    ARG A N   1 
ATOM   47  C  CA  . ARG A 1 8  ? 0.623   -7.768  -7.044  1.00 30.96 ? 6    ARG A CA  1 
ATOM   48  C  C   . ARG A 1 8  ? -0.387  -7.715  -8.185  1.00 31.52 ? 6    ARG A C   1 
ATOM   49  O  O   . ARG A 1 8  ? -0.533  -6.684  -8.847  1.00 31.61 ? 6    ARG A O   1 
ATOM   50  C  CB  . ARG A 1 8  ? 0.196   -6.784  -5.944  1.00 30.54 ? 6    ARG A CB  1 
ATOM   51  C  CG  . ARG A 1 8  ? 0.972   -6.872  -4.613  1.00 29.54 ? 6    ARG A CG  1 
ATOM   52  C  CD  . ARG A 1 8  ? 0.585   -8.095  -3.779  1.00 29.01 ? 6    ARG A CD  1 
ATOM   53  N  NE  . ARG A 1 8  ? 1.155   -9.332  -4.311  1.00 28.79 ? 6    ARG A NE  1 
ATOM   54  C  CZ  . ARG A 1 8  ? 0.963   -10.538 -3.785  1.00 29.44 ? 6    ARG A CZ  1 
ATOM   55  N  NH1 . ARG A 1 8  ? 0.208   -10.687 -2.702  1.00 26.15 ? 6    ARG A NH1 1 
ATOM   56  N  NH2 . ARG A 1 8  ? 1.541   -11.600 -4.337  1.00 27.27 ? 6    ARG A NH2 1 
ATOM   57  N  N   . ARG A 1 9  ? -1.066  -8.830  -8.436  1.00 30.00 ? 7    ARG A N   1 
ATOM   58  C  CA  . ARG A 1 9  ? -2.077  -8.864  -9.492  1.00 30.82 ? 7    ARG A CA  1 
ATOM   59  C  C   . ARG A 1 9  ? -3.385  -8.352  -8.912  1.00 29.75 ? 7    ARG A C   1 
ATOM   60  O  O   . ARG A 1 9  ? -3.543  -8.273  -7.689  1.00 27.89 ? 7    ARG A O   1 
ATOM   61  C  CB  . ARG A 1 9  ? -2.309  -10.290 -9.994  1.00 36.61 ? 7    ARG A CB  1 
ATOM   62  C  CG  . ARG A 1 9  ? -1.132  -10.939 -10.693 1.00 45.45 ? 7    ARG A CG  1 
ATOM   63  C  CD  . ARG A 1 9  ? -1.552  -12.308 -11.209 1.00 57.77 ? 7    ARG A CD  1 
ATOM   64  N  NE  . ARG A 1 9  ? -0.430  -13.098 -11.706 1.00 69.20 ? 7    ARG A NE  1 
ATOM   65  C  CZ  . ARG A 1 9  ? -0.546  -14.336 -12.178 1.00 76.58 ? 7    ARG A CZ  1 
ATOM   66  N  NH1 . ARG A 1 9  ? -1.735  -14.926 -12.217 1.00 76.77 ? 7    ARG A NH1 1 
ATOM   67  N  NH2 . ARG A 1 9  ? 0.528   -14.990 -12.607 1.00 78.92 ? 7    ARG A NH2 1 
ATOM   68  N  N   . VAL A 1 10 ? -4.323  -8.003  -9.784  1.00 29.21 ? 8    VAL A N   1 
ATOM   69  C  CA  . VAL A 1 10 ? -5.624  -7.546  -9.330  1.00 30.92 ? 8    VAL A CA  1 
ATOM   70  C  C   . VAL A 1 10 ? -6.189  -8.668  -8.454  1.00 32.29 ? 8    VAL A C   1 
ATOM   71  O  O   . VAL A 1 10 ? -6.136  -9.843  -8.829  1.00 33.06 ? 8    VAL A O   1 
ATOM   72  C  CB  . VAL A 1 10 ? -6.570  -7.284  -10.521 1.00 32.50 ? 8    VAL A CB  1 
ATOM   73  C  CG1 . VAL A 1 10 ? -7.975  -6.985  -10.017 1.00 33.81 ? 8    VAL A CG1 1 
ATOM   74  C  CG2 . VAL A 1 10 ? -6.053  -6.111  -11.336 1.00 30.14 ? 8    VAL A CG2 1 
ATOM   75  N  N   . GLY A 1 11 ? -6.712  -8.302  -7.287  1.00 30.32 ? 9    GLY A N   1 
ATOM   76  C  CA  . GLY A 1 11 ? -7.258  -9.289  -6.371  1.00 29.18 ? 9    GLY A CA  1 
ATOM   77  C  C   . GLY A 1 11 ? -6.259  -9.728  -5.308  1.00 29.98 ? 9    GLY A C   1 
ATOM   78  O  O   . GLY A 1 11 ? -6.636  -10.363 -4.315  1.00 28.33 ? 9    GLY A O   1 
ATOM   79  N  N   . GLU A 1 12 ? -4.983  -9.394  -5.505  1.00 29.35 ? 10   GLU A N   1 
ATOM   80  C  CA  . GLU A 1 12 ? -3.953  -9.772  -4.543  1.00 29.31 ? 10   GLU A CA  1 
ATOM   81  C  C   . GLU A 1 12 ? -3.727  -8.703  -3.491  1.00 27.36 ? 10   GLU A C   1 
ATOM   82  O  O   . GLU A 1 12 ? -3.907  -7.507  -3.740  1.00 26.55 ? 10   GLU A O   1 
ATOM   83  C  CB  . GLU A 1 12 ? -2.641  -10.114 -5.253  1.00 29.71 ? 10   GLU A CB  1 
ATOM   84  C  CG  . GLU A 1 12 ? -2.753  -11.347 -6.133  1.00 35.33 ? 10   GLU A CG  1 
ATOM   85  C  CD  . GLU A 1 12 ? -1.408  -11.968 -6.453  1.00 40.04 ? 10   GLU A CD  1 
ATOM   86  O  OE1 . GLU A 1 12 ? -0.491  -11.236 -6.881  1.00 40.86 ? 10   GLU A OE1 1 
ATOM   87  O  OE2 . GLU A 1 12 ? -1.271  -13.197 -6.277  1.00 46.73 ? 10   GLU A OE2 1 
ATOM   88  N  N   . THR A 1 13 ? -3.307  -9.156  -2.317  1.00 26.99 ? 11   THR A N   1 
ATOM   89  C  CA  . THR A 1 13 ? -3.110  -8.291  -1.169  1.00 26.08 ? 11   THR A CA  1 
ATOM   90  C  C   . THR A 1 13 ? -1.714  -8.308  -0.559  1.00 25.83 ? 11   THR A C   1 
ATOM   91  O  O   . THR A 1 13 ? -0.999  -9.310  -0.593  1.00 25.63 ? 11   THR A O   1 
ATOM   92  C  CB  . THR A 1 13 ? -4.147  -8.664  -0.083  1.00 27.04 ? 11   THR A CB  1 
ATOM   93  O  OG1 . THR A 1 13 ? -5.461  -8.414  -0.593  1.00 27.47 ? 11   THR A OG1 1 
ATOM   94  C  CG2 . THR A 1 13 ? -3.933  -7.871  1.200   1.00 22.14 ? 11   THR A CG2 1 
ATOM   95  N  N   . LEU A 1 14 ? -1.340  -7.164  -0.005  1.00 24.17 ? 12   LEU A N   1 
ATOM   96  C  CA  . LEU A 1 14 ? -0.061  -6.999  0.650   1.00 28.26 ? 12   LEU A CA  1 
ATOM   97  C  C   . LEU A 1 14 ? -0.379  -6.626  2.100   1.00 28.64 ? 12   LEU A C   1 
ATOM   98  O  O   . LEU A 1 14 ? -1.260  -5.802  2.360   1.00 27.10 ? 12   LEU A O   1 
ATOM   99  C  CB  . LEU A 1 14 ? 0.721   -5.883  -0.050  1.00 38.27 ? 12   LEU A CB  1 
ATOM   100 C  CG  . LEU A 1 14 ? 2.206   -5.692  0.248   1.00 47.75 ? 12   LEU A CG  1 
ATOM   101 C  CD1 . LEU A 1 14 ? 2.817   -4.789  -0.820  1.00 49.01 ? 12   LEU A CD1 1 
ATOM   102 C  CD2 . LEU A 1 14 ? 2.381   -5.098  1.637   1.00 52.46 ? 12   LEU A CD2 1 
HETATM 103 N  N   . MSE A 1 15 ? 0.315   -7.252  3.043   1.00 27.89 ? 13   MSE A N   1 
HETATM 104 C  CA  . MSE A 1 15 ? 0.101   -6.967  4.454   1.00 27.55 ? 13   MSE A CA  1 
HETATM 105 C  C   . MSE A 1 15 ? 1.266   -6.147  4.984   1.00 30.26 ? 13   MSE A C   1 
HETATM 106 O  O   . MSE A 1 15 ? 2.422   -6.554  4.878   1.00 31.49 ? 13   MSE A O   1 
HETATM 107 C  CB  . MSE A 1 15 ? 0.008   -8.260  5.258   1.00 29.04 ? 13   MSE A CB  1 
HETATM 108 C  CG  . MSE A 1 15 ? -1.041  -9.232  4.766   1.00 39.02 ? 13   MSE A CG  1 
HETATM 109 SE SE  . MSE A 1 15 ? -0.934  -10.896 5.733   1.00 46.12 ? 13   MSE A SE  1 
HETATM 110 C  CE  . MSE A 1 15 ? -2.502  -10.706 6.848   1.00 50.59 ? 13   MSE A CE  1 
ATOM   111 N  N   . ILE A 1 16 ? 0.962   -4.984  5.545   1.00 27.13 ? 14   ILE A N   1 
ATOM   112 C  CA  . ILE A 1 16 ? 1.996   -4.133  6.106   1.00 30.70 ? 14   ILE A CA  1 
ATOM   113 C  C   . ILE A 1 16 ? 1.787   -4.106  7.611   1.00 32.43 ? 14   ILE A C   1 
ATOM   114 O  O   . ILE A 1 16 ? 0.754   -3.647  8.097   1.00 29.80 ? 14   ILE A O   1 
ATOM   115 C  CB  . ILE A 1 16 ? 1.915   -2.698  5.558   1.00 33.64 ? 14   ILE A CB  1 
ATOM   116 C  CG1 . ILE A 1 16 ? 2.101   -2.714  4.034   1.00 32.68 ? 14   ILE A CG1 1 
ATOM   117 C  CG2 . ILE A 1 16 ? 2.990   -1.832  6.221   1.00 30.50 ? 14   ILE A CG2 1 
ATOM   118 C  CD1 . ILE A 1 16 ? 2.037   -1.340  3.388   1.00 36.12 ? 14   ILE A CD1 1 
ATOM   119 N  N   . GLY A 1 17 ? 2.763   -4.613  8.352   1.00 33.75 ? 15   GLY A N   1 
ATOM   120 C  CA  . GLY A 1 17 ? 2.622   -4.633  9.793   1.00 36.06 ? 15   GLY A CA  1 
ATOM   121 C  C   . GLY A 1 17 ? 1.596   -5.673  10.201  1.00 39.10 ? 15   GLY A C   1 
ATOM   122 O  O   . GLY A 1 17 ? 1.298   -6.592  9.442   1.00 36.69 ? 15   GLY A O   1 
ATOM   123 N  N   . ASP A 1 18 ? 1.026   -5.512  11.389  1.00 42.88 ? 16   ASP A N   1 
ATOM   124 C  CA  . ASP A 1 18 ? 0.056   -6.478  11.891  1.00 44.49 ? 16   ASP A CA  1 
ATOM   125 C  C   . ASP A 1 18 ? -1.404  -6.213  11.555  1.00 43.58 ? 16   ASP A C   1 
ATOM   126 O  O   . ASP A 1 18 ? -2.225  -7.127  11.611  1.00 43.04 ? 16   ASP A O   1 
ATOM   127 C  CB  . ASP A 1 18 ? 0.195   -6.601  13.409  1.00 52.27 ? 16   ASP A CB  1 
ATOM   128 C  CG  . ASP A 1 18 ? 1.632   -6.799  13.847  1.00 59.40 ? 16   ASP A CG  1 
ATOM   129 O  OD1 . ASP A 1 18 ? 2.433   -5.847  13.708  1.00 61.85 ? 16   ASP A OD1 1 
ATOM   130 O  OD2 . ASP A 1 18 ? 1.962   -7.907  14.325  1.00 62.08 ? 16   ASP A OD2 1 
ATOM   131 N  N   . GLU A 1 19 ? -1.741  -4.978  11.196  1.00 40.23 ? 17   GLU A N   1 
ATOM   132 C  CA  . GLU A 1 19 ? -3.136  -4.665  10.916  1.00 41.52 ? 17   GLU A CA  1 
ATOM   133 C  C   . GLU A 1 19 ? -3.480  -4.045  9.563   1.00 37.47 ? 17   GLU A C   1 
ATOM   134 O  O   . GLU A 1 19 ? -4.651  -3.994  9.195   1.00 44.72 ? 17   GLU A O   1 
ATOM   135 C  CB  . GLU A 1 19 ? -3.675  -3.748  12.015  1.00 47.59 ? 17   GLU A CB  1 
ATOM   136 C  CG  . GLU A 1 19 ? -3.405  -4.230  13.428  1.00 53.67 ? 17   GLU A CG  1 
ATOM   137 C  CD  . GLU A 1 19 ? -3.926  -3.259  14.469  1.00 61.48 ? 17   GLU A CD  1 
ATOM   138 O  OE1 . GLU A 1 19 ? -5.161  -3.163  14.629  1.00 66.56 ? 17   GLU A OE1 1 
ATOM   139 O  OE2 . GLU A 1 19 ? -3.102  -2.579  15.119  1.00 64.54 ? 17   GLU A OE2 1 
ATOM   140 N  N   . VAL A 1 20 ? -2.486  -3.576  8.823   1.00 31.94 ? 18   VAL A N   1 
ATOM   141 C  CA  . VAL A 1 20 ? -2.756  -2.931  7.540   1.00 26.97 ? 18   VAL A CA  1 
ATOM   142 C  C   . VAL A 1 20 ? -2.677  -3.835  6.318   1.00 26.92 ? 18   VAL A C   1 
ATOM   143 O  O   . VAL A 1 20 ? -1.777  -4.667  6.206   1.00 28.55 ? 18   VAL A O   1 
ATOM   144 C  CB  . VAL A 1 20 ? -1.793  -1.727  7.311   1.00 27.83 ? 18   VAL A CB  1 
ATOM   145 C  CG1 . VAL A 1 20 ? -1.996  -1.135  5.912   1.00 27.49 ? 18   VAL A CG1 1 
ATOM   146 C  CG2 . VAL A 1 20 ? -2.045  -0.655  8.362   1.00 24.19 ? 18   VAL A CG2 1 
ATOM   147 N  N   . THR A 1 21 ? -3.637  -3.672  5.407   1.00 24.56 ? 19   THR A N   1 
ATOM   148 C  CA  . THR A 1 21 ? -3.647  -4.429  4.160   1.00 26.12 ? 19   THR A CA  1 
ATOM   149 C  C   . THR A 1 21 ? -3.835  -3.472  2.988   1.00 23.23 ? 19   THR A C   1 
ATOM   150 O  O   . THR A 1 21 ? -4.565  -2.481  3.086   1.00 24.74 ? 19   THR A O   1 
ATOM   151 C  CB  . THR A 1 21 ? -4.782  -5.482  4.101   1.00 28.24 ? 19   THR A CB  1 
ATOM   152 O  OG1 . THR A 1 21 ? -6.052  -4.829  4.211   1.00 31.76 ? 19   THR A OG1 1 
ATOM   153 C  CG2 . THR A 1 21 ? -4.628  -6.505  5.214   1.00 32.58 ? 19   THR A CG2 1 
ATOM   154 N  N   . VAL A 1 22 ? -3.155  -3.764  1.887   1.00 20.20 ? 20   VAL A N   1 
ATOM   155 C  CA  . VAL A 1 22 ? -3.256  -2.959  0.677   1.00 21.85 ? 20   VAL A CA  1 
ATOM   156 C  C   . VAL A 1 22 ? -3.615  -3.924  -0.444  1.00 22.26 ? 20   VAL A C   1 
ATOM   157 O  O   . VAL A 1 22 ? -2.851  -4.830  -0.763  1.00 23.70 ? 20   VAL A O   1 
ATOM   158 C  CB  . VAL A 1 22 ? -1.925  -2.248  0.355   1.00 22.66 ? 20   VAL A CB  1 
ATOM   159 C  CG1 . VAL A 1 22 ? -2.040  -1.498  -0.964  1.00 21.09 ? 20   VAL A CG1 1 
ATOM   160 C  CG2 . VAL A 1 22 ? -1.570  -1.280  1.480   1.00 23.46 ? 20   VAL A CG2 1 
ATOM   161 N  N   . THR A 1 23 ? -4.786  -3.731  -1.035  1.00 19.70 ? 21   THR A N   1 
ATOM   162 C  CA  . THR A 1 23 ? -5.249  -4.624  -2.083  1.00 23.63 ? 21   THR A CA  1 
ATOM   163 C  C   . THR A 1 23 ? -5.418  -3.942  -3.438  1.00 21.35 ? 21   THR A C   1 
ATOM   164 O  O   . THR A 1 23 ? -5.905  -2.812  -3.522  1.00 25.57 ? 21   THR A O   1 
ATOM   165 C  CB  . THR A 1 23 ? -6.600  -5.262  -1.658  1.00 23.17 ? 21   THR A CB  1 
ATOM   166 O  OG1 . THR A 1 23 ? -6.428  -5.944  -0.408  1.00 24.58 ? 21   THR A OG1 1 
ATOM   167 C  CG2 . THR A 1 23 ? -7.102  -6.241  -2.706  1.00 22.30 ? 21   THR A CG2 1 
ATOM   168 N  N   . VAL A 1 24 ? -4.989  -4.626  -4.494  1.00 19.67 ? 22   VAL A N   1 
ATOM   169 C  CA  . VAL A 1 24 ? -5.152  -4.100  -5.844  1.00 21.14 ? 22   VAL A CA  1 
ATOM   170 C  C   . VAL A 1 24 ? -6.557  -4.533  -6.239  1.00 24.60 ? 22   VAL A C   1 
ATOM   171 O  O   . VAL A 1 24 ? -6.825  -5.732  -6.392  1.00 27.33 ? 22   VAL A O   1 
ATOM   172 C  CB  . VAL A 1 24 ? -4.130  -4.714  -6.835  1.00 24.08 ? 22   VAL A CB  1 
ATOM   173 C  CG1 . VAL A 1 24 ? -4.445  -4.256  -8.251  1.00 21.99 ? 22   VAL A CG1 1 
ATOM   174 C  CG2 . VAL A 1 24 ? -2.707  -4.302  -6.451  1.00 28.55 ? 22   VAL A CG2 1 
ATOM   175 N  N   . LEU A 1 25 ? -7.457  -3.568  -6.384  1.00 25.37 ? 23   LEU A N   1 
ATOM   176 C  CA  . LEU A 1 25 ? -8.842  -3.868  -6.734  1.00 27.46 ? 23   LEU A CA  1 
ATOM   177 C  C   . LEU A 1 25 ? -9.078  -3.907  -8.244  1.00 31.83 ? 23   LEU A C   1 
ATOM   178 O  O   . LEU A 1 25 ? -10.022 -4.544  -8.722  1.00 32.00 ? 23   LEU A O   1 
ATOM   179 C  CB  . LEU A 1 25 ? -9.781  -2.837  -6.083  1.00 25.72 ? 23   LEU A CB  1 
ATOM   180 C  CG  . LEU A 1 25 ? -9.660  -2.686  -4.556  1.00 27.63 ? 23   LEU A CG  1 
ATOM   181 C  CD1 . LEU A 1 25 ? -10.609 -1.594  -4.051  1.00 24.35 ? 23   LEU A CD1 1 
ATOM   182 C  CD2 . LEU A 1 25 ? -9.967  -4.015  -3.882  1.00 25.81 ? 23   LEU A CD2 1 
ATOM   183 N  N   . GLY A 1 26 ? -8.225  -3.226  -8.997  1.00 31.62 ? 24   GLY A N   1 
ATOM   184 C  CA  . GLY A 1 26 ? -8.389  -3.215  -10.436 1.00 32.54 ? 24   GLY A CA  1 
ATOM   185 C  C   . GLY A 1 26 ? -7.397  -2.319  -11.138 1.00 33.96 ? 24   GLY A C   1 
ATOM   186 O  O   . GLY A 1 26 ? -6.734  -1.490  -10.508 1.00 34.82 ? 24   GLY A O   1 
ATOM   187 N  N   . VAL A 1 27 ? -7.295  -2.496  -12.451 1.00 35.24 ? 25   VAL A N   1 
ATOM   188 C  CA  . VAL A 1 27 ? -6.388  -1.709  -13.269 1.00 37.51 ? 25   VAL A CA  1 
ATOM   189 C  C   . VAL A 1 27 ? -7.124  -1.184  -14.494 1.00 40.31 ? 25   VAL A C   1 
ATOM   190 O  O   . VAL A 1 27 ? -7.932  -1.886  -15.101 1.00 39.60 ? 25   VAL A O   1 
ATOM   191 C  CB  . VAL A 1 27 ? -5.179  -2.551  -13.736 1.00 40.04 ? 25   VAL A CB  1 
ATOM   192 C  CG1 . VAL A 1 27 ? -4.312  -1.731  -14.679 1.00 44.02 ? 25   VAL A CG1 1 
ATOM   193 C  CG2 . VAL A 1 27 ? -4.357  -3.001  -12.535 1.00 39.57 ? 25   VAL A CG2 1 
ATOM   194 N  N   . LYS A 1 28 ? -6.835  0.060   -14.846 1.00 41.23 ? 26   LYS A N   1 
ATOM   195 C  CA  . LYS A 1 28 ? -7.446  0.712   -15.995 1.00 45.04 ? 26   LYS A CA  1 
ATOM   196 C  C   . LYS A 1 28 ? -6.351  1.534   -16.665 1.00 43.17 ? 26   LYS A C   1 
ATOM   197 O  O   . LYS A 1 28 ? -6.132  2.693   -16.319 1.00 44.55 ? 26   LYS A O   1 
ATOM   198 C  CB  . LYS A 1 28 ? -8.585  1.620   -15.523 1.00 48.25 ? 26   LYS A CB  1 
ATOM   199 C  CG  . LYS A 1 28 ? -9.196  2.500   -16.602 1.00 57.24 ? 26   LYS A CG  1 
ATOM   200 C  CD  . LYS A 1 28 ? -10.171 3.510   -15.996 1.00 60.55 ? 26   LYS A CD  1 
ATOM   201 C  CE  . LYS A 1 28 ? -10.705 4.467   -17.055 1.00 65.62 ? 26   LYS A CE  1 
ATOM   202 N  NZ  . LYS A 1 28 ? -11.582 5.528   -16.479 1.00 66.45 ? 26   LYS A NZ  1 
ATOM   203 N  N   . GLY A 1 29 ? -5.655  0.927   -17.620 1.00 45.69 ? 27   GLY A N   1 
ATOM   204 C  CA  . GLY A 1 29 ? -4.577  1.629   -18.294 1.00 45.75 ? 27   GLY A CA  1 
ATOM   205 C  C   . GLY A 1 29 ? -3.407  1.754   -17.336 1.00 46.11 ? 27   GLY A C   1 
ATOM   206 O  O   . GLY A 1 29 ? -2.860  0.745   -16.889 1.00 44.50 ? 27   GLY A O   1 
ATOM   207 N  N   . ASN A 1 30 ? -3.028  2.986   -17.012 1.00 45.46 ? 28   ASN A N   1 
ATOM   208 C  CA  . ASN A 1 30 ? -1.927  3.221   -16.081 1.00 47.15 ? 28   ASN A CA  1 
ATOM   209 C  C   . ASN A 1 30 ? -2.491  3.556   -14.701 1.00 44.47 ? 28   ASN A C   1 
ATOM   210 O  O   . ASN A 1 30 ? -1.752  3.973   -13.807 1.00 41.29 ? 28   ASN A O   1 
ATOM   211 C  CB  . ASN A 1 30 ? -1.050  4.382   -16.565 1.00 50.90 ? 28   ASN A CB  1 
ATOM   212 C  CG  . ASN A 1 30 ? -1.769  5.718   -16.508 1.00 55.91 ? 28   ASN A CG  1 
ATOM   213 O  OD1 . ASN A 1 30 ? -2.816  5.900   -17.129 1.00 62.56 ? 28   ASN A OD1 1 
ATOM   214 N  ND2 . ASN A 1 30 ? -1.209  6.661   -15.757 1.00 60.07 ? 28   ASN A ND2 1 
ATOM   215 N  N   . GLN A 1 31 ? -3.801  3.377   -14.539 1.00 40.76 ? 29   GLN A N   1 
ATOM   216 C  CA  . GLN A 1 31 ? -4.465  3.668   -13.271 1.00 40.88 ? 29   GLN A CA  1 
ATOM   217 C  C   . GLN A 1 31 ? -4.756  2.410   -12.472 1.00 37.39 ? 29   GLN A C   1 
ATOM   218 O  O   . GLN A 1 31 ? -5.265  1.427   -13.003 1.00 37.49 ? 29   GLN A O   1 
ATOM   219 C  CB  . GLN A 1 31 ? -5.771  4.425   -13.510 1.00 43.40 ? 29   GLN A CB  1 
ATOM   220 C  CG  . GLN A 1 31 ? -5.583  5.808   -14.105 1.00 49.76 ? 29   GLN A CG  1 
ATOM   221 C  CD  . GLN A 1 31 ? -6.899  6.534   -14.308 1.00 57.20 ? 29   GLN A CD  1 
ATOM   222 O  OE1 . GLN A 1 31 ? -7.610  6.841   -13.346 1.00 59.05 ? 29   GLN A OE1 1 
ATOM   223 N  NE2 . GLN A 1 31 ? -7.235  6.810   -15.564 1.00 56.46 ? 29   GLN A NE2 1 
ATOM   224 N  N   . VAL A 1 32 ? -4.433  2.454   -11.186 1.00 33.36 ? 30   VAL A N   1 
ATOM   225 C  CA  . VAL A 1 32 ? -4.653  1.319   -10.301 1.00 31.94 ? 30   VAL A CA  1 
ATOM   226 C  C   . VAL A 1 32 ? -5.634  1.702   -9.195  1.00 28.17 ? 30   VAL A C   1 
ATOM   227 O  O   . VAL A 1 32 ? -5.435  2.698   -8.496  1.00 29.12 ? 30   VAL A O   1 
ATOM   228 C  CB  . VAL A 1 32 ? -3.324  0.860   -9.638  1.00 30.91 ? 30   VAL A CB  1 
ATOM   229 C  CG1 . VAL A 1 32 ? -3.535  -0.458  -8.890  1.00 28.71 ? 30   VAL A CG1 1 
ATOM   230 C  CG2 . VAL A 1 32 ? -2.231  0.719   -10.694 1.00 31.03 ? 30   VAL A CG2 1 
ATOM   231 N  N   . ARG A 1 33 ? -6.699  0.919   -9.057  1.00 30.06 ? 31   ARG A N   1 
ATOM   232 C  CA  . ARG A 1 33 ? -7.697  1.149   -8.012  1.00 30.08 ? 31   ARG A CA  1 
ATOM   233 C  C   . ARG A 1 33 ? -7.168  0.360   -6.823  1.00 25.66 ? 31   ARG A C   1 
ATOM   234 O  O   . ARG A 1 33 ? -6.954  -0.850  -6.918  1.00 23.56 ? 31   ARG A O   1 
ATOM   235 C  CB  . ARG A 1 33 ? -9.062  0.605   -8.440  1.00 33.27 ? 31   ARG A CB  1 
ATOM   236 C  CG  . ARG A 1 33 ? -10.225 1.082   -7.586  1.00 37.38 ? 31   ARG A CG  1 
ATOM   237 C  CD  . ARG A 1 33 ? -11.480 0.282   -7.913  1.00 47.78 ? 31   ARG A CD  1 
ATOM   238 N  NE  . ARG A 1 33 ? -12.623 0.665   -7.089  1.00 52.31 ? 31   ARG A NE  1 
ATOM   239 C  CZ  . ARG A 1 33 ? -13.652 -0.134  -6.825  1.00 51.07 ? 31   ARG A CZ  1 
ATOM   240 N  NH1 . ARG A 1 33 ? -13.682 -1.367  -7.318  1.00 47.19 ? 31   ARG A NH1 1 
ATOM   241 N  NH2 . ARG A 1 33 ? -14.647 0.293   -6.062  1.00 50.38 ? 31   ARG A NH2 1 
ATOM   242 N  N   . ILE A 1 34 ? -6.958  1.043   -5.705  1.00 25.88 ? 32   ILE A N   1 
ATOM   243 C  CA  . ILE A 1 34 ? -6.391  0.407   -4.522  1.00 24.93 ? 32   ILE A CA  1 
ATOM   244 C  C   . ILE A 1 34 ? -7.271  0.483   -3.287  1.00 25.87 ? 32   ILE A C   1 
ATOM   245 O  O   . ILE A 1 34 ? -7.872  1.514   -2.999  1.00 25.98 ? 32   ILE A O   1 
ATOM   246 C  CB  . ILE A 1 34 ? -5.022  1.046   -4.170  1.00 24.60 ? 32   ILE A CB  1 
ATOM   247 C  CG1 . ILE A 1 34 ? -4.056  0.875   -5.340  1.00 26.59 ? 32   ILE A CG1 1 
ATOM   248 C  CG2 . ILE A 1 34 ? -4.448  0.420   -2.891  1.00 23.30 ? 32   ILE A CG2 1 
ATOM   249 C  CD1 . ILE A 1 34 ? -2.778  1.671   -5.187  1.00 27.01 ? 32   ILE A CD1 1 
ATOM   250 N  N   . GLY A 1 35 ? -7.328  -0.623  -2.559  1.00 23.14 ? 33   GLY A N   1 
ATOM   251 C  CA  . GLY A 1 35 ? -8.099  -0.666  -1.333  1.00 22.59 ? 33   GLY A CA  1 
ATOM   252 C  C   . GLY A 1 35 ? -7.149  -0.820  -0.159  1.00 24.84 ? 33   GLY A C   1 
ATOM   253 O  O   . GLY A 1 35 ? -6.391  -1.800  -0.084  1.00 22.98 ? 33   GLY A O   1 
ATOM   254 N  N   . VAL A 1 36 ? -7.159  0.156   0.742   1.00 23.47 ? 34   VAL A N   1 
ATOM   255 C  CA  . VAL A 1 36 ? -6.307  0.118   1.929   1.00 20.57 ? 34   VAL A CA  1 
ATOM   256 C  C   . VAL A 1 36 ? -7.177  -0.022  3.166   1.00 23.87 ? 34   VAL A C   1 
ATOM   257 O  O   . VAL A 1 36 ? -8.068  0.792   3.402   1.00 25.47 ? 34   VAL A O   1 
ATOM   258 C  CB  . VAL A 1 36 ? -5.467  1.417   2.099   1.00 23.77 ? 34   VAL A CB  1 
ATOM   259 C  CG1 . VAL A 1 36 ? -4.605  1.331   3.387   1.00 19.19 ? 34   VAL A CG1 1 
ATOM   260 C  CG2 . VAL A 1 36 ? -4.590  1.639   0.879   1.00 22.79 ? 34   VAL A CG2 1 
ATOM   261 N  N   . ASN A 1 37 ? -6.922  -1.059  3.952   1.00 24.64 ? 35   ASN A N   1 
ATOM   262 C  CA  . ASN A 1 37 ? -7.669  -1.267  5.180   1.00 26.67 ? 35   ASN A CA  1 
ATOM   263 C  C   . ASN A 1 37 ? -6.682  -1.056  6.320   1.00 28.40 ? 35   ASN A C   1 
ATOM   264 O  O   . ASN A 1 37 ? -5.635  -1.711  6.372   1.00 27.08 ? 35   ASN A O   1 
ATOM   265 C  CB  . ASN A 1 37 ? -8.227  -2.689  5.244   1.00 30.06 ? 35   ASN A CB  1 
ATOM   266 C  CG  . ASN A 1 37 ? -9.413  -2.799  6.182   1.00 35.64 ? 35   ASN A CG  1 
ATOM   267 O  OD1 . ASN A 1 37 ? -10.557 -2.568  5.786   1.00 38.32 ? 35   ASN A OD1 1 
ATOM   268 N  ND2 . ASN A 1 37 ? -9.144  -3.124  7.436   1.00 32.58 ? 35   ASN A ND2 1 
ATOM   269 N  N   . ALA A 1 38 ? -7.001  -0.144  7.230   1.00 23.73 ? 36   ALA A N   1 
ATOM   270 C  CA  . ALA A 1 38 ? -6.100  0.116   8.346   1.00 28.73 ? 36   ALA A CA  1 
ATOM   271 C  C   . ALA A 1 38 ? -6.863  0.476   9.606   1.00 31.69 ? 36   ALA A C   1 
ATOM   272 O  O   . ALA A 1 38 ? -8.010  0.916   9.547   1.00 31.62 ? 36   ALA A O   1 
ATOM   273 C  CB  . ALA A 1 38 ? -5.127  1.246   7.988   1.00 25.35 ? 36   ALA A CB  1 
ATOM   274 N  N   . PRO A 1 39 ? -6.235  0.281   10.775  1.00 36.14 ? 37   PRO A N   1 
ATOM   275 C  CA  . PRO A 1 39 ? -6.924  0.621   12.020  1.00 36.69 ? 37   PRO A CA  1 
ATOM   276 C  C   . PRO A 1 39 ? -7.186  2.128   12.087  1.00 38.99 ? 37   PRO A C   1 
ATOM   277 O  O   . PRO A 1 39 ? -6.457  2.924   11.492  1.00 34.20 ? 37   PRO A O   1 
ATOM   278 C  CB  . PRO A 1 39 ? -5.961  0.126   13.101  1.00 36.09 ? 37   PRO A CB  1 
ATOM   279 C  CG  . PRO A 1 39 ? -4.617  0.217   12.436  1.00 41.13 ? 37   PRO A CG  1 
ATOM   280 C  CD  . PRO A 1 39 ? -4.897  -0.281  11.039  1.00 35.01 ? 37   PRO A CD  1 
ATOM   281 N  N   . LYS A 1 40 ? -8.239  2.502   12.804  1.00 41.93 ? 38   LYS A N   1 
ATOM   282 C  CA  . LYS A 1 40 ? -8.639  3.899   12.957  1.00 47.44 ? 38   LYS A CA  1 
ATOM   283 C  C   . LYS A 1 40 ? -7.476  4.843   13.269  1.00 45.67 ? 38   LYS A C   1 
ATOM   284 O  O   . LYS A 1 40 ? -7.400  5.942   12.721  1.00 48.27 ? 38   LYS A O   1 
ATOM   285 C  CB  . LYS A 1 40 ? -9.699  4.000   14.056  1.00 53.69 ? 38   LYS A CB  1 
ATOM   286 C  CG  . LYS A 1 40 ? -10.838 3.005   13.881  1.00 63.85 ? 38   LYS A CG  1 
ATOM   287 C  CD  . LYS A 1 40 ? -11.676 2.861   15.146  1.00 69.75 ? 38   LYS A CD  1 
ATOM   288 C  CE  . LYS A 1 40 ? -12.663 1.708   15.012  1.00 72.25 ? 38   LYS A CE  1 
ATOM   289 N  NZ  . LYS A 1 40 ? -13.424 1.470   16.271  1.00 77.24 ? 38   LYS A NZ  1 
ATOM   290 N  N   . GLU A 1 41 ? -6.570  4.410   14.140  1.00 44.56 ? 39   GLU A N   1 
ATOM   291 C  CA  . GLU A 1 41 ? -5.425  5.226   14.535  1.00 46.46 ? 39   GLU A CA  1 
ATOM   292 C  C   . GLU A 1 41 ? -4.393  5.461   13.433  1.00 45.06 ? 39   GLU A C   1 
ATOM   293 O  O   . GLU A 1 41 ? -3.577  6.383   13.532  1.00 44.38 ? 39   GLU A O   1 
ATOM   294 C  CB  . GLU A 1 41 ? -4.727  4.607   15.752  1.00 50.55 ? 39   GLU A CB  1 
ATOM   295 C  CG  . GLU A 1 41 ? -4.339  3.146   15.579  1.00 57.41 ? 39   GLU A CG  1 
ATOM   296 C  CD  . GLU A 1 41 ? -5.406  2.190   16.089  1.00 60.25 ? 39   GLU A CD  1 
ATOM   297 O  OE1 . GLU A 1 41 ? -6.590  2.345   15.719  1.00 61.46 ? 39   GLU A OE1 1 
ATOM   298 O  OE2 . GLU A 1 41 ? -5.055  1.275   16.865  1.00 62.13 ? 39   GLU A OE2 1 
ATOM   299 N  N   . VAL A 1 42 ? -4.419  4.633   12.393  1.00 41.67 ? 40   VAL A N   1 
ATOM   300 C  CA  . VAL A 1 42 ? -3.472  4.775   11.290  1.00 36.45 ? 40   VAL A CA  1 
ATOM   301 C  C   . VAL A 1 42 ? -4.075  5.558   10.126  1.00 34.18 ? 40   VAL A C   1 
ATOM   302 O  O   . VAL A 1 42 ? -5.045  5.128   9.507   1.00 31.90 ? 40   VAL A O   1 
ATOM   303 C  CB  . VAL A 1 42 ? -3.000  3.391   10.791  1.00 38.06 ? 40   VAL A CB  1 
ATOM   304 C  CG1 . VAL A 1 42 ? -2.085  3.544   9.577   1.00 33.79 ? 40   VAL A CG1 1 
ATOM   305 C  CG2 . VAL A 1 42 ? -2.274  2.669   11.912  1.00 37.81 ? 40   VAL A CG2 1 
ATOM   306 N  N   . SER A 1 43 ? -3.492  6.715   9.828   1.00 31.60 ? 41   SER A N   1 
ATOM   307 C  CA  . SER A 1 43 ? -3.994  7.550   8.745   1.00 32.75 ? 41   SER A CA  1 
ATOM   308 C  C   . SER A 1 43 ? -3.459  7.097   7.390   1.00 27.95 ? 41   SER A C   1 
ATOM   309 O  O   . SER A 1 43 ? -2.329  6.608   7.281   1.00 30.82 ? 41   SER A O   1 
ATOM   310 C  CB  . SER A 1 43 ? -3.604  9.014   8.980   1.00 30.25 ? 41   SER A CB  1 
ATOM   311 O  OG  . SER A 1 43 ? -2.219  9.202   8.750   1.00 38.83 ? 41   SER A OG  1 
ATOM   312 N  N   . VAL A 1 44 ? -4.288  7.254   6.365   1.00 25.99 ? 42   VAL A N   1 
ATOM   313 C  CA  . VAL A 1 44 ? -3.918  6.893   5.004   1.00 24.63 ? 42   VAL A CA  1 
ATOM   314 C  C   . VAL A 1 44 ? -4.249  8.089   4.122   1.00 27.63 ? 42   VAL A C   1 
ATOM   315 O  O   . VAL A 1 44 ? -5.375  8.591   4.148   1.00 25.13 ? 42   VAL A O   1 
ATOM   316 C  CB  . VAL A 1 44 ? -4.706  5.661   4.508   1.00 23.36 ? 42   VAL A CB  1 
ATOM   317 C  CG1 . VAL A 1 44 ? -4.274  5.304   3.082   1.00 22.43 ? 42   VAL A CG1 1 
ATOM   318 C  CG2 . VAL A 1 44 ? -4.472  4.478   5.446   1.00 23.20 ? 42   VAL A CG2 1 
ATOM   319 N  N   . HIS A 1 45 ? -3.265  8.555   3.360   1.00 24.02 ? 43   HIS A N   1 
ATOM   320 C  CA  . HIS A 1 45 ? -3.471  9.706   2.485   1.00 26.24 ? 43   HIS A CA  1 
ATOM   321 C  C   . HIS A 1 45 ? -2.697  9.615   1.185   1.00 28.68 ? 43   HIS A C   1 
ATOM   322 O  O   . HIS A 1 45 ? -1.625  9.000   1.121   1.00 27.63 ? 43   HIS A O   1 
ATOM   323 C  CB  . HIS A 1 45 ? -3.028  11.005  3.175   1.00 23.37 ? 43   HIS A CB  1 
ATOM   324 C  CG  . HIS A 1 45 ? -3.739  11.290  4.457   1.00 23.14 ? 43   HIS A CG  1 
ATOM   325 N  ND1 . HIS A 1 45 ? -5.072  11.631  4.510   1.00 24.69 ? 43   HIS A ND1 1 
ATOM   326 C  CD2 . HIS A 1 45 ? -3.306  11.261  5.740   1.00 21.85 ? 43   HIS A CD2 1 
ATOM   327 C  CE1 . HIS A 1 45 ? -5.431  11.797  5.769   1.00 25.21 ? 43   HIS A CE1 1 
ATOM   328 N  NE2 . HIS A 1 45 ? -4.379  11.578  6.535   1.00 25.58 ? 43   HIS A NE2 1 
ATOM   329 N  N   . ARG A 1 46 ? -3.246  10.236  0.145   1.00 25.88 ? 44   ARG A N   1 
ATOM   330 C  CA  . ARG A 1 46 ? -2.561  10.299  -1.136  1.00 27.14 ? 44   ARG A CA  1 
ATOM   331 C  C   . ARG A 1 46 ? -1.379  11.200  -0.801  1.00 26.68 ? 44   ARG A C   1 
ATOM   332 O  O   . ARG A 1 46 ? -1.479  12.025  0.109   1.00 24.71 ? 44   ARG A O   1 
ATOM   333 C  CB  . ARG A 1 46 ? -3.437  10.987  -2.181  1.00 27.49 ? 44   ARG A CB  1 
ATOM   334 C  CG  . ARG A 1 46 ? -4.589  10.151  -2.697  1.00 32.87 ? 44   ARG A CG  1 
ATOM   335 C  CD  . ARG A 1 46 ? -5.542  11.021  -3.483  1.00 34.30 ? 44   ARG A CD  1 
ATOM   336 N  NE  . ARG A 1 46 ? -6.272  11.919  -2.596  1.00 33.38 ? 44   ARG A NE  1 
ATOM   337 C  CZ  . ARG A 1 46 ? -6.908  13.013  -3.001  1.00 41.70 ? 44   ARG A CZ  1 
ATOM   338 N  NH1 . ARG A 1 46 ? -6.896  13.349  -4.286  1.00 43.52 ? 44   ARG A NH1 1 
ATOM   339 N  NH2 . ARG A 1 46 ? -7.570  13.763  -2.127  1.00 34.18 ? 44   ARG A NH2 1 
ATOM   340 N  N   . GLU A 1 47 ? -0.273  11.055  -1.522  1.00 26.71 ? 45   GLU A N   1 
ATOM   341 C  CA  . GLU A 1 47 ? 0.915   11.869  -1.261  1.00 29.29 ? 45   GLU A CA  1 
ATOM   342 C  C   . GLU A 1 47 ? 0.672   13.380  -1.338  1.00 28.91 ? 45   GLU A C   1 
ATOM   343 O  O   . GLU A 1 47 ? 1.176   14.137  -0.503  1.00 25.38 ? 45   GLU A O   1 
ATOM   344 C  CB  . GLU A 1 47 ? 2.043   11.487  -2.228  1.00 32.87 ? 45   GLU A CB  1 
ATOM   345 C  CG  . GLU A 1 47 ? 3.334   12.268  -2.007  1.00 43.14 ? 45   GLU A CG  1 
ATOM   346 C  CD  . GLU A 1 47 ? 4.477   11.777  -2.884  1.00 55.17 ? 45   GLU A CD  1 
ATOM   347 O  OE1 . GLU A 1 47 ? 4.340   11.818  -4.127  1.00 59.24 ? 45   GLU A OE1 1 
ATOM   348 O  OE2 . GLU A 1 47 ? 5.513   11.349  -2.328  1.00 60.40 ? 45   GLU A OE2 1 
ATOM   349 N  N   . GLU A 1 48 ? -0.093  13.823  -2.335  1.00 30.65 ? 46   GLU A N   1 
ATOM   350 C  CA  . GLU A 1 48 ? -0.376  15.249  -2.486  1.00 31.80 ? 46   GLU A CA  1 
ATOM   351 C  C   . GLU A 1 48 ? -1.062  15.822  -1.248  1.00 33.46 ? 46   GLU A C   1 
ATOM   352 O  O   . GLU A 1 48 ? -0.832  16.979  -0.883  1.00 35.40 ? 46   GLU A O   1 
ATOM   353 C  CB  . GLU A 1 48 ? -1.241  15.509  -3.730  1.00 32.51 ? 46   GLU A CB  1 
ATOM   354 C  CG  . GLU A 1 48 ? -2.495  14.645  -3.831  1.00 37.30 ? 46   GLU A CG  1 
ATOM   355 C  CD  . GLU A 1 48 ? -2.266  13.357  -4.615  1.00 38.05 ? 46   GLU A CD  1 
ATOM   356 O  OE1 . GLU A 1 48 ? -1.213  12.711  -4.422  1.00 31.53 ? 46   GLU A OE1 1 
ATOM   357 O  OE2 . GLU A 1 48 ? -3.150  12.986  -5.420  1.00 38.27 ? 46   GLU A OE2 1 
ATOM   358 N  N   . ILE A 1 49 ? -1.907  15.019  -0.606  1.00 27.23 ? 47   ILE A N   1 
ATOM   359 C  CA  . ILE A 1 49 ? -2.600  15.459  0.601   1.00 26.48 ? 47   ILE A CA  1 
ATOM   360 C  C   . ILE A 1 49 ? -1.631  15.384  1.784   1.00 27.42 ? 47   ILE A C   1 
ATOM   361 O  O   . ILE A 1 49 ? -1.570  16.296  2.606   1.00 26.37 ? 47   ILE A O   1 
ATOM   362 C  CB  . ILE A 1 49 ? -3.842  14.565  0.908   1.00 26.70 ? 47   ILE A CB  1 
ATOM   363 C  CG1 . ILE A 1 49 ? -4.949  14.815  -0.126  1.00 26.68 ? 47   ILE A CG1 1 
ATOM   364 C  CG2 . ILE A 1 49 ? -4.358  14.840  2.312   1.00 21.67 ? 47   ILE A CG2 1 
ATOM   365 C  CD1 . ILE A 1 49 ? -5.578  16.194  -0.051  1.00 31.00 ? 47   ILE A CD1 1 
ATOM   366 N  N   . TYR A 1 50 ? -0.872  14.291  1.860   1.00 27.50 ? 48   TYR A N   1 
ATOM   367 C  CA  . TYR A 1 50 ? 0.088   14.093  2.940   1.00 27.40 ? 48   TYR A CA  1 
ATOM   368 C  C   . TYR A 1 50 ? 1.078   15.249  3.045   1.00 26.57 ? 48   TYR A C   1 
ATOM   369 O  O   . TYR A 1 50 ? 1.405   15.698  4.144   1.00 27.69 ? 48   TYR A O   1 
ATOM   370 C  CB  . TYR A 1 50 ? 0.870   12.790  2.737   1.00 27.96 ? 48   TYR A CB  1 
ATOM   371 C  CG  . TYR A 1 50 ? 1.765   12.433  3.912   1.00 26.19 ? 48   TYR A CG  1 
ATOM   372 C  CD1 . TYR A 1 50 ? 1.237   11.844  5.060   1.00 28.03 ? 48   TYR A CD1 1 
ATOM   373 C  CD2 . TYR A 1 50 ? 3.132   12.712  3.883   1.00 26.64 ? 48   TYR A CD2 1 
ATOM   374 C  CE1 . TYR A 1 50 ? 2.046   11.539  6.155   1.00 29.23 ? 48   TYR A CE1 1 
ATOM   375 C  CE2 . TYR A 1 50 ? 3.953   12.412  4.976   1.00 29.64 ? 48   TYR A CE2 1 
ATOM   376 C  CZ  . TYR A 1 50 ? 3.403   11.823  6.108   1.00 32.42 ? 48   TYR A CZ  1 
ATOM   377 O  OH  . TYR A 1 50 ? 4.206   11.499  7.183   1.00 30.10 ? 48   TYR A OH  1 
ATOM   378 N  N   . GLN A 1 51 ? 1.568   15.717  1.905   1.00 28.26 ? 49   GLN A N   1 
ATOM   379 C  CA  . GLN A 1 51 ? 2.526   16.815  1.899   1.00 33.56 ? 49   GLN A CA  1 
ATOM   380 C  C   . GLN A 1 51 ? 1.923   18.066  2.523   1.00 32.70 ? 49   GLN A C   1 
ATOM   381 O  O   . GLN A 1 51 ? 2.550   18.713  3.356   1.00 34.41 ? 49   GLN A O   1 
ATOM   382 C  CB  . GLN A 1 51 ? 2.996   17.102  0.471   1.00 38.31 ? 49   GLN A CB  1 
ATOM   383 C  CG  . GLN A 1 51 ? 3.907   16.019  -0.091  1.00 50.49 ? 49   GLN A CG  1 
ATOM   384 C  CD  . GLN A 1 51 ? 4.300   16.273  -1.532  1.00 59.04 ? 49   GLN A CD  1 
ATOM   385 O  OE1 . GLN A 1 51 ? 4.810   17.344  -1.868  1.00 65.26 ? 49   GLN A OE1 1 
ATOM   386 N  NE2 . GLN A 1 51 ? 4.068   15.286  -2.393  1.00 61.14 ? 49   GLN A NE2 1 
ATOM   387 N  N   . ARG A 1 52 ? 0.697   18.397  2.133   1.00 31.78 ? 50   ARG A N   1 
ATOM   388 C  CA  . ARG A 1 52 ? 0.033   19.567  2.689   1.00 30.06 ? 50   ARG A CA  1 
ATOM   389 C  C   . ARG A 1 52 ? -0.188  19.419  4.193   1.00 30.73 ? 50   ARG A C   1 
ATOM   390 O  O   . ARG A 1 52 ? -0.092  20.396  4.938   1.00 31.28 ? 50   ARG A O   1 
ATOM   391 C  CB  . ARG A 1 52 ? -1.294  19.809  1.967   1.00 33.48 ? 50   ARG A CB  1 
ATOM   392 C  CG  . ARG A 1 52 ? -1.116  20.196  0.509   1.00 34.71 ? 50   ARG A CG  1 
ATOM   393 C  CD  . ARG A 1 52 ? -2.414  20.660  -0.114  1.00 42.84 ? 50   ARG A CD  1 
ATOM   394 N  NE  . ARG A 1 52 ? -2.254  21.054  -1.512  1.00 50.46 ? 50   ARG A NE  1 
ATOM   395 C  CZ  . ARG A 1 52 ? -1.444  22.021  -1.933  1.00 59.90 ? 50   ARG A CZ  1 
ATOM   396 N  NH1 . ARG A 1 52 ? -0.707  22.703  -1.066  1.00 63.93 ? 50   ARG A NH1 1 
ATOM   397 N  NH2 . ARG A 1 52 ? -1.373  22.315  -3.225  1.00 64.54 ? 50   ARG A NH2 1 
ATOM   398 N  N   . ILE A 1 53 ? -0.470  18.201  4.646   1.00 29.83 ? 51   ILE A N   1 
ATOM   399 C  CA  . ILE A 1 53 ? -0.677  17.958  6.069   1.00 29.19 ? 51   ILE A CA  1 
ATOM   400 C  C   . ILE A 1 53 ? 0.607   18.228  6.858   1.00 33.46 ? 51   ILE A C   1 
ATOM   401 O  O   . ILE A 1 53 ? 0.570   18.818  7.942   1.00 31.86 ? 51   ILE A O   1 
ATOM   402 C  CB  . ILE A 1 53 ? -1.136  16.496  6.342   1.00 31.34 ? 51   ILE A CB  1 
ATOM   403 C  CG1 . ILE A 1 53 ? -2.599  16.324  5.922   1.00 27.18 ? 51   ILE A CG1 1 
ATOM   404 C  CG2 . ILE A 1 53 ? -0.961  16.151  7.826   1.00 30.76 ? 51   ILE A CG2 1 
ATOM   405 C  CD1 . ILE A 1 53 ? -3.144  14.914  6.107   1.00 28.08 ? 51   ILE A CD1 1 
ATOM   406 N  N   . GLN A 1 54 ? 1.742   17.794  6.314   1.00 35.39 ? 52   GLN A N   1 
ATOM   407 C  CA  . GLN A 1 54 ? 3.029   17.992  6.977   1.00 36.74 ? 52   GLN A CA  1 
ATOM   408 C  C   . GLN A 1 54 ? 3.370   19.481  7.050   1.00 38.30 ? 52   GLN A C   1 
ATOM   409 O  O   . GLN A 1 54 ? 3.876   19.969  8.066   1.00 35.68 ? 52   GLN A O   1 
ATOM   410 C  CB  . GLN A 1 54 ? 4.143   17.253  6.226   1.00 36.06 ? 52   GLN A CB  1 
ATOM   411 C  CG  . GLN A 1 54 ? 3.903   15.762  6.071   1.00 35.50 ? 52   GLN A CG  1 
ATOM   412 C  CD  . GLN A 1 54 ? 3.479   15.104  7.369   1.00 39.26 ? 52   GLN A CD  1 
ATOM   413 O  OE1 . GLN A 1 54 ? 4.211   15.127  8.361   1.00 40.86 ? 52   GLN A OE1 1 
ATOM   414 N  NE2 . GLN A 1 54 ? 2.287   14.510  7.371   1.00 42.67 ? 52   GLN A NE2 1 
ATOM   415 N  N   . ALA A 1 55 ? 3.090   20.192  5.965   1.00 34.78 ? 53   ALA A N   1 
ATOM   416 C  CA  . ALA A 1 55 ? 3.359   21.618  5.898   1.00 39.31 ? 53   ALA A CA  1 
ATOM   417 C  C   . ALA A 1 55 ? 2.530   22.388  6.928   1.00 39.06 ? 53   ALA A C   1 
ATOM   418 O  O   . ALA A 1 55 ? 2.997   23.380  7.487   1.00 42.05 ? 53   ALA A O   1 
ATOM   419 C  CB  . ALA A 1 55 ? 3.071   22.133  4.493   1.00 34.98 ? 53   ALA A CB  1 
ATOM   420 N  N   . GLU A 1 56 ? 1.309   21.930  7.190   1.00 38.76 ? 54   GLU A N   1 
ATOM   421 C  CA  . GLU A 1 56 ? 0.453   22.612  8.153   1.00 41.79 ? 54   GLU A CA  1 
ATOM   422 C  C   . GLU A 1 56 ? 0.655   22.178  9.597   1.00 43.12 ? 54   GLU A C   1 
ATOM   423 O  O   . GLU A 1 56 ? 0.209   22.857  10.521  1.00 43.45 ? 54   GLU A O   1 
ATOM   424 C  CB  . GLU A 1 56 ? -1.016  22.480  7.746   1.00 39.90 ? 54   GLU A CB  1 
ATOM   425 C  CG  . GLU A 1 56 ? -1.404  23.526  6.708   1.00 41.67 ? 54   GLU A CG  1 
ATOM   426 C  CD  . GLU A 1 56 ? -2.871  23.505  6.339   1.00 41.84 ? 54   GLU A CD  1 
ATOM   427 O  OE1 . GLU A 1 56 ? -3.718  23.338  7.244   1.00 40.26 ? 54   GLU A OE1 1 
ATOM   428 O  OE2 . GLU A 1 56 ? -3.174  23.675  5.139   1.00 44.77 ? 54   GLU A OE2 1 
ATOM   429 N  N   . LYS A 1 57 ? 1.322   21.047  9.795   1.00 46.94 ? 55   LYS A N   1 
ATOM   430 C  CA  . LYS A 1 57 ? 1.605   20.577  11.144  1.00 49.71 ? 55   LYS A CA  1 
ATOM   431 C  C   . LYS A 1 57 ? 2.828   21.342  11.649  1.00 53.05 ? 55   LYS A C   1 
ATOM   432 O  O   . LYS A 1 57 ? 3.125   21.342  12.843  1.00 53.94 ? 55   LYS A O   1 
ATOM   433 C  CB  . LYS A 1 57 ? 1.897   19.074  11.151  1.00 49.72 ? 55   LYS A CB  1 
ATOM   434 C  CG  . LYS A 1 57 ? 0.662   18.187  11.181  1.00 50.31 ? 55   LYS A CG  1 
ATOM   435 C  CD  . LYS A 1 57 ? 1.057   16.722  11.332  1.00 54.52 ? 55   LYS A CD  1 
ATOM   436 C  CE  . LYS A 1 57 ? -0.156  15.818  11.478  1.00 58.03 ? 55   LYS A CE  1 
ATOM   437 N  NZ  . LYS A 1 57 ? 0.234   14.394  11.710  1.00 56.87 ? 55   LYS A NZ  1 
ATOM   438 N  N   . SER A 1 58 ? 3.524   21.999  10.721  1.00 56.44 ? 56   SER A N   1 
ATOM   439 C  CA  . SER A 1 58 ? 4.718   22.780  11.035  1.00 63.26 ? 56   SER A CA  1 
ATOM   440 C  C   . SER A 1 58 ? 4.386   24.229  11.394  1.00 66.78 ? 56   SER A C   1 
ATOM   441 O  O   . SER A 1 58 ? 4.987   25.164  10.857  1.00 68.72 ? 56   SER A O   1 
ATOM   442 C  CB  . SER A 1 58 ? 5.679   22.767  9.843   1.00 63.63 ? 56   SER A CB  1 
ATOM   443 O  OG  . SER A 1 58 ? 6.027   21.444  9.478   1.00 66.56 ? 56   SER A OG  1 
ATOM   444 N  N   . GLN A 1 59 ? 3.431   24.414  12.301  1.00 69.98 ? 57   GLN A N   1 
ATOM   445 C  CA  . GLN A 1 59 ? 3.023   25.748  12.729  1.00 72.20 ? 57   GLN A CA  1 
ATOM   446 C  C   . GLN A 1 59 ? 2.138   25.655  13.968  1.00 73.19 ? 57   GLN A C   1 
ATOM   447 O  O   . GLN A 1 59 ? 2.161   26.599  14.794  1.00 73.69 ? 57   GLN A O   1 
ATOM   448 C  CB  . GLN A 1 59 ? 2.264   26.462  11.607  1.00 72.52 ? 57   GLN A CB  1 
ATOM   449 C  CG  . GLN A 1 59 ? 0.897   25.874  11.300  1.00 72.21 ? 57   GLN A CG  1 
ATOM   450 C  CD  . GLN A 1 59 ? 0.160   26.649  10.225  1.00 73.13 ? 57   GLN A CD  1 
ATOM   451 O  OE1 . GLN A 1 59 ? -0.040  27.859  10.343  1.00 73.79 ? 57   GLN A OE1 1 
ATOM   452 N  NE2 . GLN A 1 59 ? -0.247  25.955  9.167   1.00 72.67 ? 57   GLN A NE2 1 
ATOM   453 N  N   . PRO A 1 60 ? 1.419   24.640  14.088  1.00 71.74 ? 58   PRO A N   1 
ATOM   454 N  N   . GLY B 1 1  ? -11.404 -1.606  12.027  1.00 48.07 ? -2   GLY B N   1 
ATOM   455 C  CA  . GLY B 1 1  ? -10.600 -0.902  10.987  1.00 44.34 ? -2   GLY B CA  1 
ATOM   456 C  C   . GLY B 1 1  ? -11.500 -0.214  9.983   1.00 42.62 ? -2   GLY B C   1 
ATOM   457 O  O   . GLY B 1 1  ? -12.721 -0.367  10.031  1.00 45.42 ? -2   GLY B O   1 
ATOM   458 N  N   . SER B 1 2  ? -10.909 0.562   9.083   1.00 37.27 ? -1   SER B N   1 
ATOM   459 C  CA  . SER B 1 2  ? -11.687 1.254   8.067   1.00 34.95 ? -1   SER B CA  1 
ATOM   460 C  C   . SER B 1 2  ? -11.063 1.011   6.700   1.00 31.87 ? -1   SER B C   1 
ATOM   461 O  O   . SER B 1 2  ? -9.866  0.739   6.583   1.00 29.68 ? -1   SER B O   1 
ATOM   462 C  CB  . SER B 1 2  ? -11.749 2.759   8.356   1.00 35.99 ? -1   SER B CB  1 
ATOM   463 O  OG  . SER B 1 2  ? -10.463 3.347   8.304   1.00 46.02 ? -1   SER B OG  1 
HETATM 464 N  N   . MSE B 1 3  ? -11.891 1.104   5.668   1.00 29.82 ? 1    MSE B N   1 
HETATM 465 C  CA  . MSE B 1 3  ? -11.436 0.893   4.306   1.00 28.13 ? 1    MSE B CA  1 
HETATM 466 C  C   . MSE B 1 3  ? -11.332 2.211   3.547   1.00 28.35 ? 1    MSE B C   1 
HETATM 467 O  O   . MSE B 1 3  ? -12.201 3.082   3.675   1.00 28.72 ? 1    MSE B O   1 
HETATM 468 C  CB  . MSE B 1 3  ? -12.417 -0.039  3.582   1.00 31.67 ? 1    MSE B CB  1 
HETATM 469 C  CG  . MSE B 1 3  ? -12.146 -0.204  2.097   1.00 36.15 ? 1    MSE B CG  1 
HETATM 470 SE SE  . MSE B 1 3  ? -10.559 -1.253  1.723   1.00 42.93 ? 1    MSE B SE  1 
HETATM 471 C  CE  . MSE B 1 3  ? -11.397 -2.663  0.696   1.00 41.83 ? 1    MSE B CE  1 
ATOM   472 N  N   . LEU B 1 4  ? -10.255 2.367   2.784   1.00 24.17 ? 2    LEU B N   1 
ATOM   473 C  CA  . LEU B 1 4  ? -10.073 3.555   1.955   1.00 25.28 ? 2    LEU B CA  1 
ATOM   474 C  C   . LEU B 1 4  ? -9.785  3.085   0.537   1.00 27.83 ? 2    LEU B C   1 
ATOM   475 O  O   . LEU B 1 4  ? -8.811  2.369   0.296   1.00 26.85 ? 2    LEU B O   1 
ATOM   476 C  CB  . LEU B 1 4  ? -8.907  4.427   2.428   1.00 28.42 ? 2    LEU B CB  1 
ATOM   477 C  CG  . LEU B 1 4  ? -8.679  5.636   1.501   1.00 31.30 ? 2    LEU B CG  1 
ATOM   478 C  CD1 . LEU B 1 4  ? -9.855  6.609   1.633   1.00 27.75 ? 2    LEU B CD1 1 
ATOM   479 C  CD2 . LEU B 1 4  ? -7.365  6.340   1.844   1.00 31.95 ? 2    LEU B CD2 1 
ATOM   480 N  N   . ILE B 1 5  ? -10.647 3.466   -0.396  1.00 26.42 ? 3    ILE B N   1 
ATOM   481 C  CA  . ILE B 1 5  ? -10.460 3.093   -1.790  1.00 26.74 ? 3    ILE B CA  1 
ATOM   482 C  C   . ILE B 1 5  ? -10.035 4.344   -2.537  1.00 29.83 ? 3    ILE B C   1 
ATOM   483 O  O   . ILE B 1 5  ? -10.679 5.386   -2.429  1.00 26.91 ? 3    ILE B O   1 
ATOM   484 C  CB  . ILE B 1 5  ? -11.767 2.539   -2.407  1.00 30.05 ? 3    ILE B CB  1 
ATOM   485 C  CG1 . ILE B 1 5  ? -12.144 1.223   -1.710  1.00 26.79 ? 3    ILE B CG1 1 
ATOM   486 C  CG2 . ILE B 1 5  ? -11.596 2.340   -3.924  1.00 25.93 ? 3    ILE B CG2 1 
ATOM   487 C  CD1 . ILE B 1 5  ? -13.487 0.661   -2.136  1.00 31.70 ? 3    ILE B CD1 1 
ATOM   488 N  N   . LEU B 1 6  ? -8.932  4.250   -3.271  1.00 23.98 ? 4    LEU B N   1 
ATOM   489 C  CA  . LEU B 1 6  ? -8.452  5.395   -4.028  1.00 27.99 ? 4    LEU B CA  1 
ATOM   490 C  C   . LEU B 1 6  ? -7.804  4.925   -5.309  1.00 26.64 ? 4    LEU B C   1 
ATOM   491 O  O   . LEU B 1 6  ? -7.644  3.726   -5.538  1.00 27.94 ? 4    LEU B O   1 
ATOM   492 C  CB  . LEU B 1 6  ? -7.440  6.215   -3.216  1.00 28.17 ? 4    LEU B CB  1 
ATOM   493 C  CG  . LEU B 1 6  ? -6.069  5.601   -2.907  1.00 31.49 ? 4    LEU B CG  1 
ATOM   494 C  CD1 . LEU B 1 6  ? -5.140  6.688   -2.381  1.00 30.90 ? 4    LEU B CD1 1 
ATOM   495 C  CD2 . LEU B 1 6  ? -6.203  4.470   -1.895  1.00 27.31 ? 4    LEU B CD2 1 
ATOM   496 N  N   . THR B 1 7  ? -7.448  5.880   -6.154  1.00 27.39 ? 5    THR B N   1 
ATOM   497 C  CA  . THR B 1 7  ? -6.798  5.567   -7.411  1.00 30.35 ? 5    THR B CA  1 
ATOM   498 C  C   . THR B 1 7  ? -5.385  6.137   -7.398  1.00 26.29 ? 5    THR B C   1 
ATOM   499 O  O   . THR B 1 7  ? -5.145  7.219   -6.867  1.00 27.59 ? 5    THR B O   1 
ATOM   500 C  CB  . THR B 1 7  ? -7.582  6.155   -8.612  1.00 29.51 ? 5    THR B CB  1 
ATOM   501 O  OG1 . THR B 1 7  ? -8.856  5.508   -8.708  1.00 37.92 ? 5    THR B OG1 1 
ATOM   502 C  CG2 . THR B 1 7  ? -6.821  5.935   -9.910  1.00 35.26 ? 5    THR B CG2 1 
ATOM   503 N  N   . ARG B 1 8  ? -4.448  5.382   -7.954  1.00 29.17 ? 6    ARG B N   1 
ATOM   504 C  CA  . ARG B 1 8  ? -3.064  5.824   -8.038  1.00 29.32 ? 6    ARG B CA  1 
ATOM   505 C  C   . ARG B 1 8  ? -2.563  5.440   -9.419  1.00 29.83 ? 6    ARG B C   1 
ATOM   506 O  O   . ARG B 1 8  ? -2.671  4.281   -9.830  1.00 31.02 ? 6    ARG B O   1 
ATOM   507 C  CB  . ARG B 1 8  ? -2.189  5.136   -6.975  1.00 30.36 ? 6    ARG B CB  1 
ATOM   508 C  CG  . ARG B 1 8  ? -2.457  5.536   -5.519  1.00 26.26 ? 6    ARG B CG  1 
ATOM   509 C  CD  . ARG B 1 8  ? -1.922  6.919   -5.180  1.00 23.80 ? 6    ARG B CD  1 
ATOM   510 N  NE  . ARG B 1 8  ? -2.794  7.990   -5.648  1.00 28.25 ? 6    ARG B NE  1 
ATOM   511 C  CZ  . ARG B 1 8  ? -2.517  9.285   -5.536  1.00 25.83 ? 6    ARG B CZ  1 
ATOM   512 N  NH1 . ARG B 1 8  ? -1.382  9.679   -4.972  1.00 24.47 ? 6    ARG B NH1 1 
ATOM   513 N  NH2 . ARG B 1 8  ? -3.380  10.190  -5.981  1.00 26.94 ? 6    ARG B NH2 1 
ATOM   514 N  N   . ARG B 1 9  ? -2.035  6.417   -10.146 1.00 28.92 ? 7    ARG B N   1 
ATOM   515 C  CA  . ARG B 1 9  ? -1.489  6.153   -11.470 1.00 30.88 ? 7    ARG B CA  1 
ATOM   516 C  C   . ARG B 1 9  ? -0.025  5.794   -11.272 1.00 28.93 ? 7    ARG B C   1 
ATOM   517 O  O   . ARG B 1 9  ? 0.540   6.064   -10.214 1.00 27.46 ? 7    ARG B O   1 
ATOM   518 C  CB  . ARG B 1 9  ? -1.597  7.398   -12.346 1.00 36.27 ? 7    ARG B CB  1 
ATOM   519 C  CG  . ARG B 1 9  ? -3.025  7.831   -12.621 1.00 49.58 ? 7    ARG B CG  1 
ATOM   520 C  CD  . ARG B 1 9  ? -3.068  9.230   -13.203 1.00 60.85 ? 7    ARG B CD  1 
ATOM   521 N  NE  . ARG B 1 9  ? -4.438  9.691   -13.402 1.00 73.09 ? 7    ARG B NE  1 
ATOM   522 C  CZ  . ARG B 1 9  ? -4.763  10.937  -13.733 1.00 80.25 ? 7    ARG B CZ  1 
ATOM   523 N  NH1 . ARG B 1 9  ? -3.815  11.849  -13.904 1.00 83.56 ? 7    ARG B NH1 1 
ATOM   524 N  NH2 . ARG B 1 9  ? -6.037  11.271  -13.891 1.00 82.42 ? 7    ARG B NH2 1 
ATOM   525 N  N   . VAL B 1 10 ? 0.582   5.172   -12.276 1.00 30.09 ? 8    VAL B N   1 
ATOM   526 C  CA  . VAL B 1 10 ? 1.992   4.815   -12.198 1.00 30.32 ? 8    VAL B CA  1 
ATOM   527 C  C   . VAL B 1 10 ? 2.767   6.062   -11.767 1.00 30.93 ? 8    VAL B C   1 
ATOM   528 O  O   . VAL B 1 10 ? 2.530   7.157   -12.282 1.00 31.02 ? 8    VAL B O   1 
ATOM   529 C  CB  . VAL B 1 10 ? 2.516   4.325   -13.576 1.00 30.96 ? 8    VAL B CB  1 
ATOM   530 C  CG1 . VAL B 1 10 ? 4.038   4.221   -13.560 1.00 25.63 ? 8    VAL B CG1 1 
ATOM   531 C  CG2 . VAL B 1 10 ? 1.899   2.969   -13.911 1.00 28.81 ? 8    VAL B CG2 1 
ATOM   532 N  N   . GLY B 1 11 ? 3.670   5.894   -10.805 1.00 30.31 ? 9    GLY B N   1 
ATOM   533 C  CA  . GLY B 1 11 ? 4.458   7.013   -10.325 1.00 29.82 ? 9    GLY B CA  1 
ATOM   534 C  C   . GLY B 1 11 ? 3.851   7.714   -9.120  1.00 30.32 ? 9    GLY B C   1 
ATOM   535 O  O   . GLY B 1 11 ? 4.513   8.527   -8.472  1.00 27.27 ? 9    GLY B O   1 
ATOM   536 N  N   . GLU B 1 12 ? 2.593   7.411   -8.816  1.00 28.00 ? 10   GLU B N   1 
ATOM   537 C  CA  . GLU B 1 12 ? 1.926   8.040   -7.682  1.00 29.70 ? 10   GLU B CA  1 
ATOM   538 C  C   . GLU B 1 12 ? 2.107   7.219   -6.412  1.00 28.03 ? 10   GLU B C   1 
ATOM   539 O  O   . GLU B 1 12 ? 2.304   6.000   -6.458  1.00 27.09 ? 10   GLU B O   1 
ATOM   540 C  CB  . GLU B 1 12 ? 0.439   8.270   -7.981  1.00 29.16 ? 10   GLU B CB  1 
ATOM   541 C  CG  . GLU B 1 12 ? 0.214   9.216   -9.156  1.00 33.89 ? 10   GLU B CG  1 
ATOM   542 C  CD  . GLU B 1 12 ? -1.212  9.743   -9.235  1.00 39.29 ? 10   GLU B CD  1 
ATOM   543 O  OE1 . GLU B 1 12 ? -2.163  8.934   -9.323  1.00 33.95 ? 10   GLU B OE1 1 
ATOM   544 O  OE2 . GLU B 1 12 ? -1.380  10.979  -9.211  1.00 44.92 ? 10   GLU B OE2 1 
ATOM   545 N  N   . THR B 1 13 ? 2.022   7.905   -5.280  1.00 25.31 ? 11   THR B N   1 
ATOM   546 C  CA  . THR B 1 13 ? 2.242   7.293   -3.984  1.00 25.37 ? 11   THR B CA  1 
ATOM   547 C  C   . THR B 1 13 ? 1.168   7.592   -2.953  1.00 23.64 ? 11   THR B C   1 
ATOM   548 O  O   . THR B 1 13 ? 0.456   8.592   -3.042  1.00 22.07 ? 11   THR B O   1 
ATOM   549 C  CB  . THR B 1 13 ? 3.604   7.783   -3.414  1.00 29.00 ? 11   THR B CB  1 
ATOM   550 O  OG1 . THR B 1 13 ? 4.654   7.389   -4.303  1.00 30.00 ? 11   THR B OG1 1 
ATOM   551 C  CG2 . THR B 1 13 ? 3.875   7.214   -2.019  1.00 29.12 ? 11   THR B CG2 1 
ATOM   552 N  N   . LEU B 1 14 ? 1.065   6.705   -1.969  1.00 23.80 ? 12   LEU B N   1 
ATOM   553 C  CA  . LEU B 1 14 ? 0.132   6.878   -0.870  1.00 23.78 ? 12   LEU B CA  1 
ATOM   554 C  C   . LEU B 1 14 ? 0.930   6.677   0.419   1.00 25.21 ? 12   LEU B C   1 
ATOM   555 O  O   . LEU B 1 14 ? 1.939   5.967   0.436   1.00 23.69 ? 12   LEU B O   1 
ATOM   556 C  CB  . LEU B 1 14 ? -1.031  5.880   -0.969  1.00 25.68 ? 12   LEU B CB  1 
ATOM   557 C  CG  . LEU B 1 14 ? -0.822  4.365   -0.880  1.00 25.50 ? 12   LEU B CG  1 
ATOM   558 C  CD1 . LEU B 1 14 ? -0.707  3.921   0.581   1.00 25.47 ? 12   LEU B CD1 1 
ATOM   559 C  CD2 . LEU B 1 14 ? -2.014  3.676   -1.532  1.00 28.77 ? 12   LEU B CD2 1 
HETATM 560 N  N   . MSE B 1 15 ? 0.498   7.333   1.486   1.00 24.52 ? 13   MSE B N   1 
HETATM 561 C  CA  . MSE B 1 15 ? 1.172   7.229   2.771   1.00 25.62 ? 13   MSE B CA  1 
HETATM 562 C  C   . MSE B 1 15 ? 0.285   6.523   3.772   1.00 26.33 ? 13   MSE B C   1 
HETATM 563 O  O   . MSE B 1 15 ? -0.926  6.729   3.786   1.00 25.90 ? 13   MSE B O   1 
HETATM 564 C  CB  . MSE B 1 15 ? 1.524   8.620   3.321   1.00 25.84 ? 13   MSE B CB  1 
HETATM 565 C  CG  . MSE B 1 15 ? 2.835   9.186   2.833   1.00 33.07 ? 13   MSE B CG  1 
HETATM 566 SE SE  . MSE B 1 15 ? 2.815   9.579   0.960   1.00 43.22 ? 13   MSE B SE  1 
HETATM 567 C  CE  . MSE B 1 15 ? 4.446   10.618  0.849   1.00 44.69 ? 13   MSE B CE  1 
ATOM   568 N  N   . ILE B 1 16 ? 0.901   5.684   4.600   1.00 24.66 ? 14   ILE B N   1 
ATOM   569 C  CA  . ILE B 1 16 ? 0.193   4.962   5.644   1.00 25.61 ? 14   ILE B CA  1 
ATOM   570 C  C   . ILE B 1 16 ? 0.947   5.346   6.907   1.00 27.41 ? 14   ILE B C   1 
ATOM   571 O  O   . ILE B 1 16 ? 2.107   4.971   7.082   1.00 26.84 ? 14   ILE B O   1 
ATOM   572 C  CB  . ILE B 1 16 ? 0.254   3.437   5.420   1.00 28.11 ? 14   ILE B CB  1 
ATOM   573 C  CG1 . ILE B 1 16 ? -0.461  3.083   4.110   1.00 28.91 ? 14   ILE B CG1 1 
ATOM   574 C  CG2 . ILE B 1 16 ? -0.392  2.716   6.591   1.00 26.92 ? 14   ILE B CG2 1 
ATOM   575 C  CD1 . ILE B 1 16 ? -0.296  1.638   3.675   1.00 26.62 ? 14   ILE B CD1 1 
ATOM   576 N  N   . GLY B 1 17 ? 0.291   6.107   7.781   1.00 29.61 ? 15   GLY B N   1 
ATOM   577 C  CA  . GLY B 1 17 ? 0.960   6.568   8.980   1.00 29.16 ? 15   GLY B CA  1 
ATOM   578 C  C   . GLY B 1 17 ? 2.046   7.527   8.525   1.00 29.27 ? 15   GLY B C   1 
ATOM   579 O  O   . GLY B 1 17 ? 1.954   8.112   7.443   1.00 28.90 ? 15   GLY B O   1 
ATOM   580 N  N   . ASP B 1 18 ? 3.092   7.680   9.325   1.00 31.38 ? 16   ASP B N   1 
ATOM   581 C  CA  . ASP B 1 18 ? 4.174   8.585   8.961   1.00 32.69 ? 16   ASP B CA  1 
ATOM   582 C  C   . ASP B 1 18 ? 5.442   7.875   8.514   1.00 32.65 ? 16   ASP B C   1 
ATOM   583 O  O   . ASP B 1 18 ? 6.391   8.525   8.085   1.00 31.83 ? 16   ASP B O   1 
ATOM   584 C  CB  . ASP B 1 18 ? 4.510   9.514   10.133  1.00 37.24 ? 16   ASP B CB  1 
ATOM   585 C  CG  . ASP B 1 18 ? 3.434   10.549  10.383  1.00 43.23 ? 16   ASP B CG  1 
ATOM   586 O  OD1 . ASP B 1 18 ? 3.084   11.279  9.431   1.00 42.98 ? 16   ASP B OD1 1 
ATOM   587 O  OD2 . ASP B 1 18 ? 2.941   10.638  11.530  1.00 45.79 ? 16   ASP B OD2 1 
ATOM   588 N  N   . GLU B 1 19 ? 5.454   6.548   8.590   1.00 31.47 ? 17   GLU B N   1 
ATOM   589 C  CA  . GLU B 1 19 ? 6.651   5.794   8.224   1.00 36.38 ? 17   GLU B CA  1 
ATOM   590 C  C   . GLU B 1 19 ? 6.541   4.863   7.024   1.00 32.65 ? 17   GLU B C   1 
ATOM   591 O  O   . GLU B 1 19 ? 7.526   4.224   6.655   1.00 30.42 ? 17   GLU B O   1 
ATOM   592 C  CB  . GLU B 1 19 ? 7.124   4.960   9.422   1.00 43.02 ? 17   GLU B CB  1 
ATOM   593 C  CG  . GLU B 1 19 ? 7.444   5.748   10.678  1.00 52.63 ? 17   GLU B CG  1 
ATOM   594 C  CD  . GLU B 1 19 ? 7.896   4.846   11.814  1.00 61.62 ? 17   GLU B CD  1 
ATOM   595 O  OE1 . GLU B 1 19 ? 7.119   3.950   12.210  1.00 66.47 ? 17   GLU B OE1 1 
ATOM   596 O  OE2 . GLU B 1 19 ? 9.031   5.026   12.307  1.00 67.03 ? 17   GLU B OE2 1 
ATOM   597 N  N   . VAL B 1 20 ? 5.363   4.776   6.414   1.00 31.69 ? 18   VAL B N   1 
ATOM   598 C  CA  . VAL B 1 20 ? 5.188   3.870   5.285   1.00 31.36 ? 18   VAL B CA  1 
ATOM   599 C  C   . VAL B 1 20 ? 4.633   4.509   4.018   1.00 27.79 ? 18   VAL B C   1 
ATOM   600 O  O   . VAL B 1 20 ? 3.680   5.279   4.068   1.00 26.14 ? 18   VAL B O   1 
ATOM   601 C  CB  . VAL B 1 20 ? 4.258   2.687   5.672   1.00 33.00 ? 18   VAL B CB  1 
ATOM   602 C  CG1 . VAL B 1 20 ? 3.988   1.801   4.454   1.00 33.52 ? 18   VAL B CG1 1 
ATOM   603 C  CG2 . VAL B 1 20 ? 4.887   1.880   6.783   1.00 30.16 ? 18   VAL B CG2 1 
ATOM   604 N  N   . THR B 1 21 ? 5.239   4.184   2.883   1.00 25.80 ? 19   THR B N   1 
ATOM   605 C  CA  . THR B 1 21 ? 4.760   4.697   1.606   1.00 29.27 ? 19   THR B CA  1 
ATOM   606 C  C   . THR B 1 21 ? 4.626   3.563   0.605   1.00 27.75 ? 19   THR B C   1 
ATOM   607 O  O   . THR B 1 21 ? 5.421   2.624   0.602   1.00 27.78 ? 19   THR B O   1 
ATOM   608 C  CB  . THR B 1 21 ? 5.701   5.769   1.001   1.00 29.62 ? 19   THR B CB  1 
ATOM   609 O  OG1 . THR B 1 21 ? 6.971   5.184   0.695   1.00 33.77 ? 19   THR B OG1 1 
ATOM   610 C  CG2 . THR B 1 21 ? 5.876   6.923   1.966   1.00 28.87 ? 19   THR B CG2 1 
ATOM   611 N  N   . VAL B 1 22 ? 3.598   3.639   -0.230  1.00 24.73 ? 20   VAL B N   1 
ATOM   612 C  CA  . VAL B 1 22 ? 3.385   2.627   -1.251  1.00 25.84 ? 20   VAL B CA  1 
ATOM   613 C  C   . VAL B 1 22 ? 3.314   3.368   -2.581  1.00 23.73 ? 20   VAL B C   1 
ATOM   614 O  O   . VAL B 1 22 ? 2.506   4.280   -2.741  1.00 23.91 ? 20   VAL B O   1 
ATOM   615 C  CB  . VAL B 1 22 ? 2.072   1.855   -1.019  1.00 25.57 ? 20   VAL B CB  1 
ATOM   616 C  CG1 . VAL B 1 22 ? 1.854   0.856   -2.146  1.00 25.39 ? 20   VAL B CG1 1 
ATOM   617 C  CG2 . VAL B 1 22 ? 2.122   1.143   0.324   1.00 23.94 ? 20   VAL B CG2 1 
ATOM   618 N  N   . THR B 1 23 ? 4.161   2.974   -3.523  1.00 22.27 ? 21   THR B N   1 
ATOM   619 C  CA  . THR B 1 23 ? 4.213   3.622   -4.828  1.00 23.17 ? 21   THR B CA  1 
ATOM   620 C  C   . THR B 1 23 ? 3.956   2.668   -5.979  1.00 23.78 ? 21   THR B C   1 
ATOM   621 O  O   . THR B 1 23 ? 4.487   1.557   -6.008  1.00 26.37 ? 21   THR B O   1 
ATOM   622 C  CB  . THR B 1 23 ? 5.595   4.284   -5.052  1.00 27.39 ? 21   THR B CB  1 
ATOM   623 O  OG1 . THR B 1 23 ? 5.887   5.155   -3.954  1.00 29.42 ? 21   THR B OG1 1 
ATOM   624 C  CG2 . THR B 1 23 ? 5.614   5.092   -6.352  1.00 24.64 ? 21   THR B CG2 1 
ATOM   625 N  N   . VAL B 1 24 ? 3.125   3.102   -6.923  1.00 25.18 ? 22   VAL B N   1 
ATOM   626 C  CA  . VAL B 1 24 ? 2.829   2.295   -8.097  1.00 26.25 ? 22   VAL B CA  1 
ATOM   627 C  C   . VAL B 1 24 ? 3.995   2.524   -9.049  1.00 27.48 ? 22   VAL B C   1 
ATOM   628 O  O   . VAL B 1 24 ? 4.221   3.650   -9.491  1.00 24.03 ? 22   VAL B O   1 
ATOM   629 C  CB  . VAL B 1 24 ? 1.514   2.743   -8.775  1.00 28.13 ? 22   VAL B CB  1 
ATOM   630 C  CG1 . VAL B 1 24 ? 1.332   2.013   -10.098 1.00 28.30 ? 22   VAL B CG1 1 
ATOM   631 C  CG2 . VAL B 1 24 ? 0.337   2.457   -7.855  1.00 28.57 ? 22   VAL B CG2 1 
ATOM   632 N  N   . LEU B 1 25 ? 4.735   1.461   -9.353  1.00 25.53 ? 23   LEU B N   1 
ATOM   633 C  CA  . LEU B 1 25 ? 5.895   1.575   -10.232 1.00 29.40 ? 23   LEU B CA  1 
ATOM   634 C  C   . LEU B 1 25 ? 5.624   1.182   -11.680 1.00 32.06 ? 23   LEU B C   1 
ATOM   635 O  O   . LEU B 1 25 ? 6.377   1.552   -12.578 1.00 33.57 ? 23   LEU B O   1 
ATOM   636 C  CB  . LEU B 1 25 ? 7.053   0.741   -9.677  1.00 26.01 ? 23   LEU B CB  1 
ATOM   637 C  CG  . LEU B 1 25 ? 7.529   1.140   -8.273  1.00 24.49 ? 23   LEU B CG  1 
ATOM   638 C  CD1 . LEU B 1 25 ? 8.642   0.198   -7.830  1.00 23.97 ? 23   LEU B CD1 1 
ATOM   639 C  CD2 . LEU B 1 25 ? 8.014   2.591   -8.271  1.00 25.52 ? 23   LEU B CD2 1 
ATOM   640 N  N   . GLY B 1 26 ? 4.554   0.433   -11.909 1.00 33.30 ? 24   GLY B N   1 
ATOM   641 C  CA  . GLY B 1 26 ? 4.241   0.027   -13.265 1.00 32.84 ? 24   GLY B CA  1 
ATOM   642 C  C   . GLY B 1 26 ? 3.053   -0.901  -13.342 1.00 33.46 ? 24   GLY B C   1 
ATOM   643 O  O   . GLY B 1 26 ? 2.664   -1.516  -12.349 1.00 33.14 ? 24   GLY B O   1 
ATOM   644 N  N   . VAL B 1 27 ? 2.470   -0.995  -14.532 1.00 34.07 ? 25   VAL B N   1 
ATOM   645 C  CA  . VAL B 1 27 ? 1.319   -1.854  -14.762 1.00 35.96 ? 25   VAL B CA  1 
ATOM   646 C  C   . VAL B 1 27 ? 1.485   -2.620  -16.069 1.00 40.51 ? 25   VAL B C   1 
ATOM   647 O  O   . VAL B 1 27 ? 1.804   -2.040  -17.104 1.00 42.22 ? 25   VAL B O   1 
ATOM   648 C  CB  . VAL B 1 27 ? 0.011   -1.036  -14.831 1.00 36.43 ? 25   VAL B CB  1 
ATOM   649 C  CG1 . VAL B 1 27 ? -1.140  -1.930  -15.273 1.00 36.60 ? 25   VAL B CG1 1 
ATOM   650 C  CG2 . VAL B 1 27 ? -0.293  -0.429  -13.467 1.00 31.51 ? 25   VAL B CG2 1 
ATOM   651 N  N   . LYS B 1 28 ? 1.271   -3.928  -16.009 1.00 40.30 ? 26   LYS B N   1 
ATOM   652 C  CA  . LYS B 1 28 ? 1.378   -4.781  -17.182 1.00 43.42 ? 26   LYS B CA  1 
ATOM   653 C  C   . LYS B 1 28 ? 0.200   -5.743  -17.149 1.00 41.72 ? 26   LYS B C   1 
ATOM   654 O  O   . LYS B 1 28 ? 0.237   -6.752  -16.455 1.00 41.51 ? 26   LYS B O   1 
ATOM   655 C  CB  . LYS B 1 28 ? 2.694   -5.560  -17.148 1.00 47.50 ? 26   LYS B CB  1 
ATOM   656 C  CG  . LYS B 1 28 ? 2.884   -6.521  -18.305 1.00 56.41 ? 26   LYS B CG  1 
ATOM   657 C  CD  . LYS B 1 28 ? 4.201   -7.276  -18.182 1.00 63.19 ? 26   LYS B CD  1 
ATOM   658 C  CE  . LYS B 1 28 ? 4.396   -8.242  -19.342 1.00 66.91 ? 26   LYS B CE  1 
ATOM   659 N  NZ  . LYS B 1 28 ? 5.708   -8.945  -19.267 1.00 69.62 ? 26   LYS B NZ  1 
ATOM   660 N  N   . GLY B 1 29 ? -0.850  -5.425  -17.898 1.00 43.33 ? 27   GLY B N   1 
ATOM   661 C  CA  . GLY B 1 29 ? -2.022  -6.281  -17.903 1.00 44.32 ? 27   GLY B CA  1 
ATOM   662 C  C   . GLY B 1 29 ? -2.749  -6.175  -16.574 1.00 42.34 ? 27   GLY B C   1 
ATOM   663 O  O   . GLY B 1 29 ? -3.257  -5.108  -16.226 1.00 42.36 ? 27   GLY B O   1 
ATOM   664 N  N   . ASN B 1 30 ? -2.795  -7.270  -15.821 1.00 43.76 ? 28   ASN B N   1 
ATOM   665 C  CA  . ASN B 1 30 ? -3.468  -7.263  -14.526 1.00 44.33 ? 28   ASN B CA  1 
ATOM   666 C  C   . ASN B 1 30 ? -2.470  -7.286  -13.362 1.00 41.76 ? 28   ASN B C   1 
ATOM   667 O  O   . ASN B 1 30 ? -2.858  -7.430  -12.205 1.00 38.61 ? 28   ASN B O   1 
ATOM   668 C  CB  . ASN B 1 30 ? -4.436  -8.452  -14.422 1.00 47.19 ? 28   ASN B CB  1 
ATOM   669 C  CG  . ASN B 1 30 ? -3.724  -9.775  -14.196 1.00 54.87 ? 28   ASN B CG  1 
ATOM   670 O  OD1 . ASN B 1 30 ? -2.745  -10.095 -14.870 1.00 61.43 ? 28   ASN B OD1 1 
ATOM   671 N  ND2 . ASN B 1 30 ? -4.225  -10.558 -13.246 1.00 59.42 ? 28   ASN B ND2 1 
ATOM   672 N  N   . GLN B 1 31 ? -1.184  -7.145  -13.669 1.00 39.41 ? 29   GLN B N   1 
ATOM   673 C  CA  . GLN B 1 31 ? -0.167  -7.135  -12.622 1.00 41.69 ? 29   GLN B CA  1 
ATOM   674 C  C   . GLN B 1 31 ? 0.376   -5.727  -12.411 1.00 36.75 ? 29   GLN B C   1 
ATOM   675 O  O   . GLN B 1 31 ? 0.622   -4.984  -13.360 1.00 34.58 ? 29   GLN B O   1 
ATOM   676 C  CB  . GLN B 1 31 ? 0.966   -8.119  -12.947 1.00 44.84 ? 29   GLN B CB  1 
ATOM   677 C  CG  . GLN B 1 31 ? 1.397   -8.144  -14.398 1.00 57.63 ? 29   GLN B CG  1 
ATOM   678 C  CD  . GLN B 1 31 ? 2.397   -9.251  -14.696 1.00 62.13 ? 29   GLN B CD  1 
ATOM   679 O  OE1 . GLN B 1 31 ? 2.124   -10.431 -14.464 1.00 60.12 ? 29   GLN B OE1 1 
ATOM   680 N  NE2 . GLN B 1 31 ? 3.563   -8.873  -15.215 1.00 63.22 ? 29   GLN B NE2 1 
ATOM   681 N  N   . VAL B 1 32 ? 0.539   -5.362  -11.147 1.00 32.86 ? 30   VAL B N   1 
ATOM   682 C  CA  . VAL B 1 32 ? 1.023   -4.039  -10.791 1.00 30.04 ? 30   VAL B CA  1 
ATOM   683 C  C   . VAL B 1 32 ? 2.349   -4.164  -10.057 1.00 28.26 ? 30   VAL B C   1 
ATOM   684 O  O   . VAL B 1 32 ? 2.485   -4.974  -9.141  1.00 27.21 ? 30   VAL B O   1 
ATOM   685 C  CB  . VAL B 1 32 ? -0.001  -3.297  -9.872  1.00 30.63 ? 30   VAL B CB  1 
ATOM   686 C  CG1 . VAL B 1 32 ? 0.525   -1.921  -9.499  1.00 27.40 ? 30   VAL B CG1 1 
ATOM   687 C  CG2 . VAL B 1 32 ? -1.357  -3.175  -10.576 1.00 29.89 ? 30   VAL B CG2 1 
ATOM   688 N  N   . ARG B 1 33 ? 3.328   -3.370  -10.477 1.00 27.54 ? 31   ARG B N   1 
ATOM   689 C  CA  . ARG B 1 33 ? 4.638   -3.367  -9.841  1.00 29.34 ? 31   ARG B CA  1 
ATOM   690 C  C   . ARG B 1 33 ? 4.530   -2.320  -8.738  1.00 26.50 ? 31   ARG B C   1 
ATOM   691 O  O   . ARG B 1 33 ? 4.218   -1.160  -8.995  1.00 27.80 ? 31   ARG B O   1 
ATOM   692 C  CB  . ARG B 1 33 ? 5.722   -2.982  -10.855 1.00 34.70 ? 31   ARG B CB  1 
ATOM   693 C  CG  . ARG B 1 33 ? 7.136   -3.302  -10.411 1.00 40.23 ? 31   ARG B CG  1 
ATOM   694 C  CD  . ARG B 1 33 ? 7.324   -4.800  -10.225 1.00 47.89 ? 31   ARG B CD  1 
ATOM   695 N  NE  . ARG B 1 33 ? 8.707   -5.142  -9.909  1.00 52.72 ? 31   ARG B NE  1 
ATOM   696 C  CZ  . ARG B 1 33 ? 9.116   -6.351  -9.534  1.00 54.22 ? 31   ARG B CZ  1 
ATOM   697 N  NH1 . ARG B 1 33 ? 8.247   -7.345  -9.423  1.00 53.52 ? 31   ARG B NH1 1 
ATOM   698 N  NH2 . ARG B 1 33 ? 10.400  -6.566  -9.271  1.00 55.18 ? 31   ARG B NH2 1 
ATOM   699 N  N   . ILE B 1 34 ? 4.785   -2.741  -7.508  1.00 28.65 ? 32   ILE B N   1 
ATOM   700 C  CA  . ILE B 1 34 ? 4.664   -1.858  -6.361  1.00 27.59 ? 32   ILE B CA  1 
ATOM   701 C  C   . ILE B 1 34 ? 5.944   -1.714  -5.550  1.00 28.80 ? 32   ILE B C   1 
ATOM   702 O  O   . ILE B 1 34 ? 6.658   -2.687  -5.305  1.00 26.82 ? 32   ILE B O   1 
ATOM   703 C  CB  . ILE B 1 34 ? 3.550   -2.376  -5.426  1.00 28.21 ? 32   ILE B CB  1 
ATOM   704 C  CG1 . ILE B 1 34 ? 2.213   -2.368  -6.174  1.00 30.91 ? 32   ILE B CG1 1 
ATOM   705 C  CG2 . ILE B 1 34 ? 3.495   -1.553  -4.152  1.00 31.38 ? 32   ILE B CG2 1 
ATOM   706 C  CD1 . ILE B 1 34 ? 1.069   -2.992  -5.393  1.00 33.76 ? 32   ILE B CD1 1 
ATOM   707 N  N   . GLY B 1 35 ? 6.219   -0.484  -5.136  1.00 22.63 ? 33   GLY B N   1 
ATOM   708 C  CA  . GLY B 1 35 ? 7.380   -0.215  -4.316  1.00 24.35 ? 33   GLY B CA  1 
ATOM   709 C  C   . GLY B 1 35 ? 6.852   0.136   -2.941  1.00 27.23 ? 33   GLY B C   1 
ATOM   710 O  O   . GLY B 1 35 ? 5.927   0.950   -2.817  1.00 26.53 ? 33   GLY B O   1 
ATOM   711 N  N   . VAL B 1 36 ? 7.416   -0.487  -1.911  1.00 26.59 ? 34   VAL B N   1 
ATOM   712 C  CA  . VAL B 1 36 ? 7.001   -0.234  -0.541  1.00 25.22 ? 34   VAL B CA  1 
ATOM   713 C  C   . VAL B 1 36 ? 8.183   0.198   0.313   1.00 28.27 ? 34   VAL B C   1 
ATOM   714 O  O   . VAL B 1 36 ? 9.220   -0.467  0.333   1.00 23.80 ? 34   VAL B O   1 
ATOM   715 C  CB  . VAL B 1 36 ? 6.378   -1.501  0.113   1.00 27.74 ? 34   VAL B CB  1 
ATOM   716 C  CG1 . VAL B 1 36 ? 6.014   -1.220  1.583   1.00 24.59 ? 34   VAL B CG1 1 
ATOM   717 C  CG2 . VAL B 1 36 ? 5.145   -1.939  -0.663  1.00 26.65 ? 34   VAL B CG2 1 
ATOM   718 N  N   . ASN B 1 37 ? 8.025   1.327   1.001   1.00 28.52 ? 35   ASN B N   1 
ATOM   719 C  CA  . ASN B 1 37 ? 9.047   1.846   1.904   1.00 29.70 ? 35   ASN B CA  1 
ATOM   720 C  C   . ASN B 1 37 ? 8.493   1.741   3.314   1.00 31.41 ? 35   ASN B C   1 
ATOM   721 O  O   . ASN B 1 37 ? 7.465   2.342   3.624   1.00 33.85 ? 35   ASN B O   1 
ATOM   722 C  CB  . ASN B 1 37 ? 9.355   3.313   1.607   1.00 36.14 ? 35   ASN B CB  1 
ATOM   723 C  CG  . ASN B 1 37 ? 10.295  3.483   0.445   1.00 41.02 ? 35   ASN B CG  1 
ATOM   724 O  OD1 . ASN B 1 37 ? 11.461  3.092   0.511   1.00 46.59 ? 35   ASN B OD1 1 
ATOM   725 N  ND2 . ASN B 1 37 ? 9.795   4.068   -0.636  1.00 49.68 ? 35   ASN B ND2 1 
ATOM   726 N  N   . ALA B 1 38 ? 9.162   0.973   4.166   1.00 28.67 ? 36   ALA B N   1 
ATOM   727 C  CA  . ALA B 1 38 ? 8.718   0.810   5.545   1.00 31.97 ? 36   ALA B CA  1 
ATOM   728 C  C   . ALA B 1 38 ? 9.921   0.641   6.463   1.00 32.36 ? 36   ALA B C   1 
ATOM   729 O  O   . ALA B 1 38 ? 11.001  0.268   6.017   1.00 32.23 ? 36   ALA B O   1 
ATOM   730 C  CB  . ALA B 1 38 ? 7.798   -0.407  5.660   1.00 27.65 ? 36   ALA B CB  1 
ATOM   731 N  N   . PRO B 1 39 ? 9.757   0.927   7.761   1.00 35.85 ? 37   PRO B N   1 
ATOM   732 C  CA  . PRO B 1 39 ? 10.919  0.756   8.640   1.00 38.90 ? 37   PRO B CA  1 
ATOM   733 C  C   . PRO B 1 39 ? 11.291  -0.722  8.809   1.00 39.21 ? 37   PRO B C   1 
ATOM   734 O  O   . PRO B 1 39 ? 10.443  -1.609  8.669   1.00 37.09 ? 37   PRO B O   1 
ATOM   735 C  CB  . PRO B 1 39 ? 10.471  1.425   9.941   1.00 37.71 ? 37   PRO B CB  1 
ATOM   736 C  CG  . PRO B 1 39 ? 8.988   1.270   9.922   1.00 39.60 ? 37   PRO B CG  1 
ATOM   737 C  CD  . PRO B 1 39 ? 8.618   1.521   8.482   1.00 32.52 ? 37   PRO B CD  1 
ATOM   738 N  N   . LYS B 1 40 ? 12.566  -0.971  9.095   1.00 41.01 ? 38   LYS B N   1 
ATOM   739 C  CA  . LYS B 1 40 ? 13.096  -2.327  9.273   1.00 44.50 ? 38   LYS B CA  1 
ATOM   740 C  C   . LYS B 1 40 ? 12.207  -3.256  10.088  1.00 42.80 ? 38   LYS B C   1 
ATOM   741 O  O   . LYS B 1 40 ? 12.007  -4.415  9.722   1.00 43.62 ? 38   LYS B O   1 
ATOM   742 C  CB  . LYS B 1 40 ? 14.473  -2.272  9.945   1.00 50.10 ? 38   LYS B CB  1 
ATOM   743 C  CG  . LYS B 1 40 ? 15.529  -1.495  9.174   1.00 59.74 ? 38   LYS B CG  1 
ATOM   744 C  CD  . LYS B 1 40 ? 16.855  -1.470  9.932   1.00 63.73 ? 38   LYS B CD  1 
ATOM   745 C  CE  . LYS B 1 40 ? 17.915  -0.693  9.164   1.00 69.12 ? 38   LYS B CE  1 
ATOM   746 N  NZ  . LYS B 1 40 ? 19.214  -0.631  9.899   1.00 71.22 ? 38   LYS B NZ  1 
ATOM   747 N  N   . GLU B 1 41 ? 11.683  -2.749  11.198  1.00 42.91 ? 39   GLU B N   1 
ATOM   748 C  CA  . GLU B 1 41 ? 10.842  -3.541  12.087  1.00 43.36 ? 39   GLU B CA  1 
ATOM   749 C  C   . GLU B 1 41 ? 9.386   -3.706  11.666  1.00 43.57 ? 39   GLU B C   1 
ATOM   750 O  O   . GLU B 1 41 ? 8.566   -4.204  12.438  1.00 42.83 ? 39   GLU B O   1 
ATOM   751 C  CB  . GLU B 1 41 ? 10.897  -2.966  13.507  1.00 50.07 ? 39   GLU B CB  1 
ATOM   752 C  CG  . GLU B 1 41 ? 10.773  -1.448  13.598  1.00 56.79 ? 39   GLU B CG  1 
ATOM   753 C  CD  . GLU B 1 41 ? 11.977  -0.729  13.016  1.00 61.49 ? 39   GLU B CD  1 
ATOM   754 O  OE1 . GLU B 1 41 ? 13.116  -1.165  13.285  1.00 66.19 ? 39   GLU B OE1 1 
ATOM   755 O  OE2 . GLU B 1 41 ? 11.790  0.275   12.296  1.00 64.09 ? 39   GLU B OE2 1 
ATOM   756 N  N   . VAL B 1 42 ? 9.057   -3.288  10.448  1.00 41.05 ? 40   VAL B N   1 
ATOM   757 C  CA  . VAL B 1 42 ? 7.690   -3.428  9.954   1.00 38.42 ? 40   VAL B CA  1 
ATOM   758 C  C   . VAL B 1 42 ? 7.686   -4.476  8.851   1.00 35.75 ? 40   VAL B C   1 
ATOM   759 O  O   . VAL B 1 42 ? 8.297   -4.285  7.800   1.00 35.51 ? 40   VAL B O   1 
ATOM   760 C  CB  . VAL B 1 42 ? 7.147   -2.084  9.411   1.00 36.70 ? 40   VAL B CB  1 
ATOM   761 C  CG1 . VAL B 1 42 ? 5.813   -2.299  8.711   1.00 35.73 ? 40   VAL B CG1 1 
ATOM   762 C  CG2 . VAL B 1 42 ? 6.969   -1.105  10.558  1.00 33.91 ? 40   VAL B CG2 1 
ATOM   763 N  N   . SER B 1 43 ? 7.005   -5.589  9.099   1.00 36.49 ? 41   SER B N   1 
ATOM   764 C  CA  . SER B 1 43 ? 6.942   -6.671  8.122   1.00 38.89 ? 41   SER B CA  1 
ATOM   765 C  C   . SER B 1 43 ? 6.019   -6.359  6.945   1.00 35.24 ? 41   SER B C   1 
ATOM   766 O  O   . SER B 1 43 ? 4.974   -5.726  7.099   1.00 35.90 ? 41   SER B O   1 
ATOM   767 C  CB  . SER B 1 43 ? 6.489   -7.971  8.798   1.00 39.63 ? 41   SER B CB  1 
ATOM   768 O  OG  . SER B 1 43 ? 5.174   -7.853  9.319   1.00 44.97 ? 41   SER B OG  1 
ATOM   769 N  N   . VAL B 1 44 ? 6.437   -6.794  5.763   1.00 32.72 ? 42   VAL B N   1 
ATOM   770 C  CA  . VAL B 1 44 ? 5.670   -6.610  4.536   1.00 30.57 ? 42   VAL B CA  1 
ATOM   771 C  C   . VAL B 1 44 ? 5.512   -8.015  3.968   1.00 31.83 ? 42   VAL B C   1 
ATOM   772 O  O   . VAL B 1 44 ? 6.501   -8.681  3.657   1.00 29.98 ? 42   VAL B O   1 
ATOM   773 C  CB  . VAL B 1 44 ? 6.423   -5.702  3.539   1.00 31.60 ? 42   VAL B CB  1 
ATOM   774 C  CG1 . VAL B 1 44 ? 5.637   -5.576  2.236   1.00 31.88 ? 42   VAL B CG1 1 
ATOM   775 C  CG2 . VAL B 1 44 ? 6.632   -4.324  4.160   1.00 29.46 ? 42   VAL B CG2 1 
ATOM   776 N  N   . HIS B 1 45 ? 4.268   -8.468  3.853   1.00 27.96 ? 43   HIS B N   1 
ATOM   777 C  CA  . HIS B 1 45 ? 3.986   -9.820  3.371   1.00 30.77 ? 43   HIS B CA  1 
ATOM   778 C  C   . HIS B 1 45 ? 2.992   -9.890  2.231   1.00 29.80 ? 43   HIS B C   1 
ATOM   779 O  O   . HIS B 1 45 ? 2.093   -9.058  2.127   1.00 29.65 ? 43   HIS B O   1 
ATOM   780 C  CB  . HIS B 1 45 ? 3.394   -10.676 4.498   1.00 29.25 ? 43   HIS B CB  1 
ATOM   781 C  CG  . HIS B 1 45 ? 4.345   -10.993 5.606   1.00 34.35 ? 43   HIS B CG  1 
ATOM   782 N  ND1 . HIS B 1 45 ? 5.436   -11.820 5.438   1.00 41.55 ? 43   HIS B ND1 1 
ATOM   783 C  CD2 . HIS B 1 45 ? 4.345   -10.631 6.910   1.00 38.30 ? 43   HIS B CD2 1 
ATOM   784 C  CE1 . HIS B 1 45 ? 6.064   -11.955 6.592   1.00 43.82 ? 43   HIS B CE1 1 
ATOM   785 N  NE2 . HIS B 1 45 ? 5.423   -11.243 7.502   1.00 42.95 ? 43   HIS B NE2 1 
ATOM   786 N  N   . ARG B 1 46 ? 3.158   -10.897 1.384   1.00 28.60 ? 44   ARG B N   1 
ATOM   787 C  CA  . ARG B 1 46 ? 2.198   -11.148 0.314   1.00 30.08 ? 44   ARG B CA  1 
ATOM   788 C  C   . ARG B 1 46 ? 1.190   -11.956 1.121   1.00 29.11 ? 44   ARG B C   1 
ATOM   789 O  O   . ARG B 1 46 ? 1.565   -12.949 1.752   1.00 31.45 ? 44   ARG B O   1 
ATOM   790 C  CB  . ARG B 1 46 ? 2.798   -12.032 -0.779  1.00 28.84 ? 44   ARG B CB  1 
ATOM   791 C  CG  . ARG B 1 46 ? 3.849   -11.371 -1.642  1.00 29.70 ? 44   ARG B CG  1 
ATOM   792 C  CD  . ARG B 1 46 ? 4.435   -12.388 -2.612  1.00 33.79 ? 44   ARG B CD  1 
ATOM   793 N  NE  . ARG B 1 46 ? 5.413   -11.804 -3.527  1.00 39.88 ? 44   ARG B NE  1 
ATOM   794 C  CZ  . ARG B 1 46 ? 6.657   -11.480 -3.194  1.00 40.75 ? 44   ARG B CZ  1 
ATOM   795 N  NH1 . ARG B 1 46 ? 7.094   -11.678 -1.956  1.00 39.78 ? 44   ARG B NH1 1 
ATOM   796 N  NH2 . ARG B 1 46 ? 7.467   -10.964 -4.108  1.00 42.90 ? 44   ARG B NH2 1 
ATOM   797 N  N   . GLU B 1 47 ? -0.072  -11.545 1.131   1.00 25.73 ? 45   GLU B N   1 
ATOM   798 C  CA  . GLU B 1 47 ? -1.058  -12.262 1.926   1.00 26.70 ? 45   GLU B CA  1 
ATOM   799 C  C   . GLU B 1 47 ? -1.086  -13.784 1.755   1.00 23.92 ? 45   GLU B C   1 
ATOM   800 O  O   . GLU B 1 47 ? -1.118  -14.512 2.750   1.00 20.94 ? 45   GLU B O   1 
ATOM   801 C  CB  . GLU B 1 47 ? -2.466  -11.708 1.684   1.00 25.59 ? 45   GLU B CB  1 
ATOM   802 C  CG  . GLU B 1 47 ? -3.532  -12.459 2.468   1.00 29.33 ? 45   GLU B CG  1 
ATOM   803 C  CD  . GLU B 1 47 ? -4.891  -11.790 2.403   1.00 35.82 ? 45   GLU B CD  1 
ATOM   804 O  OE1 . GLU B 1 47 ? -5.018  -10.669 2.933   1.00 34.62 ? 45   GLU B OE1 1 
ATOM   805 O  OE2 . GLU B 1 47 ? -5.827  -12.382 1.823   1.00 37.67 ? 45   GLU B OE2 1 
ATOM   806 N  N   . GLU B 1 48 ? -1.083  -14.261 0.512   1.00 23.81 ? 46   GLU B N   1 
ATOM   807 C  CA  . GLU B 1 48 ? -1.138  -15.703 0.252   1.00 28.92 ? 46   GLU B CA  1 
ATOM   808 C  C   . GLU B 1 48 ? 0.096   -16.458 0.756   1.00 30.61 ? 46   GLU B C   1 
ATOM   809 O  O   . GLU B 1 48 ? 0.028   -17.664 1.012   1.00 28.67 ? 46   GLU B O   1 
ATOM   810 C  CB  . GLU B 1 48 ? -1.335  -15.988 -1.247  1.00 27.02 ? 46   GLU B CB  1 
ATOM   811 C  CG  . GLU B 1 48 ? -0.108  -15.748 -2.112  1.00 27.51 ? 46   GLU B CG  1 
ATOM   812 C  CD  . GLU B 1 48 ? 0.094   -14.282 -2.471  1.00 33.41 ? 46   GLU B CD  1 
ATOM   813 O  OE1 . GLU B 1 48 ? -0.580  -13.403 -1.876  1.00 29.42 ? 46   GLU B OE1 1 
ATOM   814 O  OE2 . GLU B 1 48 ? 0.935   -14.016 -3.353  1.00 33.44 ? 46   GLU B OE2 1 
ATOM   815 N  N   . ILE B 1 49 ? 1.221   -15.758 0.891   1.00 30.91 ? 47   ILE B N   1 
ATOM   816 C  CA  . ILE B 1 49 ? 2.442   -16.388 1.388   1.00 30.66 ? 47   ILE B CA  1 
ATOM   817 C  C   . ILE B 1 49 ? 2.394   -16.427 2.911   1.00 31.76 ? 47   ILE B C   1 
ATOM   818 O  O   . ILE B 1 49 ? 2.749   -17.433 3.528   1.00 32.01 ? 47   ILE B O   1 
ATOM   819 C  CB  . ILE B 1 49 ? 3.708   -15.617 0.931   1.00 32.83 ? 47   ILE B CB  1 
ATOM   820 C  CG1 . ILE B 1 49 ? 3.784   -15.599 -0.601  1.00 30.54 ? 47   ILE B CG1 1 
ATOM   821 C  CG2 . ILE B 1 49 ? 4.959   -16.253 1.531   1.00 28.82 ? 47   ILE B CG2 1 
ATOM   822 C  CD1 . ILE B 1 49 ? 3.808   -16.976 -1.243  1.00 29.66 ? 47   ILE B CD1 1 
ATOM   823 N  N   . TYR B 1 50 ? 1.944   -15.328 3.511   1.00 29.98 ? 48   TYR B N   1 
ATOM   824 C  CA  . TYR B 1 50 ? 1.834   -15.238 4.963   1.00 31.90 ? 48   TYR B CA  1 
ATOM   825 C  C   . TYR B 1 50 ? 0.854   -16.286 5.491   1.00 30.97 ? 48   TYR B C   1 
ATOM   826 O  O   . TYR B 1 50 ? 1.066   -16.867 6.557   1.00 29.35 ? 48   TYR B O   1 
ATOM   827 C  CB  . TYR B 1 50 ? 1.350   -13.846 5.381   1.00 36.13 ? 48   TYR B CB  1 
ATOM   828 C  CG  . TYR B 1 50 ? 1.199   -13.691 6.880   1.00 38.87 ? 48   TYR B CG  1 
ATOM   829 C  CD1 . TYR B 1 50 ? 2.307   -13.447 7.690   1.00 44.10 ? 48   TYR B CD1 1 
ATOM   830 C  CD2 . TYR B 1 50 ? -0.046  -13.830 7.491   1.00 40.84 ? 48   TYR B CD2 1 
ATOM   831 C  CE1 . TYR B 1 50 ? 2.181   -13.345 9.077   1.00 45.95 ? 48   TYR B CE1 1 
ATOM   832 C  CE2 . TYR B 1 50 ? -0.188  -13.731 8.873   1.00 46.21 ? 48   TYR B CE2 1 
ATOM   833 C  CZ  . TYR B 1 50 ? 0.931   -13.488 9.661   1.00 50.48 ? 48   TYR B CZ  1 
ATOM   834 O  OH  . TYR B 1 50 ? 0.796   -13.396 11.031  1.00 56.50 ? 48   TYR B OH  1 
ATOM   835 N  N   . GLN B 1 51 ? -0.225  -16.515 4.748   1.00 28.18 ? 49   GLN B N   1 
ATOM   836 C  CA  . GLN B 1 51 ? -1.224  -17.498 5.149   1.00 29.73 ? 49   GLN B CA  1 
ATOM   837 C  C   . GLN B 1 51 ? -0.639  -18.911 5.174   1.00 30.89 ? 49   GLN B C   1 
ATOM   838 O  O   . GLN B 1 51 ? -0.964  -19.710 6.053   1.00 31.82 ? 49   GLN B O   1 
ATOM   839 C  CB  . GLN B 1 51 ? -2.439  -17.418 4.219   1.00 31.57 ? 49   GLN B CB  1 
ATOM   840 C  CG  . GLN B 1 51 ? -3.392  -16.276 4.590   1.00 31.79 ? 49   GLN B CG  1 
ATOM   841 C  CD  . GLN B 1 51 ? -4.437  -15.979 3.525   1.00 35.66 ? 49   GLN B CD  1 
ATOM   842 O  OE1 . GLN B 1 51 ? -5.394  -15.244 3.773   1.00 42.61 ? 49   GLN B OE1 1 
ATOM   843 N  NE2 . GLN B 1 51 ? -4.250  -16.532 2.334   1.00 36.01 ? 49   GLN B NE2 1 
ATOM   844 N  N   . ARG B 1 52 ? 0.228   -19.220 4.218   1.00 30.73 ? 50   ARG B N   1 
ATOM   845 C  CA  . ARG B 1 52 ? 0.862   -20.537 4.186   1.00 32.17 ? 50   ARG B CA  1 
ATOM   846 C  C   . ARG B 1 52 ? 1.771   -20.688 5.406   1.00 34.46 ? 50   ARG B C   1 
ATOM   847 O  O   . ARG B 1 52 ? 1.769   -21.724 6.067   1.00 36.36 ? 50   ARG B O   1 
ATOM   848 C  CB  . ARG B 1 52 ? 1.686   -20.707 2.911   1.00 28.37 ? 50   ARG B CB  1 
ATOM   849 C  CG  . ARG B 1 52 ? 0.869   -20.927 1.651   1.00 24.66 ? 50   ARG B CG  1 
ATOM   850 C  CD  . ARG B 1 52 ? 1.810   -21.086 0.475   1.00 27.59 ? 50   ARG B CD  1 
ATOM   851 N  NE  . ARG B 1 52 ? 1.151   -21.540 -0.749  1.00 27.59 ? 50   ARG B NE  1 
ATOM   852 C  CZ  . ARG B 1 52 ? 0.438   -20.769 -1.560  1.00 29.70 ? 50   ARG B CZ  1 
ATOM   853 N  NH1 . ARG B 1 52 ? 0.273   -19.476 -1.291  1.00 29.02 ? 50   ARG B NH1 1 
ATOM   854 N  NH2 . ARG B 1 52 ? -0.087  -21.290 -2.660  1.00 26.81 ? 50   ARG B NH2 1 
ATOM   855 N  N   . ILE B 1 53 ? 2.547   -19.648 5.698   1.00 33.39 ? 51   ILE B N   1 
ATOM   856 C  CA  . ILE B 1 53 ? 3.449   -19.666 6.844   1.00 35.20 ? 51   ILE B CA  1 
ATOM   857 C  C   . ILE B 1 53 ? 2.650   -19.916 8.125   1.00 39.91 ? 51   ILE B C   1 
ATOM   858 O  O   . ILE B 1 53 ? 3.029   -20.743 8.958   1.00 40.44 ? 51   ILE B O   1 
ATOM   859 C  CB  . ILE B 1 53 ? 4.228   -18.323 6.954   1.00 35.17 ? 51   ILE B CB  1 
ATOM   860 C  CG1 . ILE B 1 53 ? 5.235   -18.213 5.798   1.00 33.74 ? 51   ILE B CG1 1 
ATOM   861 C  CG2 . ILE B 1 53 ? 4.928   -18.222 8.309   1.00 34.03 ? 51   ILE B CG2 1 
ATOM   862 C  CD1 . ILE B 1 53 ? 5.889   -16.842 5.653   1.00 30.30 ? 51   ILE B CD1 1 
ATOM   863 N  N   . GLN B 1 54 ? 1.538   -19.203 8.270   1.00 43.15 ? 52   GLN B N   1 
ATOM   864 C  CA  . GLN B 1 54 ? 0.673   -19.347 9.434   1.00 46.24 ? 52   GLN B CA  1 
ATOM   865 C  C   . GLN B 1 54 ? 0.150   -20.773 9.554   1.00 48.16 ? 52   GLN B C   1 
ATOM   866 O  O   . GLN B 1 54 ? 0.084   -21.330 10.651  1.00 45.85 ? 52   GLN B O   1 
ATOM   867 C  CB  . GLN B 1 54 ? -0.518  -18.395 9.328   1.00 50.11 ? 52   GLN B CB  1 
ATOM   868 C  CG  . GLN B 1 54 ? -0.205  -16.933 9.598   1.00 54.52 ? 52   GLN B CG  1 
ATOM   869 C  CD  . GLN B 1 54 ? 0.258   -16.692 11.024  1.00 58.39 ? 52   GLN B CD  1 
ATOM   870 O  OE1 . GLN B 1 54 ? 1.410   -16.954 11.370  1.00 58.53 ? 52   GLN B OE1 1 
ATOM   871 N  NE2 . GLN B 1 54 ? -0.646  -16.199 11.864  1.00 60.37 ? 52   GLN B NE2 1 
ATOM   872 N  N   . ALA B 1 55 ? -0.227  -21.352 8.417   1.00 47.64 ? 53   ALA B N   1 
ATOM   873 C  CA  . ALA B 1 55 ? -0.762  -22.709 8.376   1.00 50.30 ? 53   ALA B CA  1 
ATOM   874 C  C   . ALA B 1 55 ? 0.257   -23.747 8.828   1.00 51.83 ? 53   ALA B C   1 
ATOM   875 O  O   . ALA B 1 55 ? -0.095  -24.707 9.515   1.00 55.66 ? 53   ALA B O   1 
ATOM   876 C  CB  . ALA B 1 55 ? -1.257  -23.036 6.967   1.00 44.91 ? 53   ALA B CB  1 
ATOM   877 N  N   . GLU B 1 56 ? 1.516   -23.564 8.445   1.00 54.62 ? 54   GLU B N   1 
ATOM   878 C  CA  . GLU B 1 56 ? 2.547   -24.510 8.839   1.00 60.02 ? 54   GLU B CA  1 
ATOM   879 C  C   . GLU B 1 56 ? 3.038   -24.162 10.238  1.00 64.18 ? 54   GLU B C   1 
ATOM   880 O  O   . GLU B 1 56 ? 4.168   -24.478 10.615  1.00 65.69 ? 54   GLU B O   1 
ATOM   881 C  CB  . GLU B 1 56 ? 3.703   -24.489 7.833   1.00 60.25 ? 54   GLU B CB  1 
ATOM   882 C  CG  . GLU B 1 56 ? 4.318   -23.127 7.600   1.00 65.22 ? 54   GLU B CG  1 
ATOM   883 C  CD  . GLU B 1 56 ? 5.391   -23.156 6.527   1.00 66.62 ? 54   GLU B CD  1 
ATOM   884 O  OE1 . GLU B 1 56 ? 5.078   -23.561 5.385   1.00 64.49 ? 54   GLU B OE1 1 
ATOM   885 O  OE2 . GLU B 1 56 ? 6.542   -22.767 6.824   1.00 64.44 ? 54   GLU B OE2 1 
ATOM   886 N  N   . LYS B 1 57 ? 2.169   -23.507 11.003  1.00 68.93 ? 55   LYS B N   1 
ATOM   887 C  CA  . LYS B 1 57 ? 2.475   -23.105 12.367  1.00 72.14 ? 55   LYS B CA  1 
ATOM   888 C  C   . LYS B 1 57 ? 3.759   -22.285 12.426  1.00 72.30 ? 55   LYS B C   1 
ATOM   889 O  O   . LYS B 1 57 ? 4.793   -22.830 12.864  1.00 73.66 ? 55   LYS B O   1 
ATOM   890 C  CB  . LYS B 1 57 ? 2.595   -24.339 13.272  1.00 74.84 ? 55   LYS B CB  1 
ATOM   891 C  CG  . LYS B 1 57 ? 2.734   -24.016 14.751  1.00 77.19 ? 55   LYS B CG  1 
ATOM   892 C  CD  . LYS B 1 57 ? 2.850   -25.280 15.587  1.00 78.08 ? 55   LYS B CD  1 
ATOM   893 C  CE  . LYS B 1 57 ? 2.936   -24.952 17.066  1.00 79.50 ? 55   LYS B CE  1 
ATOM   894 N  NZ  . LYS B 1 57 ? 3.037   -26.183 17.900  1.00 80.98 ? 55   LYS B NZ  1 
ATOM   895 N  N   . SER B 1 58 ? 3.725   -21.105 12.019  1.00 73.11 ? 56   SER B N   1 
HETATM 896 S  S   . SO4 C 2 .  ? -7.039  11.616  1.188   1.00 31.44 ? 1058 SO4 A S   1 
HETATM 897 O  O1  . SO4 C 2 .  ? -6.816  12.178  2.536   1.00 30.67 ? 1058 SO4 A O1  1 
HETATM 898 O  O2  . SO4 C 2 .  ? -7.655  10.279  1.316   1.00 33.05 ? 1058 SO4 A O2  1 
HETATM 899 O  O3  . SO4 C 2 .  ? -7.936  12.502  0.421   1.00 26.28 ? 1058 SO4 A O3  1 
HETATM 900 O  O4  . SO4 C 2 .  ? -5.754  11.489  0.480   1.00 29.86 ? 1058 SO4 A O4  1 
HETATM 901 C  C   . ACT D 3 .  ? 7.786   -10.283 -7.760  1.00 51.47 ? 1059 ACT A C   1 
HETATM 902 O  O   . ACT D 3 .  ? 8.982   -9.762  -7.666  1.00 53.71 ? 1059 ACT A O   1 
HETATM 903 O  OXT . ACT D 3 .  ? 6.914   -10.320 -6.836  1.00 51.30 ? 1059 ACT A OXT 1 
HETATM 904 C  CH3 . ACT D 3 .  ? 7.309   -10.914 -9.027  1.00 52.59 ? 1059 ACT A CH3 1 
HETATM 905 O  O   . HOH E 4 .  ? 11.150  -1.344  2.959   1.00 44.21 ? 2001 HOH A O   1 
HETATM 906 O  O   . HOH E 4 .  ? -8.721  -12.478 -4.563  1.00 42.56 ? 2002 HOH A O   1 
HETATM 907 O  O   . HOH E 4 .  ? -6.710  -10.519 -1.650  1.00 28.55 ? 2003 HOH A O   1 
HETATM 908 O  O   . HOH E 4 .  ? 0.057   -2.613  10.696  1.00 44.37 ? 2004 HOH A O   1 
HETATM 909 O  O   . HOH E 4 .  ? 2.710   -7.843  7.595   1.00 36.78 ? 2005 HOH A O   1 
HETATM 910 O  O   . HOH E 4 .  ? -1.603  -6.789  8.076   1.00 36.56 ? 2006 HOH A O   1 
HETATM 911 O  O   . HOH E 4 .  ? -7.089  -4.204  1.813   1.00 25.71 ? 2007 HOH A O   1 
HETATM 912 O  O   . HOH E 4 .  ? -11.005 -5.569  -11.408 1.00 47.29 ? 2008 HOH A O   1 
HETATM 913 O  O   . HOH E 4 .  ? -8.877  1.716   -12.266 1.00 41.38 ? 2009 HOH A O   1 
HETATM 914 O  O   . HOH E 4 .  ? -9.236  -4.728  -13.310 1.00 37.78 ? 2010 HOH A O   1 
HETATM 915 O  O   . HOH E 4 .  ? -15.173 2.744   -5.816  1.00 44.49 ? 2011 HOH A O   1 
HETATM 916 O  O   . HOH E 4 .  ? -11.982 4.364   -6.700  1.00 48.41 ? 2012 HOH A O   1 
HETATM 917 O  O   . HOH E 4 .  ? -1.035  7.545   11.640  1.00 40.40 ? 2013 HOH A O   1 
HETATM 918 O  O   . HOH E 4 .  ? -0.564  9.050   6.427   1.00 27.17 ? 2014 HOH A O   1 
HETATM 919 O  O   . HOH E 4 .  ? -6.609  8.787   7.386   1.00 46.79 ? 2015 HOH A O   1 
HETATM 920 O  O   . HOH E 4 .  ? -7.967  9.440   3.974   1.00 34.79 ? 2016 HOH A O   1 
HETATM 921 O  O   . HOH E 4 .  ? 2.364   10.677  -5.534  1.00 32.39 ? 2017 HOH A O   1 
HETATM 922 O  O   . HOH E 4 .  ? 1.234   13.230  9.513   1.00 32.81 ? 2018 HOH A O   1 
HETATM 923 O  O   . HOH E 4 .  ? -8.580  11.969  5.021   1.00 42.76 ? 2019 HOH A O   1 
HETATM 924 O  O   . HOH F 4 .  ? -8.029  3.088   5.773   1.00 33.02 ? 2001 HOH B O   1 
HETATM 925 O  O   . HOH F 4 .  ? -13.375 6.429   2.526   1.00 40.11 ? 2002 HOH B O   1 
HETATM 926 O  O   . HOH F 4 .  ? -13.251 4.328   0.540   1.00 33.56 ? 2003 HOH B O   1 
HETATM 927 O  O   . HOH F 4 .  ? -8.405  8.560   -5.680  1.00 35.61 ? 2004 HOH B O   1 
HETATM 928 O  O   . HOH F 4 .  ? -6.178  10.046  -7.097  1.00 39.81 ? 2005 HOH B O   1 
HETATM 929 O  O   . HOH F 4 .  ? -4.848  9.123   -9.788  1.00 47.73 ? 2006 HOH B O   1 
HETATM 930 O  O   . HOH F 4 .  ? 5.439   9.372   -5.947  1.00 33.47 ? 2007 HOH B O   1 
HETATM 931 O  O   . HOH F 4 .  ? 3.690   4.466   9.268   1.00 38.06 ? 2008 HOH B O   1 
HETATM 932 O  O   . HOH F 4 .  ? 4.054   7.884   5.411   1.00 38.90 ? 2009 HOH B O   1 
HETATM 933 O  O   . HOH F 4 .  ? 6.167   9.145   5.080   1.00 49.86 ? 2010 HOH B O   1 
HETATM 934 O  O   . HOH F 4 .  ? 9.033   1.681   13.410  1.00 50.82 ? 2011 HOH B O   1 
HETATM 935 O  O   . HOH F 4 .  ? 7.148   3.900   -1.717  1.00 33.85 ? 2012 HOH B O   1 
HETATM 936 O  O   . HOH F 4 .  ? 6.730   2.157   -15.194 1.00 41.52 ? 2013 HOH B O   1 
HETATM 937 O  O   . HOH F 4 .  ? 3.895   0.809   -16.711 1.00 47.37 ? 2014 HOH B O   1 
HETATM 938 O  O   . HOH F 4 .  ? -1.669  -10.278 -17.179 1.00 49.22 ? 2015 HOH B O   1 
HETATM 939 O  O   . HOH F 4 .  ? 15.037  1.474   8.632   1.00 51.88 ? 2016 HOH B O   1 
HETATM 940 O  O   . HOH F 4 .  ? 10.382  -3.465  5.959   1.00 47.76 ? 2017 HOH B O   1 
HETATM 941 O  O   . HOH F 4 .  ? 5.350   -5.462  12.006  1.00 42.10 ? 2018 HOH B O   1 
HETATM 942 O  O   . HOH F 4 .  ? 6.638   -11.419 9.896   1.00 49.65 ? 2019 HOH B O   1 
HETATM 943 O  O   . HOH F 4 .  ? 4.294   -11.475 -6.072  1.00 50.16 ? 2020 HOH B O   1 
HETATM 944 O  O   . HOH F 4 .  ? 2.628   -15.905 -4.444  1.00 42.43 ? 2021 HOH B O   1 
HETATM 945 O  O   . HOH F 4 .  ? -2.990  -11.956 -2.009  1.00 35.10 ? 2022 HOH B O   1 
HETATM 946 O  O   . HOH F 4 .  ? -5.898  -15.248 6.671   1.00 48.51 ? 2023 HOH B O   1 
HETATM 947 O  O   . HOH F 4 .  ? -3.489  -19.713 7.436   1.00 44.08 ? 2024 HOH B O   1 
HETATM 948 O  O   . HOH F 4 .  ? -8.007  -14.671 2.551   1.00 38.72 ? 2025 HOH B O   1 
# 
